data_1I3R
#
_entry.id   1I3R
#
_cell.length_a   117.059
_cell.length_b   58.020
_cell.length_c   143.222
_cell.angle_alpha   90.00
_cell.angle_beta   93.24
_cell.angle_gamma   90.00
#
_symmetry.space_group_name_H-M   'P 1 21 1'
#
loop_
_entity.id
_entity.type
_entity.pdbx_description
1 polymer 'H-2 CLASS II HISTOCOMPATIBILITY ANTIGEN, E-K ALPHA CHAIN'
2 polymer 'FUSION PROTEIN CONSISTING OF MHC E-BETA-K PRECURSOR, GLYCINE RICH LINKER, AND HEMOGLOBIN BETA-2 CHAIN'
3 branched 2-acetamido-2-deoxy-beta-D-glucopyranose-(1-4)-2-acetamido-2-deoxy-beta-D-glucopyranose
4 non-polymer 2-acetamido-2-deoxy-beta-D-glucopyranose
5 water water
#
loop_
_entity_poly.entity_id
_entity_poly.type
_entity_poly.pdbx_seq_one_letter_code
_entity_poly.pdbx_strand_id
1 'polypeptide(L)'
;IKEEHTIIQAQFYLLPDKRGEFMFDFDGDEIFHVDIEKSETIWRLEEFAKFASFEAQGALANIAVNKANLDVMKERSNNT
PDANVAPEVTVLSRSPVNLGEPNILICFIDKFSPPVVNVTWLRNGRPVTEGVSETVFLPRDDHLFRKFHYLTFLPSTDDF
YDCEVDHWGLEEPLRKHWEFEEKTLLPETKEN
;
A,C,E,G
2 'polypeptide(L)'
;RDSRGKKVITAFNEGLKGGGGSLVGGGSGGGGSRPWFLEYCKSECHFYNGTQRVRLLVRYFYNLEENLRFDSDVGEFRAV
TELGRPDAENWNSQPEFLEQKRAEVDTVCRHNYEIFDNFLVPRRVEPTVTVYPTKTQPLEHHNLLVCSVSDFYPGNIEVR
WFRNGKEEKTGIVSTGLVRNGDWTFQTLVMLETVPQSGEVYTCQVEHPSLTDPVTVEWKAQSTSAQNK
;
B,D,F,H
#
loop_
_chem_comp.id
_chem_comp.type
_chem_comp.name
_chem_comp.formula
NAG D-saccharide, beta linking 2-acetamido-2-deoxy-beta-D-glucopyranose 'C8 H15 N O6'
#
# COMPACT_ATOMS: atom_id res chain seq x y z
N ILE A 1 -30.86 -1.72 6.99
CA ILE A 1 -31.82 -2.76 6.49
C ILE A 1 -32.91 -2.10 5.65
N LYS A 2 -32.58 -0.94 5.07
CA LYS A 2 -33.54 -0.21 4.25
C LYS A 2 -34.23 -1.25 3.36
N GLU A 3 -35.55 -1.13 3.21
CA GLU A 3 -36.26 -2.08 2.36
C GLU A 3 -35.73 -2.00 0.93
N GLU A 4 -34.65 -2.72 0.64
CA GLU A 4 -34.06 -2.72 -0.71
C GLU A 4 -34.42 -4.02 -1.41
N HIS A 5 -35.06 -3.92 -2.56
CA HIS A 5 -35.45 -5.11 -3.29
C HIS A 5 -35.32 -4.98 -4.79
N THR A 6 -35.32 -6.12 -5.47
CA THR A 6 -35.24 -6.12 -6.91
C THR A 6 -36.33 -7.04 -7.45
N ILE A 7 -36.96 -6.61 -8.53
CA ILE A 7 -38.01 -7.40 -9.16
C ILE A 7 -37.59 -7.43 -10.62
N ILE A 8 -37.52 -8.61 -11.21
CA ILE A 8 -37.11 -8.69 -12.61
C ILE A 8 -38.03 -9.52 -13.47
N GLN A 9 -38.30 -9.02 -14.68
CA GLN A 9 -39.10 -9.75 -15.65
C GLN A 9 -38.06 -10.21 -16.65
N ALA A 10 -37.88 -11.52 -16.79
CA ALA A 10 -36.88 -12.05 -17.72
C ALA A 10 -37.54 -12.94 -18.78
N GLN A 11 -37.22 -12.67 -20.04
CA GLN A 11 -37.84 -13.42 -21.13
C GLN A 11 -36.89 -13.58 -22.31
N PHE A 12 -37.11 -14.64 -23.09
CA PHE A 12 -36.28 -14.88 -24.24
C PHE A 12 -36.92 -15.89 -25.18
N TYR A 13 -36.32 -15.98 -26.36
CA TYR A 13 -36.74 -16.94 -27.37
C TYR A 13 -35.43 -17.40 -27.96
N LEU A 14 -35.24 -18.72 -28.05
CA LEU A 14 -34.01 -19.29 -28.54
C LEU A 14 -34.15 -20.20 -29.75
N LEU A 15 -33.25 -20.02 -30.73
CA LEU A 15 -33.21 -20.82 -31.93
C LEU A 15 -31.90 -21.56 -31.91
N PRO A 16 -31.82 -22.70 -32.63
CA PRO A 16 -32.91 -23.28 -33.42
C PRO A 16 -33.93 -24.11 -32.62
N ASP A 17 -33.74 -24.20 -31.30
CA ASP A 17 -34.64 -24.99 -30.46
C ASP A 17 -36.09 -24.52 -30.43
N LYS A 18 -36.34 -23.27 -30.78
CA LYS A 18 -37.69 -22.72 -30.74
C LYS A 18 -38.27 -22.80 -29.32
N ARG A 19 -37.44 -22.49 -28.32
CA ARG A 19 -37.88 -22.51 -26.94
C ARG A 19 -38.09 -21.08 -26.48
N GLY A 20 -39.11 -20.86 -25.66
CA GLY A 20 -39.38 -19.52 -25.17
C GLY A 20 -39.75 -19.53 -23.70
N GLU A 21 -39.31 -18.52 -22.95
CA GLU A 21 -39.63 -18.44 -21.53
C GLU A 21 -39.90 -17.04 -21.04
N PHE A 22 -40.73 -16.94 -20.00
CA PHE A 22 -41.08 -15.67 -19.38
C PHE A 22 -41.22 -15.90 -17.87
N MET A 23 -40.50 -15.12 -17.07
CA MET A 23 -40.56 -15.29 -15.63
C MET A 23 -40.37 -14.00 -14.85
N PHE A 24 -40.74 -14.05 -13.58
CA PHE A 24 -40.58 -12.93 -12.68
C PHE A 24 -39.66 -13.38 -11.57
N ASP A 25 -38.79 -12.48 -11.16
CA ASP A 25 -37.81 -12.78 -10.13
C ASP A 25 -37.87 -11.72 -9.04
N PHE A 26 -37.82 -12.16 -7.80
CA PHE A 26 -37.84 -11.24 -6.67
C PHE A 26 -36.58 -11.56 -5.86
N ASP A 27 -35.68 -10.59 -5.77
CA ASP A 27 -34.44 -10.75 -5.01
C ASP A 27 -33.67 -12.03 -5.35
N GLY A 28 -33.75 -12.48 -6.60
CA GLY A 28 -32.99 -13.67 -6.97
C GLY A 28 -33.79 -14.95 -7.04
N ASP A 29 -35.02 -14.93 -6.55
CA ASP A 29 -35.86 -16.12 -6.59
C ASP A 29 -37.02 -15.93 -7.55
N GLU A 30 -37.44 -17.01 -8.18
CA GLU A 30 -38.55 -16.96 -9.12
C GLU A 30 -39.90 -16.90 -8.40
N ILE A 31 -40.75 -15.99 -8.85
CA ILE A 31 -42.08 -15.84 -8.31
C ILE A 31 -42.97 -16.81 -9.09
N PHE A 32 -42.83 -16.78 -10.40
CA PHE A 32 -43.60 -17.63 -11.30
C PHE A 32 -43.00 -17.54 -12.69
N HIS A 33 -43.52 -18.35 -13.60
CA HIS A 33 -43.06 -18.32 -14.98
C HIS A 33 -44.22 -18.82 -15.80
N VAL A 34 -44.16 -18.57 -17.09
CA VAL A 34 -45.22 -19.03 -17.95
C VAL A 34 -44.69 -20.05 -18.94
N ASP A 35 -45.40 -21.17 -19.02
CA ASP A 35 -45.06 -22.27 -19.92
C ASP A 35 -45.55 -21.80 -21.29
N ILE A 36 -44.61 -21.52 -22.19
CA ILE A 36 -44.98 -21.05 -23.51
C ILE A 36 -45.77 -22.01 -24.38
N GLU A 37 -45.73 -23.29 -24.04
CA GLU A 37 -46.48 -24.29 -24.81
C GLU A 37 -47.83 -24.55 -24.17
N LYS A 38 -47.92 -24.36 -22.85
CA LYS A 38 -49.16 -24.60 -22.10
C LYS A 38 -50.01 -23.36 -21.83
N SER A 39 -49.44 -22.17 -21.98
CA SER A 39 -50.17 -20.94 -21.72
C SER A 39 -50.75 -20.97 -20.30
N GLU A 40 -49.89 -21.30 -19.33
CA GLU A 40 -50.30 -21.37 -17.95
C GLU A 40 -49.30 -20.70 -17.02
N THR A 41 -49.81 -20.00 -16.01
CA THR A 41 -48.96 -19.35 -15.03
C THR A 41 -48.66 -20.38 -13.96
N ILE A 42 -47.38 -20.71 -13.77
CA ILE A 42 -46.96 -21.68 -12.77
C ILE A 42 -46.25 -20.90 -11.65
N TRP A 43 -46.75 -21.03 -10.41
CA TRP A 43 -46.13 -20.30 -9.31
C TRP A 43 -45.05 -21.13 -8.64
N ARG A 44 -43.92 -20.50 -8.33
CA ARG A 44 -42.83 -21.21 -7.70
C ARG A 44 -43.29 -21.89 -6.42
N LEU A 45 -44.23 -21.25 -5.72
CA LEU A 45 -44.79 -21.80 -4.49
C LEU A 45 -46.29 -21.69 -4.62
N GLU A 46 -46.98 -22.80 -4.38
CA GLU A 46 -48.43 -22.87 -4.49
C GLU A 46 -49.13 -21.71 -3.77
N GLU A 47 -48.67 -21.40 -2.56
CA GLU A 47 -49.28 -20.33 -1.79
C GLU A 47 -49.26 -18.97 -2.44
N PHE A 48 -48.24 -18.68 -3.23
CA PHE A 48 -48.17 -17.39 -3.90
C PHE A 48 -49.48 -17.07 -4.61
N ALA A 49 -50.10 -18.10 -5.18
CA ALA A 49 -51.33 -17.93 -5.94
C ALA A 49 -52.50 -17.25 -5.26
N LYS A 50 -52.63 -17.38 -3.94
CA LYS A 50 -53.76 -16.74 -3.27
C LYS A 50 -53.53 -15.25 -3.04
N PHE A 51 -52.33 -14.78 -3.32
CA PHE A 51 -52.01 -13.37 -3.13
C PHE A 51 -51.91 -12.56 -4.42
N ALA A 52 -51.86 -13.25 -5.56
CA ALA A 52 -51.75 -12.55 -6.84
C ALA A 52 -52.20 -13.39 -8.05
N SER A 53 -52.34 -12.73 -9.19
CA SER A 53 -52.75 -13.40 -10.42
C SER A 53 -52.00 -12.78 -11.60
N PHE A 54 -51.83 -13.56 -12.66
CA PHE A 54 -51.14 -13.06 -13.86
C PHE A 54 -51.69 -13.75 -15.09
N GLU A 55 -52.22 -12.96 -16.03
CA GLU A 55 -52.75 -13.51 -17.26
C GLU A 55 -51.63 -14.05 -18.15
N ALA A 56 -51.62 -15.36 -18.33
CA ALA A 56 -50.62 -16.04 -19.14
C ALA A 56 -50.49 -15.44 -20.54
N GLN A 57 -51.60 -15.02 -21.11
CA GLN A 57 -51.60 -14.43 -22.46
C GLN A 57 -50.67 -13.23 -22.59
N GLY A 58 -50.45 -12.50 -21.51
CA GLY A 58 -49.56 -11.36 -21.56
C GLY A 58 -48.13 -11.79 -21.81
N ALA A 59 -47.78 -12.96 -21.30
CA ALA A 59 -46.43 -13.49 -21.48
C ALA A 59 -46.28 -14.09 -22.88
N LEU A 60 -47.32 -14.75 -23.37
CA LEU A 60 -47.25 -15.36 -24.69
C LEU A 60 -47.12 -14.28 -25.72
N ALA A 61 -47.79 -13.15 -25.50
CA ALA A 61 -47.73 -12.04 -26.44
C ALA A 61 -46.32 -11.46 -26.42
N ASN A 62 -45.72 -11.43 -25.24
CA ASN A 62 -44.36 -10.91 -25.11
C ASN A 62 -43.34 -11.82 -25.80
N ILE A 63 -43.48 -13.12 -25.62
CA ILE A 63 -42.60 -14.09 -26.26
C ILE A 63 -42.72 -13.92 -27.78
N ALA A 64 -43.94 -13.70 -28.27
CA ALA A 64 -44.16 -13.53 -29.70
C ALA A 64 -43.32 -12.37 -30.22
N VAL A 65 -43.24 -11.31 -29.44
CA VAL A 65 -42.44 -10.14 -29.82
C VAL A 65 -40.96 -10.53 -29.84
N ASN A 66 -40.51 -11.27 -28.82
CA ASN A 66 -39.10 -11.66 -28.79
C ASN A 66 -38.78 -12.54 -29.98
N LYS A 67 -39.78 -13.29 -30.41
CA LYS A 67 -39.63 -14.21 -31.53
C LYS A 67 -39.42 -13.43 -32.82
N ALA A 68 -40.19 -12.38 -33.03
CA ALA A 68 -40.02 -11.57 -34.24
C ALA A 68 -38.72 -10.77 -34.14
N ASN A 69 -38.45 -10.21 -32.97
CA ASN A 69 -37.23 -9.44 -32.80
C ASN A 69 -35.99 -10.31 -33.04
N LEU A 70 -36.06 -11.60 -32.71
CA LEU A 70 -34.91 -12.48 -32.92
C LEU A 70 -34.49 -12.57 -34.39
N ASP A 71 -35.45 -12.78 -35.30
CA ASP A 71 -35.10 -12.87 -36.71
C ASP A 71 -34.44 -11.57 -37.15
N VAL A 72 -35.01 -10.45 -36.74
CA VAL A 72 -34.45 -9.16 -37.09
C VAL A 72 -33.01 -9.06 -36.58
N MET A 73 -32.76 -9.56 -35.37
CA MET A 73 -31.40 -9.54 -34.83
C MET A 73 -30.49 -10.49 -35.59
N LYS A 74 -31.03 -11.60 -36.09
CA LYS A 74 -30.21 -12.55 -36.85
C LYS A 74 -29.73 -11.89 -38.14
N GLU A 75 -30.64 -11.23 -38.83
CA GLU A 75 -30.32 -10.52 -40.06
C GLU A 75 -29.30 -9.43 -39.73
N ARG A 76 -29.66 -8.60 -38.75
CA ARG A 76 -28.81 -7.48 -38.33
C ARG A 76 -27.36 -7.86 -38.06
N SER A 77 -27.13 -9.11 -37.66
CA SER A 77 -25.76 -9.58 -37.39
C SER A 77 -25.27 -10.59 -38.42
N ASN A 78 -25.97 -10.69 -39.55
CA ASN A 78 -25.62 -11.62 -40.61
C ASN A 78 -25.47 -13.06 -40.10
N ASN A 79 -26.38 -13.45 -39.21
CA ASN A 79 -26.39 -14.80 -38.63
C ASN A 79 -25.05 -15.24 -38.03
N THR A 80 -24.31 -14.30 -37.45
CA THR A 80 -23.04 -14.68 -36.85
C THR A 80 -23.38 -15.28 -35.49
N PRO A 81 -22.72 -16.38 -35.13
CA PRO A 81 -23.00 -17.01 -33.84
C PRO A 81 -21.87 -16.80 -32.82
N ASP A 82 -22.20 -16.91 -31.53
CA ASP A 82 -21.20 -16.79 -30.49
C ASP A 82 -20.99 -18.17 -29.90
N ALA A 83 -19.88 -18.36 -29.20
CA ALA A 83 -19.60 -19.66 -28.60
C ALA A 83 -20.61 -20.03 -27.52
N ASN A 84 -20.63 -21.31 -27.19
CA ASN A 84 -21.51 -21.85 -26.17
C ASN A 84 -20.70 -21.77 -24.87
N VAL A 85 -21.29 -21.22 -23.82
CA VAL A 85 -20.58 -21.12 -22.53
C VAL A 85 -21.07 -22.24 -21.60
N ALA A 86 -20.16 -23.15 -21.30
CA ALA A 86 -20.46 -24.30 -20.45
C ALA A 86 -20.80 -23.88 -19.02
N PRO A 87 -21.60 -24.71 -18.33
CA PRO A 87 -22.01 -24.44 -16.95
C PRO A 87 -21.07 -24.93 -15.87
N GLU A 88 -21.25 -24.37 -14.68
CA GLU A 88 -20.49 -24.75 -13.49
C GLU A 88 -21.52 -25.59 -12.70
N VAL A 89 -21.12 -26.76 -12.22
CA VAL A 89 -22.07 -27.61 -11.48
C VAL A 89 -21.67 -27.93 -10.06
N THR A 90 -22.65 -27.86 -9.16
CA THR A 90 -22.43 -28.13 -7.75
C THR A 90 -23.60 -28.94 -7.23
N VAL A 91 -23.31 -30.02 -6.51
CA VAL A 91 -24.36 -30.85 -5.94
C VAL A 91 -24.28 -30.70 -4.43
N LEU A 92 -25.43 -30.49 -3.80
CA LEU A 92 -25.47 -30.34 -2.35
C LEU A 92 -26.86 -30.68 -1.83
N SER A 93 -26.96 -30.83 -0.51
CA SER A 93 -28.23 -31.15 0.13
C SER A 93 -28.92 -29.85 0.52
N ARG A 94 -30.24 -29.84 0.47
CA ARG A 94 -31.01 -28.66 0.82
C ARG A 94 -30.79 -28.33 2.30
N SER A 95 -30.70 -29.36 3.14
CA SER A 95 -30.49 -29.13 4.56
C SER A 95 -29.60 -30.21 5.16
N PRO A 96 -29.12 -30.00 6.40
CA PRO A 96 -28.26 -31.00 7.04
C PRO A 96 -28.87 -32.39 6.92
N VAL A 97 -28.04 -33.36 6.54
CA VAL A 97 -28.51 -34.73 6.38
C VAL A 97 -28.47 -35.62 7.64
N ASN A 98 -29.52 -36.41 7.81
CA ASN A 98 -29.64 -37.34 8.92
C ASN A 98 -30.18 -38.66 8.37
N LEU A 99 -29.53 -39.76 8.71
CA LEU A 99 -29.98 -41.07 8.24
C LEU A 99 -31.46 -41.31 8.49
N GLY A 100 -32.18 -41.73 7.46
CA GLY A 100 -33.59 -42.02 7.60
C GLY A 100 -34.57 -40.87 7.65
N GLU A 101 -34.08 -39.65 7.46
CA GLU A 101 -34.91 -38.44 7.49
C GLU A 101 -34.98 -37.87 6.06
N PRO A 102 -36.19 -37.77 5.49
CA PRO A 102 -36.38 -37.24 4.12
C PRO A 102 -35.62 -35.95 3.90
N ASN A 103 -35.01 -35.83 2.73
CA ASN A 103 -34.23 -34.65 2.41
C ASN A 103 -34.31 -34.37 0.91
N ILE A 104 -33.44 -33.48 0.43
CA ILE A 104 -33.44 -33.12 -0.98
C ILE A 104 -32.05 -32.82 -1.51
N LEU A 105 -31.75 -33.32 -2.70
CA LEU A 105 -30.46 -33.07 -3.32
C LEU A 105 -30.63 -31.96 -4.33
N ILE A 106 -29.76 -30.95 -4.24
CA ILE A 106 -29.81 -29.80 -5.12
C ILE A 106 -28.68 -29.82 -6.14
N CYS A 107 -29.04 -29.79 -7.42
CA CYS A 107 -28.04 -29.72 -8.46
C CYS A 107 -28.08 -28.30 -8.99
N PHE A 108 -27.10 -27.50 -8.59
CA PHE A 108 -27.03 -26.10 -9.02
C PHE A 108 -26.15 -25.93 -10.26
N ILE A 109 -26.79 -25.59 -11.38
CA ILE A 109 -26.11 -25.39 -12.66
C ILE A 109 -26.00 -23.89 -12.91
N ASP A 110 -24.78 -23.38 -12.92
CA ASP A 110 -24.60 -21.95 -13.04
C ASP A 110 -23.70 -21.42 -14.17
N LYS A 111 -23.90 -20.15 -14.50
CA LYS A 111 -23.12 -19.44 -15.52
C LYS A 111 -23.04 -20.10 -16.88
N PHE A 112 -24.16 -20.29 -17.56
CA PHE A 112 -24.10 -20.91 -18.87
C PHE A 112 -25.04 -20.26 -19.86
N SER A 113 -24.81 -20.55 -21.15
CA SER A 113 -25.63 -20.05 -22.26
C SER A 113 -25.18 -20.78 -23.52
N PRO A 114 -26.10 -21.08 -24.45
CA PRO A 114 -27.53 -20.77 -24.45
C PRO A 114 -28.25 -21.47 -23.30
N PRO A 115 -29.53 -21.11 -23.08
CA PRO A 115 -30.36 -21.68 -22.01
C PRO A 115 -31.03 -23.02 -22.37
N VAL A 116 -30.24 -24.08 -22.40
CA VAL A 116 -30.71 -25.44 -22.68
C VAL A 116 -29.71 -26.40 -22.07
N VAL A 117 -30.20 -27.41 -21.38
CA VAL A 117 -29.32 -28.40 -20.78
C VAL A 117 -30.02 -29.72 -20.60
N ASN A 118 -29.24 -30.75 -20.32
CA ASN A 118 -29.78 -32.08 -20.08
C ASN A 118 -29.16 -32.47 -18.75
N VAL A 119 -30.02 -32.62 -17.74
CA VAL A 119 -29.61 -32.99 -16.40
C VAL A 119 -30.14 -34.38 -16.08
N THR A 120 -29.24 -35.24 -15.60
CA THR A 120 -29.62 -36.59 -15.23
C THR A 120 -29.17 -36.88 -13.80
N TRP A 121 -30.11 -37.38 -13.01
CA TRP A 121 -29.84 -37.72 -11.62
C TRP A 121 -29.49 -39.19 -11.62
N LEU A 122 -28.52 -39.59 -10.80
CA LEU A 122 -28.11 -40.98 -10.74
C LEU A 122 -27.94 -41.44 -9.31
N ARG A 123 -28.65 -42.52 -8.98
CA ARG A 123 -28.59 -43.13 -7.66
C ARG A 123 -27.89 -44.48 -7.80
N ASN A 124 -26.76 -44.63 -7.12
CA ASN A 124 -25.99 -45.86 -7.16
C ASN A 124 -25.50 -46.16 -8.57
N GLY A 125 -25.66 -45.20 -9.48
CA GLY A 125 -25.19 -45.40 -10.84
C GLY A 125 -26.30 -45.65 -11.85
N ARG A 126 -27.54 -45.64 -11.38
CA ARG A 126 -28.69 -45.85 -12.24
C ARG A 126 -29.55 -44.58 -12.31
N PRO A 127 -30.12 -44.30 -13.49
CA PRO A 127 -30.96 -43.11 -13.66
C PRO A 127 -32.13 -43.08 -12.66
N VAL A 128 -32.55 -41.87 -12.30
CA VAL A 128 -33.65 -41.68 -11.36
C VAL A 128 -34.62 -40.66 -11.96
N THR A 129 -35.83 -41.10 -12.27
CA THR A 129 -36.81 -40.20 -12.85
C THR A 129 -38.01 -39.97 -11.93
N GLU A 130 -37.95 -40.55 -10.73
CA GLU A 130 -39.02 -40.42 -9.77
C GLU A 130 -38.56 -39.50 -8.65
N GLY A 131 -39.38 -38.51 -8.30
CA GLY A 131 -39.03 -37.61 -7.23
C GLY A 131 -38.05 -36.53 -7.64
N VAL A 132 -38.06 -36.21 -8.93
CA VAL A 132 -37.18 -35.18 -9.45
C VAL A 132 -37.98 -33.98 -9.91
N SER A 133 -37.39 -32.80 -9.82
CA SER A 133 -38.04 -31.57 -10.26
C SER A 133 -37.01 -30.52 -10.65
N GLU A 134 -37.46 -29.47 -11.29
CA GLU A 134 -36.55 -28.43 -11.75
C GLU A 134 -37.19 -27.06 -11.89
N THR A 135 -36.32 -26.06 -12.01
CA THR A 135 -36.75 -24.67 -12.20
C THR A 135 -36.57 -24.38 -13.67
N VAL A 136 -37.08 -23.24 -14.13
CA VAL A 136 -36.88 -22.87 -15.52
C VAL A 136 -35.53 -22.17 -15.49
N PHE A 137 -35.12 -21.53 -16.59
CA PHE A 137 -33.83 -20.85 -16.60
C PHE A 137 -33.90 -19.49 -15.90
N LEU A 138 -33.20 -19.40 -14.78
CA LEU A 138 -33.19 -18.19 -13.96
C LEU A 138 -32.17 -17.19 -14.42
N PRO A 139 -32.44 -15.91 -14.18
CA PRO A 139 -31.50 -14.86 -14.59
C PRO A 139 -30.37 -14.67 -13.57
N ARG A 140 -29.26 -14.13 -14.05
CA ARG A 140 -28.09 -13.82 -13.22
C ARG A 140 -27.91 -12.33 -13.44
N ASP A 141 -26.87 -11.73 -12.86
CA ASP A 141 -26.65 -10.30 -13.03
C ASP A 141 -26.12 -10.00 -14.42
N ASP A 142 -25.37 -10.94 -15.00
CA ASP A 142 -24.80 -10.75 -16.34
C ASP A 142 -25.71 -11.21 -17.45
N HIS A 143 -25.16 -11.91 -18.44
CA HIS A 143 -25.92 -12.37 -19.58
C HIS A 143 -26.17 -13.87 -19.54
N LEU A 144 -25.58 -14.52 -18.54
CA LEU A 144 -25.70 -15.95 -18.40
C LEU A 144 -26.89 -16.44 -17.58
N PHE A 145 -27.12 -17.74 -17.58
CA PHE A 145 -28.25 -18.32 -16.88
C PHE A 145 -27.87 -19.27 -15.73
N ARG A 146 -28.84 -19.56 -14.87
CA ARG A 146 -28.63 -20.50 -13.78
C ARG A 146 -29.88 -21.34 -13.63
N LYS A 147 -29.73 -22.52 -13.04
CA LYS A 147 -30.87 -23.40 -12.91
C LYS A 147 -30.67 -24.37 -11.75
N PHE A 148 -31.78 -24.84 -11.18
CA PHE A 148 -31.70 -25.81 -10.09
C PHE A 148 -32.47 -27.07 -10.44
N HIS A 149 -31.87 -28.23 -10.15
CA HIS A 149 -32.58 -29.48 -10.35
C HIS A 149 -32.69 -30.05 -8.94
N TYR A 150 -33.71 -30.87 -8.70
CA TYR A 150 -33.94 -31.41 -7.37
C TYR A 150 -34.29 -32.90 -7.32
N LEU A 151 -33.88 -33.55 -6.25
CA LEU A 151 -34.18 -34.96 -6.09
C LEU A 151 -34.51 -35.30 -4.64
N THR A 152 -35.74 -35.74 -4.40
CA THR A 152 -36.13 -36.13 -3.05
C THR A 152 -35.47 -37.48 -2.77
N PHE A 153 -34.88 -37.62 -1.59
CA PHE A 153 -34.24 -38.88 -1.25
C PHE A 153 -34.30 -39.15 0.24
N LEU A 154 -33.94 -40.37 0.60
CA LEU A 154 -33.93 -40.82 1.97
C LEU A 154 -32.48 -41.18 2.27
N PRO A 155 -31.75 -40.31 2.99
CA PRO A 155 -30.36 -40.52 3.35
C PRO A 155 -30.06 -41.92 3.87
N SER A 156 -28.99 -42.50 3.35
CA SER A 156 -28.55 -43.85 3.70
C SER A 156 -27.04 -43.94 3.49
N THR A 157 -26.39 -44.75 4.32
CA THR A 157 -24.94 -44.92 4.19
C THR A 157 -24.57 -45.81 3.01
N ASP A 158 -25.58 -46.51 2.46
CA ASP A 158 -25.37 -47.43 1.34
C ASP A 158 -25.41 -46.85 -0.09
N ASP A 159 -26.13 -45.74 -0.28
CA ASP A 159 -26.25 -45.17 -1.62
C ASP A 159 -25.37 -43.96 -1.88
N PHE A 160 -25.15 -43.69 -3.17
CA PHE A 160 -24.36 -42.55 -3.60
C PHE A 160 -25.08 -41.96 -4.82
N TYR A 161 -25.03 -40.64 -4.97
CA TYR A 161 -25.70 -40.01 -6.10
C TYR A 161 -24.79 -39.19 -7.00
N ASP A 162 -25.23 -39.00 -8.24
CA ASP A 162 -24.47 -38.22 -9.21
C ASP A 162 -25.41 -37.39 -10.09
N CYS A 163 -25.08 -36.10 -10.26
CA CYS A 163 -25.87 -35.21 -11.10
C CYS A 163 -25.10 -35.00 -12.39
N GLU A 164 -25.52 -35.66 -13.46
CA GLU A 164 -24.83 -35.54 -14.75
C GLU A 164 -25.45 -34.45 -15.63
N VAL A 165 -24.69 -33.41 -15.92
CA VAL A 165 -25.16 -32.30 -16.75
C VAL A 165 -24.44 -32.23 -18.10
N ASP A 166 -25.22 -32.09 -19.17
CA ASP A 166 -24.66 -32.00 -20.51
C ASP A 166 -25.13 -30.72 -21.19
N HIS A 167 -24.17 -29.92 -21.65
CA HIS A 167 -24.42 -28.65 -22.33
C HIS A 167 -23.59 -28.61 -23.61
N TRP A 168 -24.11 -27.93 -24.65
CA TRP A 168 -23.39 -27.84 -25.92
C TRP A 168 -21.95 -27.34 -25.73
N GLY A 169 -21.71 -26.60 -24.66
CA GLY A 169 -20.38 -26.07 -24.39
C GLY A 169 -19.48 -27.02 -23.63
N LEU A 170 -19.98 -28.22 -23.36
CA LEU A 170 -19.19 -29.21 -22.66
C LEU A 170 -18.70 -30.22 -23.67
N GLU A 171 -17.42 -30.61 -23.56
CA GLU A 171 -16.85 -31.59 -24.48
C GLU A 171 -17.54 -32.92 -24.23
N GLU A 172 -17.65 -33.27 -22.96
CA GLU A 172 -18.28 -34.52 -22.55
C GLU A 172 -19.20 -34.15 -21.37
N PRO A 173 -20.25 -34.96 -21.11
CA PRO A 173 -21.14 -34.64 -19.98
C PRO A 173 -20.37 -34.42 -18.68
N LEU A 174 -20.88 -33.52 -17.86
CA LEU A 174 -20.27 -33.19 -16.58
C LEU A 174 -21.03 -33.94 -15.48
N ARG A 175 -20.30 -34.68 -14.66
CA ARG A 175 -20.92 -35.47 -13.59
C ARG A 175 -20.39 -35.19 -12.19
N LYS A 176 -21.25 -34.62 -11.33
CA LYS A 176 -20.87 -34.32 -9.95
C LYS A 176 -21.36 -35.43 -9.02
N HIS A 177 -20.53 -35.77 -8.04
CA HIS A 177 -20.84 -36.85 -7.12
C HIS A 177 -21.30 -36.40 -5.73
N TRP A 178 -22.16 -37.21 -5.11
CA TRP A 178 -22.62 -36.92 -3.77
C TRP A 178 -22.98 -38.19 -3.00
N GLU A 179 -22.46 -38.28 -1.79
CA GLU A 179 -22.75 -39.41 -0.92
C GLU A 179 -22.68 -38.94 0.53
N PHE A 180 -23.38 -39.64 1.41
CA PHE A 180 -23.45 -39.28 2.82
C PHE A 180 -22.09 -39.30 3.56
N GLU A 181 -22.01 -38.50 4.61
CA GLU A 181 -20.81 -38.37 5.46
C GLU A 181 -21.22 -37.51 6.67
N GLU A 182 -20.91 -37.95 7.88
CA GLU A 182 -21.29 -37.19 9.08
C GLU A 182 -20.70 -37.75 10.36
N GLY B 5 -59.90 -7.75 -3.14
CA GLY B 5 -59.78 -8.11 -4.58
C GLY B 5 -58.37 -8.52 -4.97
N LYS B 6 -58.25 -9.67 -5.63
CA LYS B 6 -56.95 -10.20 -6.05
C LYS B 6 -56.24 -9.28 -7.04
N LYS B 7 -55.06 -8.80 -6.64
CA LYS B 7 -54.24 -7.91 -7.44
C LYS B 7 -53.66 -8.60 -8.67
N VAL B 8 -53.79 -7.96 -9.82
CA VAL B 8 -53.26 -8.52 -11.05
C VAL B 8 -51.87 -7.94 -11.36
N ILE B 9 -50.89 -8.82 -11.55
CA ILE B 9 -49.53 -8.38 -11.87
C ILE B 9 -49.46 -7.95 -13.32
N THR B 10 -48.90 -6.77 -13.59
CA THR B 10 -48.79 -6.30 -14.96
C THR B 10 -47.39 -6.58 -15.48
N ALA B 11 -47.29 -6.84 -16.78
CA ALA B 11 -46.01 -7.13 -17.40
C ALA B 11 -45.50 -5.93 -18.18
N PHE B 12 -44.19 -5.86 -18.38
CA PHE B 12 -43.60 -4.79 -19.16
C PHE B 12 -43.94 -5.09 -20.61
N ASN B 13 -44.22 -4.06 -21.39
CA ASN B 13 -44.55 -4.25 -22.79
C ASN B 13 -43.28 -4.11 -23.61
N GLU B 14 -42.99 -5.08 -24.47
CA GLU B 14 -41.80 -5.05 -25.31
C GLU B 14 -42.07 -4.43 -26.66
N GLY B 15 -41.10 -3.71 -27.19
CA GLY B 15 -41.29 -3.11 -28.49
C GLY B 15 -40.84 -3.98 -29.64
N LEU B 16 -41.31 -3.64 -30.83
CA LEU B 16 -40.93 -4.37 -32.03
C LEU B 16 -39.73 -3.65 -32.62
N LYS B 17 -38.73 -4.41 -33.04
CA LYS B 17 -37.54 -3.84 -33.66
C LYS B 17 -37.72 -3.73 -35.17
N GLY B 18 -37.02 -2.76 -35.76
CA GLY B 18 -37.11 -2.53 -37.18
C GLY B 18 -35.84 -2.89 -37.93
N GLY B 19 -35.77 -2.50 -39.19
CA GLY B 19 -34.60 -2.80 -40.00
C GLY B 19 -33.49 -1.78 -39.90
N GLY B 20 -32.53 -1.88 -40.82
CA GLY B 20 -31.40 -0.95 -40.82
C GLY B 20 -30.35 -1.30 -39.79
N GLY B 21 -29.20 -0.63 -39.89
CA GLY B 21 -28.11 -0.88 -38.95
C GLY B 21 -27.50 -2.26 -39.00
N SER B 22 -27.49 -2.88 -40.17
CA SER B 22 -26.94 -4.23 -40.35
C SER B 22 -25.42 -4.23 -40.23
N LEU B 23 -24.87 -5.28 -39.65
CA LEU B 23 -23.43 -5.35 -39.45
C LEU B 23 -22.77 -6.60 -40.03
N VAL B 24 -21.52 -6.45 -40.43
CA VAL B 24 -20.73 -7.53 -40.99
C VAL B 24 -20.57 -8.66 -39.97
N GLY B 25 -20.44 -8.27 -38.72
CA GLY B 25 -20.27 -9.25 -37.65
C GLY B 25 -18.86 -9.25 -37.09
N GLY B 26 -18.16 -10.37 -37.25
CA GLY B 26 -16.79 -10.48 -36.76
C GLY B 26 -16.00 -11.61 -37.40
N GLY B 27 -16.59 -12.25 -38.41
CA GLY B 27 -15.92 -13.35 -39.09
C GLY B 27 -16.41 -14.70 -38.59
N SER B 28 -15.50 -15.47 -37.99
CA SER B 28 -15.81 -16.79 -37.45
C SER B 28 -15.19 -16.98 -36.06
N GLY B 29 -15.88 -17.72 -35.20
CA GLY B 29 -15.38 -17.97 -33.86
C GLY B 29 -14.97 -19.41 -33.64
N GLY B 30 -15.87 -20.20 -33.08
CA GLY B 30 -15.58 -21.61 -32.82
C GLY B 30 -15.60 -22.45 -34.08
N GLY B 31 -16.78 -22.58 -34.68
CA GLY B 31 -16.92 -23.37 -35.90
C GLY B 31 -17.55 -24.73 -35.64
N GLY B 32 -16.87 -25.56 -34.85
CA GLY B 32 -17.38 -26.88 -34.54
C GLY B 32 -18.50 -26.85 -33.52
N SER B 33 -18.64 -25.72 -32.83
CA SER B 33 -19.68 -25.56 -31.82
C SER B 33 -21.04 -25.25 -32.47
N ARG B 34 -22.08 -25.91 -31.98
CA ARG B 34 -23.42 -25.73 -32.51
C ARG B 34 -23.88 -24.28 -32.45
N PRO B 35 -24.34 -23.74 -33.59
CA PRO B 35 -24.82 -22.36 -33.71
C PRO B 35 -26.12 -22.17 -32.91
N TRP B 36 -26.31 -20.97 -32.39
CA TRP B 36 -27.51 -20.66 -31.63
C TRP B 36 -27.79 -19.16 -31.69
N PHE B 37 -29.03 -18.77 -31.43
CA PHE B 37 -29.40 -17.38 -31.49
C PHE B 37 -30.39 -17.09 -30.38
N LEU B 38 -30.03 -16.12 -29.54
CA LEU B 38 -30.86 -15.77 -28.39
C LEU B 38 -31.23 -14.28 -28.30
N GLU B 39 -32.53 -14.01 -28.18
CA GLU B 39 -33.06 -12.66 -28.01
C GLU B 39 -33.49 -12.70 -26.54
N TYR B 40 -32.74 -11.99 -25.71
CA TYR B 40 -32.94 -11.98 -24.28
C TYR B 40 -33.08 -10.57 -23.72
N CYS B 41 -34.14 -10.39 -22.93
CA CYS B 41 -34.43 -9.11 -22.35
C CYS B 41 -34.80 -9.23 -20.87
N LYS B 42 -34.19 -8.37 -20.05
CA LYS B 42 -34.42 -8.34 -18.62
C LYS B 42 -34.78 -6.93 -18.17
N SER B 43 -35.99 -6.80 -17.62
CA SER B 43 -36.51 -5.54 -17.12
C SER B 43 -36.44 -5.57 -15.61
N GLU B 44 -35.44 -4.91 -15.04
CA GLU B 44 -35.22 -4.89 -13.59
C GLU B 44 -35.72 -3.64 -12.89
N CYS B 45 -36.54 -3.83 -11.87
CA CYS B 45 -37.04 -2.72 -11.08
C CYS B 45 -36.20 -2.69 -9.80
N HIS B 46 -35.50 -1.59 -9.55
CA HIS B 46 -34.67 -1.49 -8.35
C HIS B 46 -35.34 -0.60 -7.31
N PHE B 47 -35.58 -1.17 -6.14
CA PHE B 47 -36.23 -0.45 -5.07
C PHE B 47 -35.27 -0.06 -3.94
N TYR B 48 -35.43 1.15 -3.43
CA TYR B 48 -34.61 1.65 -2.33
C TYR B 48 -35.57 2.25 -1.32
N ASN B 49 -35.61 1.65 -0.15
CA ASN B 49 -36.51 2.08 0.90
C ASN B 49 -37.90 2.00 0.30
N GLY B 50 -38.26 0.78 -0.10
CA GLY B 50 -39.56 0.54 -0.71
C GLY B 50 -39.73 1.33 -1.98
N THR B 51 -40.93 1.89 -2.15
CA THR B 51 -41.28 2.68 -3.32
C THR B 51 -40.80 4.13 -3.20
N GLN B 52 -39.98 4.41 -2.19
CA GLN B 52 -39.45 5.75 -1.97
C GLN B 52 -38.67 6.21 -3.20
N ARG B 53 -37.80 5.35 -3.69
CA ARG B 53 -37.02 5.65 -4.89
C ARG B 53 -36.99 4.38 -5.75
N VAL B 54 -37.53 4.48 -6.96
CA VAL B 54 -37.57 3.34 -7.86
C VAL B 54 -36.78 3.65 -9.13
N ARG B 55 -36.03 2.66 -9.60
CA ARG B 55 -35.25 2.83 -10.81
C ARG B 55 -35.54 1.66 -11.75
N LEU B 56 -35.87 1.97 -13.00
CA LEU B 56 -36.14 0.94 -13.99
C LEU B 56 -34.92 0.77 -14.89
N LEU B 57 -34.43 -0.46 -15.01
CA LEU B 57 -33.27 -0.74 -15.85
C LEU B 57 -33.55 -1.90 -16.81
N VAL B 58 -33.98 -1.60 -18.03
CA VAL B 58 -34.24 -2.66 -19.00
C VAL B 58 -32.95 -2.97 -19.76
N ARG B 59 -32.63 -4.26 -19.94
CA ARG B 59 -31.40 -4.65 -20.63
C ARG B 59 -31.67 -5.71 -21.70
N TYR B 60 -31.21 -5.42 -22.92
CA TYR B 60 -31.38 -6.28 -24.09
C TYR B 60 -30.11 -7.00 -24.46
N PHE B 61 -30.21 -8.32 -24.63
CA PHE B 61 -29.07 -9.13 -25.00
C PHE B 61 -29.36 -9.89 -26.29
N TYR B 62 -28.34 -10.08 -27.10
CA TYR B 62 -28.48 -10.87 -28.31
C TYR B 62 -27.32 -11.82 -28.12
N ASN B 63 -27.63 -13.07 -27.83
CA ASN B 63 -26.63 -14.09 -27.57
C ASN B 63 -25.80 -13.79 -26.32
N LEU B 64 -24.50 -13.56 -26.46
CA LEU B 64 -23.67 -13.30 -25.27
C LEU B 64 -23.38 -11.84 -24.90
N GLU B 65 -24.07 -10.88 -25.52
CA GLU B 65 -23.77 -9.48 -25.21
C GLU B 65 -24.93 -8.52 -25.04
N GLU B 66 -24.85 -7.66 -24.05
CA GLU B 66 -25.85 -6.66 -23.82
C GLU B 66 -25.56 -5.68 -24.96
N ASN B 67 -26.61 -5.18 -25.63
CA ASN B 67 -26.38 -4.25 -26.71
C ASN B 67 -27.25 -3.01 -26.59
N LEU B 68 -28.23 -3.04 -25.70
CA LEU B 68 -29.13 -1.90 -25.53
C LEU B 68 -29.76 -1.88 -24.14
N ARG B 69 -30.16 -0.70 -23.69
CA ARG B 69 -30.79 -0.60 -22.39
C ARG B 69 -31.60 0.66 -22.23
N PHE B 70 -32.48 0.64 -21.24
CA PHE B 70 -33.31 1.80 -20.93
C PHE B 70 -33.24 2.04 -19.43
N ASP B 71 -32.52 3.09 -19.06
CA ASP B 71 -32.33 3.48 -17.66
C ASP B 71 -33.35 4.60 -17.40
N SER B 72 -34.26 4.38 -16.46
CA SER B 72 -35.27 5.40 -16.16
C SER B 72 -34.66 6.70 -15.67
N ASP B 73 -33.42 6.65 -15.19
CA ASP B 73 -32.75 7.87 -14.71
C ASP B 73 -32.33 8.71 -15.92
N VAL B 74 -32.19 8.06 -17.08
CA VAL B 74 -31.79 8.73 -18.31
C VAL B 74 -33.01 9.14 -19.12
N GLY B 75 -34.07 8.35 -19.03
CA GLY B 75 -35.28 8.67 -19.76
C GLY B 75 -35.40 8.21 -21.20
N GLU B 76 -34.31 7.71 -21.76
CA GLU B 76 -34.34 7.24 -23.14
C GLU B 76 -33.49 5.99 -23.31
N PHE B 77 -33.58 5.36 -24.48
CA PHE B 77 -32.80 4.18 -24.74
C PHE B 77 -31.39 4.59 -25.10
N ARG B 78 -30.43 3.73 -24.81
CA ARG B 78 -29.04 4.00 -25.13
C ARG B 78 -28.39 2.71 -25.58
N ALA B 79 -27.70 2.78 -26.71
CA ALA B 79 -27.03 1.61 -27.25
C ALA B 79 -25.82 1.35 -26.39
N VAL B 80 -25.49 0.08 -26.21
CA VAL B 80 -24.34 -0.33 -25.41
C VAL B 80 -23.30 -0.82 -26.42
N THR B 81 -23.78 -1.32 -27.56
CA THR B 81 -22.92 -1.79 -28.64
C THR B 81 -23.64 -1.40 -29.93
N GLU B 82 -22.91 -1.34 -31.04
CA GLU B 82 -23.51 -0.95 -32.31
C GLU B 82 -24.76 -1.75 -32.70
N LEU B 83 -24.83 -3.01 -32.28
CA LEU B 83 -25.98 -3.84 -32.61
C LEU B 83 -27.31 -3.29 -32.10
N GLY B 84 -27.24 -2.37 -31.15
CA GLY B 84 -28.46 -1.80 -30.59
C GLY B 84 -28.76 -0.39 -31.03
N ARG B 85 -27.82 0.21 -31.77
CA ARG B 85 -28.02 1.56 -32.26
C ARG B 85 -29.34 1.72 -33.04
N PRO B 86 -29.64 0.77 -33.96
CA PRO B 86 -30.88 0.87 -34.74
C PRO B 86 -32.14 0.98 -33.88
N ASP B 87 -32.18 0.21 -32.79
CA ASP B 87 -33.34 0.22 -31.92
C ASP B 87 -33.46 1.54 -31.19
N ALA B 88 -32.34 2.02 -30.67
CA ALA B 88 -32.29 3.27 -29.93
C ALA B 88 -32.87 4.40 -30.74
N GLU B 89 -32.32 4.60 -31.94
CA GLU B 89 -32.78 5.65 -32.83
C GLU B 89 -34.26 5.46 -33.15
N ASN B 90 -34.64 4.21 -33.38
CA ASN B 90 -36.03 3.93 -33.70
C ASN B 90 -36.97 4.27 -32.56
N TRP B 91 -36.84 3.57 -31.43
CA TRP B 91 -37.71 3.84 -30.30
C TRP B 91 -37.59 5.24 -29.70
N ASN B 92 -36.42 5.86 -29.79
CA ASN B 92 -36.26 7.19 -29.21
C ASN B 92 -36.95 8.27 -30.03
N SER B 93 -37.36 7.94 -31.25
CA SER B 93 -38.04 8.93 -32.09
C SER B 93 -39.55 8.72 -32.04
N GLN B 94 -39.99 7.74 -31.25
CA GLN B 94 -41.42 7.46 -31.10
C GLN B 94 -41.89 7.99 -29.74
N PRO B 95 -42.28 9.27 -29.68
CA PRO B 95 -42.74 9.89 -28.43
C PRO B 95 -43.76 9.08 -27.62
N GLU B 96 -44.78 8.53 -28.28
CA GLU B 96 -45.80 7.76 -27.55
C GLU B 96 -45.16 6.59 -26.82
N PHE B 97 -44.22 5.93 -27.48
CA PHE B 97 -43.55 4.77 -26.91
C PHE B 97 -42.71 5.13 -25.68
N LEU B 98 -41.92 6.20 -25.78
CA LEU B 98 -41.08 6.63 -24.67
C LEU B 98 -41.91 7.00 -23.46
N GLU B 99 -43.01 7.69 -23.70
CA GLU B 99 -43.89 8.11 -22.61
C GLU B 99 -44.29 6.86 -21.85
N GLN B 100 -44.79 5.87 -22.59
CA GLN B 100 -45.20 4.59 -22.04
C GLN B 100 -44.10 3.93 -21.21
N LYS B 101 -42.90 3.84 -21.79
CA LYS B 101 -41.78 3.21 -21.12
C LYS B 101 -41.44 3.95 -19.83
N ARG B 102 -41.47 5.27 -19.89
CA ARG B 102 -41.17 6.10 -18.72
C ARG B 102 -42.24 5.92 -17.65
N ALA B 103 -43.44 5.55 -18.07
CA ALA B 103 -44.57 5.36 -17.15
C ALA B 103 -44.55 4.00 -16.47
N GLU B 104 -43.84 3.04 -17.05
CA GLU B 104 -43.79 1.70 -16.48
C GLU B 104 -43.14 1.69 -15.10
N VAL B 105 -42.44 2.76 -14.74
CA VAL B 105 -41.81 2.84 -13.43
C VAL B 105 -42.94 2.92 -12.40
N ASP B 106 -44.09 3.39 -12.87
CA ASP B 106 -45.27 3.56 -12.05
C ASP B 106 -46.30 2.45 -12.30
N THR B 107 -46.70 2.26 -13.55
CA THR B 107 -47.68 1.25 -13.92
C THR B 107 -47.18 -0.19 -13.77
N VAL B 108 -45.87 -0.39 -13.71
CA VAL B 108 -45.35 -1.75 -13.57
C VAL B 108 -44.52 -1.98 -12.30
N CYS B 109 -43.45 -1.22 -12.12
CA CYS B 109 -42.62 -1.40 -10.94
C CYS B 109 -43.35 -1.14 -9.61
N ARG B 110 -43.80 0.09 -9.38
CA ARG B 110 -44.52 0.42 -8.15
C ARG B 110 -45.78 -0.43 -8.01
N HIS B 111 -46.56 -0.48 -9.08
CA HIS B 111 -47.78 -1.26 -9.09
C HIS B 111 -47.54 -2.67 -8.56
N ASN B 112 -46.64 -3.41 -9.20
CA ASN B 112 -46.35 -4.78 -8.77
C ASN B 112 -45.72 -4.85 -7.40
N TYR B 113 -44.93 -3.84 -7.05
CA TYR B 113 -44.30 -3.85 -5.73
C TYR B 113 -45.36 -3.87 -4.64
N GLU B 114 -46.39 -3.05 -4.81
CA GLU B 114 -47.47 -2.98 -3.82
C GLU B 114 -48.20 -4.31 -3.69
N ILE B 115 -48.15 -5.12 -4.73
CA ILE B 115 -48.79 -6.43 -4.73
C ILE B 115 -47.90 -7.43 -4.01
N PHE B 116 -46.59 -7.40 -4.29
CA PHE B 116 -45.66 -8.32 -3.64
C PHE B 116 -45.37 -7.89 -2.21
N ASP B 117 -45.69 -6.65 -1.88
CA ASP B 117 -45.45 -6.16 -0.53
C ASP B 117 -46.39 -6.78 0.48
N ASN B 118 -47.35 -7.58 0.01
CA ASN B 118 -48.30 -8.24 0.89
C ASN B 118 -47.86 -9.63 1.34
N PHE B 119 -46.96 -10.26 0.59
CA PHE B 119 -46.50 -11.60 0.96
C PHE B 119 -45.02 -11.87 0.72
N LEU B 120 -44.44 -11.24 -0.29
CA LEU B 120 -43.03 -11.48 -0.56
C LEU B 120 -42.11 -10.67 0.33
N VAL B 121 -42.32 -9.35 0.36
CA VAL B 121 -41.47 -8.49 1.19
C VAL B 121 -41.41 -8.93 2.66
N PRO B 122 -42.56 -9.24 3.27
CA PRO B 122 -42.60 -9.68 4.67
C PRO B 122 -42.34 -11.17 4.91
N ARG B 123 -42.10 -11.93 3.85
CA ARG B 123 -41.84 -13.36 4.03
C ARG B 123 -40.71 -13.61 5.04
N ARG B 124 -40.96 -14.46 6.03
CA ARG B 124 -39.97 -14.78 7.06
C ARG B 124 -40.01 -16.27 7.38
N VAL B 125 -38.85 -16.90 7.42
CA VAL B 125 -38.77 -18.32 7.75
C VAL B 125 -37.58 -18.51 8.70
N GLU B 126 -37.88 -18.99 9.89
CA GLU B 126 -36.89 -19.20 10.92
C GLU B 126 -35.81 -20.22 10.64
N PRO B 127 -34.56 -19.84 10.84
CA PRO B 127 -33.45 -20.77 10.60
C PRO B 127 -33.49 -21.91 11.60
N THR B 128 -32.74 -22.95 11.29
CA THR B 128 -32.64 -24.10 12.16
C THR B 128 -31.15 -24.20 12.42
N VAL B 129 -30.74 -23.77 13.60
CA VAL B 129 -29.33 -23.81 13.97
C VAL B 129 -28.93 -25.13 14.61
N THR B 130 -27.71 -25.55 14.33
CA THR B 130 -27.14 -26.79 14.84
C THR B 130 -25.63 -26.60 14.95
N VAL B 131 -25.03 -27.24 15.94
CA VAL B 131 -23.58 -27.14 16.13
C VAL B 131 -22.96 -28.52 16.22
N TYR B 132 -21.71 -28.62 15.79
CA TYR B 132 -20.99 -29.89 15.83
C TYR B 132 -19.59 -29.77 15.25
N PRO B 133 -18.65 -30.60 15.73
CA PRO B 133 -17.25 -30.62 15.30
C PRO B 133 -17.02 -31.44 14.02
N THR B 134 -15.80 -31.41 13.51
CA THR B 134 -15.43 -32.14 12.31
C THR B 134 -13.95 -32.55 12.33
N LYS B 135 -13.58 -33.40 11.36
CA LYS B 135 -12.21 -33.88 11.22
C LYS B 135 -11.78 -34.83 12.33
N THR B 136 -11.97 -36.12 12.11
CA THR B 136 -11.60 -37.15 13.08
C THR B 136 -10.41 -37.96 12.56
N GLN B 137 -10.61 -38.61 11.41
CA GLN B 137 -9.58 -39.43 10.76
C GLN B 137 -8.91 -40.43 11.69
N PRO B 138 -7.60 -40.60 11.53
CA PRO B 138 -6.82 -41.53 12.35
C PRO B 138 -6.11 -40.80 13.49
N LEU B 139 -5.36 -39.75 13.16
CA LEU B 139 -4.64 -38.97 14.16
C LEU B 139 -5.13 -37.52 14.22
N GLU B 140 -6.13 -37.29 15.07
CA GLU B 140 -6.72 -35.96 15.24
C GLU B 140 -7.69 -35.95 16.43
N HIS B 141 -7.46 -35.04 17.37
CA HIS B 141 -8.30 -34.95 18.56
C HIS B 141 -9.12 -33.65 18.65
N HIS B 142 -8.79 -32.67 17.82
CA HIS B 142 -9.49 -31.38 17.83
C HIS B 142 -9.27 -30.56 16.57
N ASN B 143 -10.33 -29.92 16.07
CA ASN B 143 -10.23 -29.10 14.86
C ASN B 143 -11.31 -28.00 14.76
N LEU B 144 -12.07 -28.07 13.69
CA LEU B 144 -13.14 -27.10 13.42
C LEU B 144 -14.40 -27.35 14.24
N LEU B 145 -15.22 -26.31 14.35
CA LEU B 145 -16.48 -26.37 15.06
C LEU B 145 -17.52 -25.76 14.12
N VAL B 146 -18.29 -26.62 13.48
CA VAL B 146 -19.30 -26.20 12.50
C VAL B 146 -20.62 -25.67 13.00
N CYS B 147 -20.91 -24.40 12.74
CA CYS B 147 -22.22 -23.85 13.12
C CYS B 147 -23.05 -23.89 11.83
N SER B 148 -24.05 -24.75 11.81
CA SER B 148 -24.92 -24.91 10.65
C SER B 148 -26.21 -24.14 10.81
N VAL B 149 -26.51 -23.28 9.83
CA VAL B 149 -27.73 -22.50 9.86
C VAL B 149 -28.42 -22.80 8.55
N SER B 150 -29.60 -23.39 8.61
CA SER B 150 -30.29 -23.70 7.37
C SER B 150 -31.77 -23.36 7.32
N ASP B 151 -32.33 -23.49 6.13
CA ASP B 151 -33.74 -23.24 5.88
C ASP B 151 -34.25 -21.92 6.45
N PHE B 152 -33.75 -20.79 5.95
CA PHE B 152 -34.21 -19.50 6.44
C PHE B 152 -34.41 -18.48 5.31
N TYR B 153 -35.20 -17.45 5.59
CA TYR B 153 -35.49 -16.40 4.62
C TYR B 153 -35.98 -15.16 5.36
N PRO B 154 -35.52 -13.96 4.93
CA PRO B 154 -34.60 -13.68 3.84
C PRO B 154 -33.12 -14.02 4.10
N GLY B 155 -32.27 -13.59 3.17
CA GLY B 155 -30.85 -13.89 3.25
C GLY B 155 -29.94 -13.16 4.22
N ASN B 156 -30.32 -11.98 4.68
CA ASN B 156 -29.47 -11.24 5.61
C ASN B 156 -29.42 -11.90 7.00
N ILE B 157 -28.42 -12.75 7.21
CA ILE B 157 -28.25 -13.45 8.47
C ILE B 157 -26.87 -13.13 9.07
N GLU B 158 -26.79 -13.07 10.40
CA GLU B 158 -25.53 -12.77 11.07
C GLU B 158 -25.17 -13.85 12.09
N VAL B 159 -24.03 -14.50 11.86
CA VAL B 159 -23.57 -15.57 12.74
C VAL B 159 -22.33 -15.14 13.51
N ARG B 160 -22.32 -15.36 14.83
CA ARG B 160 -21.20 -15.00 15.68
C ARG B 160 -20.76 -16.16 16.57
N TRP B 161 -19.45 -16.31 16.75
CA TRP B 161 -18.90 -17.37 17.59
C TRP B 161 -18.42 -16.87 18.95
N PHE B 162 -18.74 -17.61 20.02
CA PHE B 162 -18.34 -17.25 21.37
C PHE B 162 -17.56 -18.37 22.06
N ARG B 163 -16.54 -18.00 22.83
CA ARG B 163 -15.72 -18.95 23.56
C ARG B 163 -15.69 -18.53 25.04
N ASN B 164 -16.37 -19.32 25.87
CA ASN B 164 -16.45 -19.05 27.31
C ASN B 164 -16.85 -17.60 27.60
N GLY B 165 -17.97 -17.16 27.01
CA GLY B 165 -18.44 -15.81 27.25
C GLY B 165 -17.91 -14.78 26.27
N LYS B 166 -16.61 -14.84 25.97
CA LYS B 166 -15.97 -13.90 25.05
C LYS B 166 -16.22 -14.34 23.61
N GLU B 167 -16.24 -13.39 22.68
CA GLU B 167 -16.50 -13.71 21.27
C GLU B 167 -15.23 -13.78 20.42
N GLU B 168 -15.23 -14.73 19.48
CA GLU B 168 -14.12 -14.93 18.56
C GLU B 168 -14.35 -14.16 17.28
N LYS B 169 -13.27 -13.60 16.73
CA LYS B 169 -13.35 -12.84 15.49
C LYS B 169 -12.34 -13.35 14.48
N THR B 170 -11.39 -14.16 14.95
CA THR B 170 -10.35 -14.71 14.09
C THR B 170 -10.48 -16.23 13.98
N GLY B 171 -10.17 -16.75 12.80
CA GLY B 171 -10.26 -18.19 12.58
C GLY B 171 -11.65 -18.59 12.12
N ILE B 172 -12.44 -17.62 11.71
CA ILE B 172 -13.80 -17.86 11.23
C ILE B 172 -13.85 -18.08 9.71
N VAL B 173 -14.28 -19.26 9.29
CA VAL B 173 -14.39 -19.57 7.87
C VAL B 173 -15.84 -19.97 7.59
N SER B 174 -16.33 -19.62 6.39
CA SER B 174 -17.70 -19.90 6.02
C SER B 174 -17.94 -20.21 4.53
N THR B 175 -19.09 -20.83 4.24
CA THR B 175 -19.48 -21.18 2.88
C THR B 175 -20.25 -20.01 2.29
N GLY B 176 -20.41 -18.95 3.10
CA GLY B 176 -21.16 -17.80 2.63
C GLY B 176 -22.63 -18.17 2.54
N LEU B 177 -23.42 -17.26 1.99
CA LEU B 177 -24.85 -17.47 1.83
C LEU B 177 -25.15 -18.34 0.62
N VAL B 178 -25.82 -19.47 0.84
CA VAL B 178 -26.17 -20.38 -0.25
C VAL B 178 -27.67 -20.38 -0.55
N ARG B 179 -28.00 -20.05 -1.80
CA ARG B 179 -29.38 -19.98 -2.28
C ARG B 179 -29.84 -21.34 -2.80
N ASN B 180 -30.92 -21.87 -2.23
CA ASN B 180 -31.41 -23.18 -2.63
C ASN B 180 -32.33 -23.17 -3.85
N GLY B 181 -32.76 -21.96 -4.24
CA GLY B 181 -33.63 -21.83 -5.40
C GLY B 181 -35.09 -22.06 -5.11
N ASP B 182 -35.41 -22.43 -3.87
CA ASP B 182 -36.79 -22.67 -3.44
C ASP B 182 -37.27 -21.64 -2.42
N TRP B 183 -36.63 -20.48 -2.38
CA TRP B 183 -36.97 -19.40 -1.46
C TRP B 183 -36.46 -19.62 -0.03
N THR B 184 -35.39 -20.38 0.09
CA THR B 184 -34.75 -20.63 1.39
C THR B 184 -33.24 -20.59 1.17
N PHE B 185 -32.52 -20.33 2.26
CA PHE B 185 -31.05 -20.24 2.24
C PHE B 185 -30.45 -21.20 3.28
N GLN B 186 -29.13 -21.31 3.25
CA GLN B 186 -28.39 -22.13 4.20
C GLN B 186 -26.94 -21.65 4.20
N THR B 187 -26.25 -21.90 5.31
CA THR B 187 -24.85 -21.52 5.42
C THR B 187 -24.17 -22.26 6.57
N LEU B 188 -22.87 -22.48 6.43
CA LEU B 188 -22.09 -23.14 7.47
C LEU B 188 -21.03 -22.15 7.93
N VAL B 189 -20.97 -21.87 9.23
CA VAL B 189 -19.95 -20.95 9.75
C VAL B 189 -19.11 -21.77 10.71
N MET B 190 -17.82 -21.89 10.40
CA MET B 190 -16.93 -22.70 11.21
C MET B 190 -15.86 -21.94 11.96
N LEU B 191 -15.57 -22.42 13.17
CA LEU B 191 -14.56 -21.81 14.00
C LEU B 191 -13.33 -22.69 14.06
N GLU B 192 -12.18 -22.09 13.78
CA GLU B 192 -10.93 -22.81 13.80
C GLU B 192 -10.35 -22.71 15.20
N THR B 193 -10.49 -23.79 15.97
CA THR B 193 -9.97 -23.82 17.33
C THR B 193 -9.49 -25.21 17.73
N VAL B 194 -9.18 -25.37 19.01
CA VAL B 194 -8.73 -26.65 19.52
C VAL B 194 -9.58 -26.99 20.74
N PRO B 195 -10.71 -27.69 20.50
CA PRO B 195 -11.67 -28.12 21.52
C PRO B 195 -11.06 -28.91 22.68
N GLN B 196 -11.02 -28.27 23.85
CA GLN B 196 -10.49 -28.90 25.07
C GLN B 196 -11.66 -29.45 25.88
N SER B 197 -11.36 -30.28 26.88
CA SER B 197 -12.41 -30.85 27.71
C SER B 197 -13.18 -29.72 28.38
N GLY B 198 -12.46 -28.92 29.17
CA GLY B 198 -13.10 -27.80 29.85
C GLY B 198 -13.16 -26.61 28.92
N GLU B 199 -14.24 -26.51 28.14
CA GLU B 199 -14.40 -25.40 27.22
C GLU B 199 -15.87 -25.26 26.79
N VAL B 200 -16.36 -24.03 26.79
CA VAL B 200 -17.74 -23.74 26.41
C VAL B 200 -17.83 -22.79 25.21
N TYR B 201 -18.27 -23.33 24.08
CA TYR B 201 -18.42 -22.56 22.84
C TYR B 201 -19.90 -22.34 22.56
N THR B 202 -20.21 -21.26 21.84
CA THR B 202 -21.60 -20.95 21.50
C THR B 202 -21.72 -20.20 20.18
N CYS B 203 -22.77 -20.51 19.41
CA CYS B 203 -23.03 -19.88 18.13
C CYS B 203 -24.27 -19.00 18.24
N GLN B 204 -24.11 -17.69 18.05
CA GLN B 204 -25.23 -16.77 18.12
C GLN B 204 -25.71 -16.40 16.71
N VAL B 205 -27.00 -16.61 16.45
CA VAL B 205 -27.57 -16.32 15.14
C VAL B 205 -28.66 -15.25 15.19
N GLU B 206 -28.41 -14.15 14.50
CA GLU B 206 -29.35 -13.04 14.41
C GLU B 206 -30.03 -13.12 13.04
N HIS B 207 -31.33 -12.88 12.98
CA HIS B 207 -32.09 -12.95 11.73
C HIS B 207 -33.44 -12.27 11.91
N PRO B 208 -33.89 -11.50 10.90
CA PRO B 208 -35.16 -10.77 10.91
C PRO B 208 -36.44 -11.54 11.24
N SER B 209 -36.34 -12.87 11.32
CA SER B 209 -37.52 -13.67 11.66
C SER B 209 -37.51 -13.99 13.15
N LEU B 210 -36.37 -13.76 13.79
CA LEU B 210 -36.19 -14.02 15.22
C LEU B 210 -36.36 -12.75 16.05
N THR B 211 -37.32 -12.78 16.98
CA THR B 211 -37.56 -11.64 17.86
C THR B 211 -36.25 -11.26 18.56
N ASP B 212 -35.59 -12.28 19.11
CA ASP B 212 -34.31 -12.11 19.79
C ASP B 212 -33.35 -13.21 19.34
N PRO B 213 -32.04 -12.90 19.30
CA PRO B 213 -30.98 -13.83 18.90
C PRO B 213 -31.17 -15.25 19.39
N VAL B 214 -30.73 -16.21 18.59
CA VAL B 214 -30.80 -17.63 18.93
C VAL B 214 -29.39 -18.12 19.13
N THR B 215 -29.16 -18.86 20.23
CA THR B 215 -27.84 -19.37 20.51
C THR B 215 -27.84 -20.87 20.75
N VAL B 216 -26.72 -21.50 20.42
CA VAL B 216 -26.56 -22.93 20.60
C VAL B 216 -25.20 -23.12 21.23
N GLU B 217 -25.20 -23.72 22.42
CA GLU B 217 -23.98 -23.95 23.18
C GLU B 217 -23.39 -25.32 22.87
N TRP B 218 -22.07 -25.43 23.00
CA TRP B 218 -21.37 -26.68 22.74
C TRP B 218 -20.13 -26.83 23.62
N LYS B 219 -19.97 -28.00 24.22
CA LYS B 219 -18.82 -28.30 25.08
C LYS B 219 -18.24 -29.65 24.66
N ALA B 220 -16.95 -29.85 24.89
CA ALA B 220 -16.30 -31.09 24.50
C ALA B 220 -16.83 -32.31 25.26
N ILE C 1 -27.87 15.03 -29.18
CA ILE C 1 -28.24 16.00 -28.11
C ILE C 1 -27.83 15.50 -26.72
N LYS C 2 -28.03 16.34 -25.70
CA LYS C 2 -27.70 15.99 -24.32
C LYS C 2 -26.23 15.65 -24.17
N GLU C 3 -25.48 16.51 -23.49
CA GLU C 3 -24.06 16.27 -23.27
C GLU C 3 -23.89 15.11 -22.28
N GLU C 4 -23.83 13.89 -22.79
CA GLU C 4 -23.68 12.73 -21.92
C GLU C 4 -22.26 12.20 -22.07
N HIS C 5 -21.59 12.01 -20.95
CA HIS C 5 -20.20 11.54 -20.97
C HIS C 5 -19.83 10.62 -19.82
N THR C 6 -18.79 9.84 -20.03
CA THR C 6 -18.32 8.97 -18.98
C THR C 6 -16.83 9.20 -18.75
N ILE C 7 -16.47 9.33 -17.49
CA ILE C 7 -15.09 9.50 -17.07
C ILE C 7 -14.84 8.32 -16.14
N ILE C 8 -13.75 7.61 -16.35
CA ILE C 8 -13.45 6.46 -15.50
C ILE C 8 -12.02 6.43 -15.00
N GLN C 9 -11.86 6.07 -13.75
CA GLN C 9 -10.55 5.91 -13.15
C GLN C 9 -10.44 4.41 -12.98
N ALA C 10 -9.47 3.79 -13.65
CA ALA C 10 -9.31 2.35 -13.55
C ALA C 10 -7.93 2.01 -13.03
N GLN C 11 -7.89 1.15 -12.02
CA GLN C 11 -6.63 0.76 -11.41
C GLN C 11 -6.64 -0.68 -10.95
N PHE C 12 -5.48 -1.31 -11.00
CA PHE C 12 -5.42 -2.67 -10.55
C PHE C 12 -4.03 -3.01 -10.08
N TYR C 13 -3.92 -4.17 -9.45
CA TYR C 13 -2.64 -4.71 -9.01
C TYR C 13 -2.75 -6.21 -9.24
N LEU C 14 -1.73 -6.79 -9.86
CA LEU C 14 -1.76 -8.21 -10.23
C LEU C 14 -0.63 -9.09 -9.71
N LEU C 15 -1.01 -10.28 -9.24
CA LEU C 15 -0.06 -11.25 -8.73
C LEU C 15 -0.22 -12.55 -9.49
N PRO C 16 0.86 -13.35 -9.58
CA PRO C 16 2.18 -13.08 -9.02
C PRO C 16 3.05 -12.17 -9.88
N ASP C 17 2.48 -11.56 -10.91
CA ASP C 17 3.27 -10.69 -11.78
C ASP C 17 3.80 -9.43 -11.11
N LYS C 18 3.10 -8.97 -10.07
CA LYS C 18 3.49 -7.75 -9.37
C LYS C 18 3.41 -6.56 -10.33
N ARG C 19 2.33 -6.50 -11.10
CA ARG C 19 2.12 -5.42 -12.05
C ARG C 19 0.93 -4.60 -11.58
N GLY C 20 1.01 -3.30 -11.80
CA GLY C 20 -0.07 -2.42 -11.41
C GLY C 20 -0.23 -1.33 -12.43
N GLU C 21 -1.43 -0.77 -12.51
CA GLU C 21 -1.69 0.31 -13.45
C GLU C 21 -2.76 1.25 -12.90
N PHE C 22 -2.68 2.49 -13.36
CA PHE C 22 -3.60 3.52 -12.95
C PHE C 22 -3.86 4.32 -14.23
N MET C 23 -5.12 4.47 -14.63
CA MET C 23 -5.41 5.26 -15.82
C MET C 23 -6.77 5.92 -15.72
N PHE C 24 -6.94 6.97 -16.52
CA PHE C 24 -8.19 7.71 -16.60
C PHE C 24 -8.74 7.46 -18.01
N ASP C 25 -10.05 7.50 -18.14
CA ASP C 25 -10.69 7.24 -19.42
C ASP C 25 -11.83 8.22 -19.66
N PHE C 26 -11.93 8.70 -20.90
CA PHE C 26 -13.00 9.63 -21.27
C PHE C 26 -13.79 8.99 -22.41
N ASP C 27 -15.04 8.66 -22.15
CA ASP C 27 -15.90 8.04 -23.18
C ASP C 27 -15.25 6.86 -23.90
N GLY C 28 -14.49 6.04 -23.17
CA GLY C 28 -13.88 4.90 -23.81
C GLY C 28 -12.48 5.14 -24.32
N ASP C 29 -11.96 6.34 -24.12
CA ASP C 29 -10.60 6.66 -24.54
C ASP C 29 -9.71 7.02 -23.36
N GLU C 30 -8.47 6.55 -23.41
CA GLU C 30 -7.53 6.83 -22.34
C GLU C 30 -7.11 8.31 -22.32
N ILE C 31 -7.20 8.95 -21.17
CA ILE C 31 -6.77 10.34 -21.04
C ILE C 31 -5.28 10.29 -20.74
N PHE C 32 -4.91 9.41 -19.80
CA PHE C 32 -3.52 9.22 -19.41
C PHE C 32 -3.42 8.03 -18.47
N HIS C 33 -2.20 7.58 -18.23
CA HIS C 33 -1.99 6.49 -17.28
C HIS C 33 -0.73 6.84 -16.52
N VAL C 34 -0.53 6.21 -15.36
CA VAL C 34 0.68 6.46 -14.60
C VAL C 34 1.54 5.19 -14.59
N ASP C 35 2.79 5.36 -15.03
CA ASP C 35 3.76 4.28 -15.10
C ASP C 35 4.25 3.92 -13.69
N ILE C 36 3.68 2.89 -13.09
CA ILE C 36 4.06 2.46 -11.74
C ILE C 36 5.55 2.33 -11.54
N GLU C 37 6.29 2.11 -12.62
CA GLU C 37 7.73 1.95 -12.53
C GLU C 37 8.50 3.22 -12.79
N LYS C 38 7.92 4.12 -13.58
CA LYS C 38 8.58 5.37 -13.91
C LYS C 38 8.05 6.54 -13.10
N SER C 39 7.03 6.29 -12.29
CA SER C 39 6.44 7.36 -11.47
C SER C 39 6.24 8.62 -12.34
N GLU C 40 5.63 8.43 -13.51
CA GLU C 40 5.39 9.54 -14.42
C GLU C 40 4.01 9.51 -15.07
N THR C 41 3.35 10.67 -15.07
CA THR C 41 2.05 10.80 -15.68
C THR C 41 2.23 10.88 -17.19
N ILE C 42 1.72 9.89 -17.92
CA ILE C 42 1.82 9.83 -19.38
C ILE C 42 0.50 10.17 -20.04
N TRP C 43 0.47 11.23 -20.83
CA TRP C 43 -0.75 11.63 -21.51
C TRP C 43 -0.93 10.83 -22.79
N ARG C 44 -2.18 10.52 -23.13
CA ARG C 44 -2.43 9.73 -24.33
C ARG C 44 -2.02 10.50 -25.55
N LEU C 45 -2.41 11.78 -25.56
CA LEU C 45 -2.06 12.66 -26.65
C LEU C 45 -1.26 13.80 -26.00
N GLU C 46 -0.04 13.97 -26.47
CA GLU C 46 0.87 15.00 -25.97
C GLU C 46 0.17 16.32 -25.67
N GLU C 47 -0.68 16.75 -26.59
CA GLU C 47 -1.41 18.00 -26.45
C GLU C 47 -2.28 18.14 -25.21
N PHE C 48 -2.62 17.02 -24.57
CA PHE C 48 -3.46 17.10 -23.38
C PHE C 48 -2.72 17.73 -22.21
N ALA C 49 -1.39 17.58 -22.19
CA ALA C 49 -0.58 18.12 -21.11
C ALA C 49 -0.77 19.63 -20.89
N LYS C 50 -0.95 20.38 -21.97
CA LYS C 50 -1.11 21.82 -21.84
C LYS C 50 -2.45 22.26 -21.27
N PHE C 51 -3.33 21.30 -20.96
CA PHE C 51 -4.64 21.64 -20.43
C PHE C 51 -4.92 21.15 -19.02
N ALA C 52 -3.96 20.48 -18.40
CA ALA C 52 -4.15 19.98 -17.04
C ALA C 52 -2.93 19.21 -16.54
N SER C 53 -3.00 18.76 -15.30
CA SER C 53 -1.91 18.01 -14.72
C SER C 53 -2.44 17.00 -13.72
N PHE C 54 -1.58 16.05 -13.37
CA PHE C 54 -1.91 15.02 -12.41
C PHE C 54 -0.63 14.58 -11.71
N GLU C 55 -0.63 14.61 -10.38
CA GLU C 55 0.53 14.22 -9.58
C GLU C 55 0.69 12.69 -9.60
N ALA C 56 1.74 12.20 -10.24
CA ALA C 56 1.98 10.75 -10.33
C ALA C 56 2.04 9.99 -9.00
N GLN C 57 2.62 10.61 -7.96
CA GLN C 57 2.74 9.95 -6.66
C GLN C 57 1.37 9.62 -6.08
N GLY C 58 0.39 10.48 -6.35
CA GLY C 58 -0.95 10.23 -5.85
C GLY C 58 -1.43 8.87 -6.36
N ALA C 59 -1.22 8.62 -7.64
CA ALA C 59 -1.61 7.34 -8.25
C ALA C 59 -0.83 6.16 -7.68
N LEU C 60 0.44 6.35 -7.38
CA LEU C 60 1.24 5.26 -6.82
C LEU C 60 0.69 4.90 -5.45
N ALA C 61 0.16 5.89 -4.75
CA ALA C 61 -0.40 5.66 -3.43
C ALA C 61 -1.65 4.79 -3.61
N ASN C 62 -2.49 5.14 -4.56
CA ASN C 62 -3.69 4.36 -4.83
C ASN C 62 -3.33 2.91 -5.15
N ILE C 63 -2.31 2.72 -5.98
CA ILE C 63 -1.84 1.39 -6.34
C ILE C 63 -1.42 0.59 -5.11
N ALA C 64 -0.73 1.27 -4.19
CA ALA C 64 -0.26 0.66 -2.95
C ALA C 64 -1.47 0.15 -2.18
N VAL C 65 -2.53 0.94 -2.19
CA VAL C 65 -3.76 0.54 -1.51
C VAL C 65 -4.31 -0.74 -2.12
N ASN C 66 -4.30 -0.80 -3.45
CA ASN C 66 -4.79 -1.98 -4.16
C ASN C 66 -3.92 -3.19 -3.85
N LYS C 67 -2.62 -2.95 -3.63
CA LYS C 67 -1.68 -4.01 -3.32
C LYS C 67 -2.00 -4.64 -1.97
N ALA C 68 -2.24 -3.80 -0.98
CA ALA C 68 -2.59 -4.28 0.35
C ALA C 68 -3.96 -4.96 0.29
N ASN C 69 -4.92 -4.34 -0.38
CA ASN C 69 -6.24 -4.95 -0.48
C ASN C 69 -6.17 -6.31 -1.20
N LEU C 70 -5.27 -6.43 -2.17
CA LEU C 70 -5.14 -7.70 -2.86
C LEU C 70 -4.75 -8.78 -1.87
N ASP C 71 -3.82 -8.49 -0.97
CA ASP C 71 -3.43 -9.51 -0.01
C ASP C 71 -4.65 -9.93 0.80
N VAL C 72 -5.43 -8.96 1.23
CA VAL C 72 -6.62 -9.28 2.01
C VAL C 72 -7.60 -10.15 1.22
N MET C 73 -7.81 -9.80 -0.05
CA MET C 73 -8.72 -10.58 -0.88
C MET C 73 -8.24 -12.01 -1.03
N LYS C 74 -6.94 -12.22 -1.14
CA LYS C 74 -6.46 -13.58 -1.29
C LYS C 74 -6.79 -14.39 -0.03
N GLU C 75 -6.53 -13.81 1.14
CA GLU C 75 -6.79 -14.50 2.40
C GLU C 75 -8.28 -14.79 2.52
N ARG C 76 -9.09 -13.83 2.09
CA ARG C 76 -10.55 -13.93 2.14
C ARG C 76 -11.15 -14.99 1.22
N SER C 77 -10.43 -15.42 0.19
CA SER C 77 -10.96 -16.41 -0.74
C SER C 77 -10.15 -17.69 -0.68
N ASN C 78 -9.28 -17.78 0.32
CA ASN C 78 -8.43 -18.94 0.52
C ASN C 78 -7.60 -19.22 -0.74
N ASN C 79 -7.00 -18.15 -1.28
CA ASN C 79 -6.17 -18.25 -2.47
C ASN C 79 -6.79 -19.10 -3.57
N THR C 80 -8.09 -18.97 -3.74
CA THR C 80 -8.78 -19.73 -4.79
C THR C 80 -8.73 -18.90 -6.06
N PRO C 81 -8.09 -19.43 -7.11
CA PRO C 81 -7.99 -18.70 -8.37
C PRO C 81 -9.15 -18.95 -9.31
N ASP C 82 -9.18 -18.20 -10.41
CA ASP C 82 -10.21 -18.36 -11.41
C ASP C 82 -9.53 -18.80 -12.71
N ALA C 83 -10.33 -19.07 -13.73
CA ALA C 83 -9.80 -19.49 -15.02
C ALA C 83 -9.34 -18.29 -15.83
N ASN C 84 -8.24 -18.45 -16.54
CA ASN C 84 -7.72 -17.39 -17.39
C ASN C 84 -8.71 -17.21 -18.54
N VAL C 85 -8.88 -15.98 -19.02
CA VAL C 85 -9.80 -15.74 -20.12
C VAL C 85 -9.01 -15.26 -21.33
N ALA C 86 -8.93 -16.14 -22.33
CA ALA C 86 -8.21 -15.87 -23.57
C ALA C 86 -8.84 -14.72 -24.32
N PRO C 87 -8.02 -13.93 -25.06
CA PRO C 87 -8.48 -12.79 -25.85
C PRO C 87 -8.84 -13.08 -27.30
N GLU C 88 -9.67 -12.20 -27.87
CA GLU C 88 -10.04 -12.24 -29.29
C GLU C 88 -9.02 -11.28 -29.86
N VAL C 89 -8.57 -11.53 -31.09
CA VAL C 89 -7.59 -10.66 -31.73
C VAL C 89 -8.04 -10.20 -33.12
N THR C 90 -7.82 -8.92 -33.41
CA THR C 90 -8.19 -8.36 -34.71
C THR C 90 -7.15 -7.35 -35.20
N VAL C 91 -6.74 -7.52 -36.46
CA VAL C 91 -5.76 -6.64 -37.10
C VAL C 91 -6.45 -5.86 -38.22
N LEU C 92 -6.32 -4.54 -38.20
CA LEU C 92 -6.92 -3.70 -39.23
C LEU C 92 -6.08 -2.44 -39.43
N SER C 93 -6.34 -1.70 -40.50
CA SER C 93 -5.57 -0.49 -40.74
C SER C 93 -6.27 0.67 -40.08
N ARG C 94 -5.48 1.65 -39.67
CA ARG C 94 -5.99 2.82 -38.98
C ARG C 94 -6.85 3.67 -39.90
N SER C 95 -6.51 3.66 -41.20
CA SER C 95 -7.27 4.44 -42.18
C SER C 95 -7.16 3.74 -43.53
N PRO C 96 -7.87 4.24 -44.56
CA PRO C 96 -7.80 3.60 -45.88
C PRO C 96 -6.36 3.40 -46.31
N VAL C 97 -6.08 2.25 -46.91
CA VAL C 97 -4.74 1.91 -47.36
C VAL C 97 -4.48 2.33 -48.80
N ASN C 98 -3.37 3.05 -49.01
CA ASN C 98 -2.99 3.50 -50.34
C ASN C 98 -1.48 3.30 -50.53
N LEU C 99 -1.10 2.48 -51.49
CA LEU C 99 0.31 2.21 -51.78
C LEU C 99 1.17 3.47 -51.69
N GLY C 100 2.34 3.33 -51.07
CA GLY C 100 3.26 4.44 -50.94
C GLY C 100 2.86 5.53 -49.95
N GLU C 101 1.63 5.45 -49.42
CA GLU C 101 1.14 6.44 -48.46
C GLU C 101 1.25 5.88 -47.04
N PRO C 102 1.99 6.57 -46.15
CA PRO C 102 2.18 6.11 -44.77
C PRO C 102 0.86 5.74 -44.09
N ASN C 103 0.88 4.69 -43.28
CA ASN C 103 -0.33 4.28 -42.58
C ASN C 103 0.03 3.64 -41.23
N ILE C 104 -0.95 3.02 -40.59
CA ILE C 104 -0.74 2.38 -39.30
C ILE C 104 -1.55 1.09 -39.13
N LEU C 105 -0.88 -0.01 -38.81
CA LEU C 105 -1.55 -1.28 -38.58
C LEU C 105 -2.02 -1.35 -37.13
N ILE C 106 -3.28 -1.70 -36.91
CA ILE C 106 -3.84 -1.79 -35.57
C ILE C 106 -4.09 -3.25 -35.14
N CYS C 107 -3.55 -3.66 -34.00
CA CYS C 107 -3.81 -4.99 -33.50
C CYS C 107 -4.70 -4.90 -32.23
N PHE C 108 -6.00 -5.11 -32.39
CA PHE C 108 -6.97 -5.02 -31.28
C PHE C 108 -7.12 -6.32 -30.48
N ILE C 109 -6.64 -6.30 -29.24
CA ILE C 109 -6.71 -7.44 -28.32
C ILE C 109 -7.86 -7.15 -27.35
N ASP C 110 -8.88 -8.01 -27.36
CA ASP C 110 -10.10 -7.76 -26.57
C ASP C 110 -10.61 -8.93 -25.70
N LYS C 111 -11.44 -8.60 -24.71
CA LYS C 111 -12.05 -9.56 -23.77
C LYS C 111 -11.15 -10.59 -23.10
N PHE C 112 -10.12 -10.14 -22.38
CA PHE C 112 -9.22 -11.08 -21.72
C PHE C 112 -8.86 -10.70 -20.30
N SER C 113 -8.30 -11.66 -19.57
CA SER C 113 -7.87 -11.46 -18.19
C SER C 113 -7.13 -12.72 -17.75
N PRO C 114 -6.10 -12.59 -16.91
CA PRO C 114 -5.54 -11.36 -16.32
C PRO C 114 -4.97 -10.35 -17.32
N PRO C 115 -4.70 -9.12 -16.84
CA PRO C 115 -4.15 -8.11 -17.75
C PRO C 115 -2.65 -8.22 -18.03
N VAL C 116 -2.24 -9.34 -18.63
CA VAL C 116 -0.85 -9.58 -19.04
C VAL C 116 -0.88 -10.28 -20.40
N VAL C 117 -0.11 -9.77 -21.36
CA VAL C 117 -0.08 -10.35 -22.69
C VAL C 117 1.24 -10.08 -23.41
N ASN C 118 1.69 -11.05 -24.21
CA ASN C 118 2.91 -10.88 -24.98
C ASN C 118 2.46 -10.70 -26.43
N VAL C 119 2.78 -9.56 -27.01
CA VAL C 119 2.39 -9.26 -28.38
C VAL C 119 3.63 -9.12 -29.23
N THR C 120 3.62 -9.77 -30.39
CA THR C 120 4.74 -9.74 -31.30
C THR C 120 4.26 -9.41 -32.72
N TRP C 121 4.80 -8.33 -33.29
CA TRP C 121 4.43 -7.95 -34.64
C TRP C 121 5.39 -8.64 -35.59
N LEU C 122 4.89 -8.99 -36.76
CA LEU C 122 5.71 -9.68 -37.75
C LEU C 122 5.49 -9.08 -39.13
N ARG C 123 6.59 -8.78 -39.82
CA ARG C 123 6.52 -8.23 -41.18
C ARG C 123 7.24 -9.24 -42.05
N ASN C 124 6.50 -9.84 -42.98
CA ASN C 124 7.06 -10.85 -43.87
C ASN C 124 7.64 -12.03 -43.07
N GLY C 125 6.93 -12.39 -42.00
CA GLY C 125 7.33 -13.50 -41.15
C GLY C 125 8.49 -13.21 -40.21
N ARG C 126 8.86 -11.93 -40.11
CA ARG C 126 9.99 -11.52 -39.26
C ARG C 126 9.59 -10.48 -38.21
N PRO C 127 10.10 -10.64 -36.97
CA PRO C 127 9.84 -9.75 -35.83
C PRO C 127 10.17 -8.27 -36.10
N VAL C 128 9.22 -7.38 -35.83
CA VAL C 128 9.44 -5.94 -36.02
C VAL C 128 9.38 -5.25 -34.67
N THR C 129 10.41 -4.47 -34.34
CA THR C 129 10.46 -3.79 -33.07
C THR C 129 10.57 -2.29 -33.24
N GLU C 130 10.59 -1.85 -34.48
CA GLU C 130 10.70 -0.43 -34.77
C GLU C 130 9.35 0.08 -35.27
N GLY C 131 8.94 1.25 -34.80
CA GLY C 131 7.66 1.80 -35.21
C GLY C 131 6.49 1.16 -34.50
N VAL C 132 6.78 0.40 -33.46
CA VAL C 132 5.73 -0.26 -32.70
C VAL C 132 5.44 0.50 -31.43
N SER C 133 4.18 0.64 -31.10
CA SER C 133 3.80 1.33 -29.88
C SER C 133 2.61 0.56 -29.28
N GLU C 134 2.19 0.93 -28.07
CA GLU C 134 1.08 0.23 -27.46
C GLU C 134 0.40 1.03 -26.35
N THR C 135 -0.83 0.66 -26.05
CA THR C 135 -1.57 1.32 -24.98
C THR C 135 -1.39 0.47 -23.73
N VAL C 136 -1.95 0.94 -22.62
CA VAL C 136 -1.91 0.18 -21.38
C VAL C 136 -3.18 -0.69 -21.42
N PHE C 137 -3.43 -1.49 -20.39
CA PHE C 137 -4.63 -2.32 -20.41
C PHE C 137 -5.82 -1.43 -20.13
N LEU C 138 -6.64 -1.20 -21.14
CA LEU C 138 -7.80 -0.32 -21.02
C LEU C 138 -9.03 -1.05 -20.49
N PRO C 139 -10.00 -0.31 -19.96
CA PRO C 139 -11.24 -0.91 -19.43
C PRO C 139 -12.39 -1.15 -20.43
N ARG C 140 -13.21 -2.15 -20.12
CA ARG C 140 -14.38 -2.49 -20.91
C ARG C 140 -15.54 -2.24 -19.95
N ASP C 141 -16.76 -2.52 -20.37
CA ASP C 141 -17.91 -2.34 -19.50
C ASP C 141 -17.94 -3.38 -18.41
N ASP C 142 -17.33 -4.53 -18.64
CA ASP C 142 -17.34 -5.61 -17.65
C ASP C 142 -16.03 -5.73 -16.85
N HIS C 143 -15.68 -6.98 -16.53
CA HIS C 143 -14.48 -7.29 -15.75
C HIS C 143 -13.25 -7.65 -16.58
N LEU C 144 -13.39 -7.60 -17.90
CA LEU C 144 -12.30 -7.95 -18.81
C LEU C 144 -11.58 -6.71 -19.33
N PHE C 145 -10.40 -6.91 -19.91
CA PHE C 145 -9.60 -5.83 -20.44
C PHE C 145 -9.44 -5.84 -21.97
N ARG C 146 -9.04 -4.70 -22.53
CA ARG C 146 -8.76 -4.63 -23.96
C ARG C 146 -7.46 -3.86 -24.11
N LYS C 147 -6.77 -4.04 -25.24
CA LYS C 147 -5.50 -3.37 -25.47
C LYS C 147 -5.25 -3.18 -26.97
N PHE C 148 -4.55 -2.11 -27.33
CA PHE C 148 -4.21 -1.81 -28.72
C PHE C 148 -2.72 -1.82 -28.96
N HIS C 149 -2.30 -2.48 -30.03
CA HIS C 149 -0.89 -2.48 -30.41
C HIS C 149 -0.82 -1.81 -31.78
N TYR C 150 0.23 -1.01 -31.99
CA TYR C 150 0.37 -0.28 -33.25
C TYR C 150 1.67 -0.52 -34.00
N LEU C 151 1.59 -0.52 -35.33
CA LEU C 151 2.76 -0.73 -36.18
C LEU C 151 2.71 0.19 -37.40
N THR C 152 3.67 1.11 -37.46
CA THR C 152 3.76 2.02 -38.59
C THR C 152 4.10 1.15 -39.80
N PHE C 153 3.60 1.51 -40.97
CA PHE C 153 3.94 0.74 -42.16
C PHE C 153 3.66 1.49 -43.46
N LEU C 154 4.38 1.08 -44.50
CA LEU C 154 4.27 1.66 -45.83
C LEU C 154 3.67 0.56 -46.70
N PRO C 155 2.40 0.71 -47.10
CA PRO C 155 1.64 -0.23 -47.93
C PRO C 155 2.31 -0.65 -49.22
N SER C 156 2.44 -1.97 -49.41
CA SER C 156 3.07 -2.53 -50.59
C SER C 156 2.60 -3.95 -50.81
N THR C 157 2.12 -4.23 -52.02
CA THR C 157 1.63 -5.55 -52.38
C THR C 157 2.70 -6.63 -52.18
N ASP C 158 3.92 -6.21 -51.88
CA ASP C 158 5.02 -7.12 -51.65
C ASP C 158 5.04 -7.66 -50.23
N ASP C 159 4.60 -6.83 -49.28
CA ASP C 159 4.63 -7.22 -47.88
C ASP C 159 3.33 -7.73 -47.25
N PHE C 160 3.50 -8.62 -46.28
CA PHE C 160 2.38 -9.15 -45.51
C PHE C 160 2.73 -8.93 -44.04
N TYR C 161 1.73 -8.94 -43.16
CA TYR C 161 1.99 -8.70 -41.75
C TYR C 161 1.32 -9.70 -40.83
N ASP C 162 1.77 -9.74 -39.58
CA ASP C 162 1.23 -10.66 -38.58
C ASP C 162 1.36 -10.17 -37.13
N CYS C 163 0.25 -10.24 -36.39
CA CYS C 163 0.25 -9.86 -34.97
C CYS C 163 0.08 -11.15 -34.19
N GLU C 164 1.08 -11.51 -33.41
CA GLU C 164 0.99 -12.72 -32.61
C GLU C 164 0.80 -12.40 -31.12
N VAL C 165 -0.27 -12.94 -30.56
CA VAL C 165 -0.61 -12.69 -29.17
C VAL C 165 -0.56 -13.95 -28.32
N ASP C 166 0.13 -13.86 -27.19
CA ASP C 166 0.21 -14.99 -26.27
C ASP C 166 -0.36 -14.58 -24.90
N HIS C 167 -1.19 -15.44 -24.32
CA HIS C 167 -1.83 -15.19 -23.04
C HIS C 167 -1.98 -16.51 -22.32
N TRP C 168 -1.97 -16.49 -20.99
CA TRP C 168 -2.10 -17.71 -20.20
C TRP C 168 -3.39 -18.47 -20.49
N GLY C 169 -4.34 -17.82 -21.15
CA GLY C 169 -5.59 -18.48 -21.47
C GLY C 169 -5.58 -19.12 -22.85
N LEU C 170 -4.45 -19.02 -23.53
CA LEU C 170 -4.30 -19.61 -24.86
C LEU C 170 -3.38 -20.83 -24.83
N GLU C 171 -3.83 -21.93 -25.44
CA GLU C 171 -3.01 -23.14 -25.49
C GLU C 171 -1.72 -22.85 -26.26
N GLU C 172 -1.87 -22.24 -27.43
CA GLU C 172 -0.73 -21.89 -28.28
C GLU C 172 -0.92 -20.43 -28.71
N PRO C 173 0.18 -19.71 -28.97
CA PRO C 173 0.08 -18.30 -29.38
C PRO C 173 -0.93 -18.11 -30.52
N LEU C 174 -1.73 -17.05 -30.42
CA LEU C 174 -2.73 -16.76 -31.45
C LEU C 174 -2.16 -15.77 -32.44
N ARG C 175 -2.11 -16.15 -33.71
CA ARG C 175 -1.57 -15.26 -34.73
C ARG C 175 -2.65 -14.85 -35.73
N LYS C 176 -2.66 -13.55 -36.06
CA LYS C 176 -3.61 -13.04 -37.03
C LYS C 176 -2.82 -12.44 -38.18
N HIS C 177 -3.26 -12.72 -39.39
CA HIS C 177 -2.58 -12.29 -40.59
C HIS C 177 -3.23 -11.10 -41.30
N TRP C 178 -2.41 -10.31 -41.97
CA TRP C 178 -2.90 -9.14 -42.71
C TRP C 178 -2.01 -8.82 -43.90
N GLU C 179 -2.61 -8.42 -45.01
CA GLU C 179 -1.87 -8.05 -46.21
C GLU C 179 -2.70 -7.16 -47.12
N PHE C 180 -2.01 -6.37 -47.94
CA PHE C 180 -2.69 -5.45 -48.84
C PHE C 180 -3.63 -6.16 -49.83
N GLU C 181 -4.71 -5.48 -50.18
CA GLU C 181 -5.70 -6.00 -51.11
C GLU C 181 -6.20 -4.82 -51.94
N GLU C 182 -6.12 -4.94 -53.27
CA GLU C 182 -6.56 -3.88 -54.15
C GLU C 182 -8.07 -3.67 -54.09
N GLY D 5 -5.90 27.31 -15.61
CA GLY D 5 -4.84 27.78 -14.67
C GLY D 5 -4.60 26.83 -13.51
N LYS D 6 -3.46 26.14 -13.54
CA LYS D 6 -3.09 25.18 -12.50
C LYS D 6 -4.21 24.15 -12.28
N LYS D 7 -4.82 23.69 -13.38
CA LYS D 7 -5.91 22.72 -13.28
C LYS D 7 -5.41 21.32 -12.98
N VAL D 8 -5.57 20.91 -11.71
CA VAL D 8 -5.13 19.61 -11.23
C VAL D 8 -6.24 18.57 -11.13
N ILE D 9 -6.12 17.51 -11.91
CA ILE D 9 -7.13 16.45 -11.88
C ILE D 9 -7.01 15.71 -10.55
N THR D 10 -8.13 15.51 -9.87
CA THR D 10 -8.11 14.81 -8.60
C THR D 10 -8.52 13.36 -8.80
N ALA D 11 -7.95 12.47 -8.00
CA ALA D 11 -8.24 11.04 -8.09
C ALA D 11 -9.17 10.61 -6.98
N PHE D 12 -9.90 9.52 -7.22
CA PHE D 12 -10.80 8.96 -6.22
C PHE D 12 -9.91 8.33 -5.18
N ASN D 13 -10.32 8.40 -3.92
CA ASN D 13 -9.51 7.82 -2.86
C ASN D 13 -10.02 6.45 -2.47
N GLU D 14 -9.16 5.44 -2.57
CA GLU D 14 -9.58 4.07 -2.28
C GLU D 14 -9.49 3.75 -0.79
N GLY D 15 -10.49 3.04 -0.28
CA GLY D 15 -10.48 2.67 1.13
C GLY D 15 -9.72 1.38 1.34
N LEU D 16 -9.24 1.15 2.56
CA LEU D 16 -8.51 -0.06 2.89
C LEU D 16 -9.46 -1.15 3.39
N LYS D 17 -9.23 -2.39 2.98
CA LYS D 17 -10.09 -3.48 3.39
C LYS D 17 -9.61 -4.13 4.66
N GLY D 18 -10.55 -4.65 5.45
CA GLY D 18 -10.20 -5.30 6.70
C GLY D 18 -10.33 -6.81 6.65
N GLY D 19 -10.20 -7.46 7.80
CA GLY D 19 -10.29 -8.91 7.86
C GLY D 19 -11.73 -9.38 8.06
N GLY D 20 -11.90 -10.70 8.21
CA GLY D 20 -13.23 -11.24 8.41
C GLY D 20 -13.95 -11.55 7.11
N GLY D 21 -15.05 -12.29 7.22
CA GLY D 21 -15.83 -12.65 6.05
C GLY D 21 -15.19 -13.70 5.16
N SER D 22 -14.17 -14.39 5.67
CA SER D 22 -13.49 -15.40 4.87
C SER D 22 -14.40 -16.51 4.34
N LEU D 23 -14.07 -17.03 3.16
CA LEU D 23 -14.87 -18.08 2.52
C LEU D 23 -14.08 -19.31 2.14
N VAL D 24 -14.80 -20.42 1.96
CA VAL D 24 -14.19 -21.69 1.59
C VAL D 24 -13.61 -21.69 0.18
N GLY D 25 -14.44 -21.32 -0.79
CA GLY D 25 -13.99 -21.28 -2.17
C GLY D 25 -14.19 -22.62 -2.87
N GLY D 26 -14.13 -22.62 -4.20
CA GLY D 26 -14.33 -23.86 -4.94
C GLY D 26 -13.72 -23.91 -6.34
N GLY D 27 -14.02 -24.99 -7.06
CA GLY D 27 -13.49 -25.17 -8.41
C GLY D 27 -13.91 -24.09 -9.39
N SER D 28 -13.07 -23.08 -9.55
CA SER D 28 -13.33 -21.97 -10.45
C SER D 28 -12.72 -22.25 -11.82
N GLY D 29 -11.38 -22.28 -11.87
CA GLY D 29 -10.71 -22.53 -13.12
C GLY D 29 -9.26 -22.92 -12.91
N GLY D 30 -8.94 -23.36 -11.69
CA GLY D 30 -7.59 -23.77 -11.38
C GLY D 30 -7.24 -25.15 -11.91
N GLY D 31 -6.03 -25.62 -11.59
CA GLY D 31 -5.59 -26.91 -12.05
C GLY D 31 -4.33 -26.79 -12.90
N GLY D 32 -4.51 -26.77 -14.22
CA GLY D 32 -3.37 -26.66 -15.12
C GLY D 32 -3.07 -25.20 -15.43
N SER D 33 -4.11 -24.38 -15.42
CA SER D 33 -3.97 -22.95 -15.71
C SER D 33 -3.14 -22.27 -14.63
N ARG D 34 -2.38 -21.27 -15.03
CA ARG D 34 -1.54 -20.56 -14.08
C ARG D 34 -2.40 -19.71 -13.16
N PRO D 35 -2.17 -19.82 -11.84
CA PRO D 35 -2.92 -19.06 -10.84
C PRO D 35 -2.58 -17.58 -10.92
N TRP D 36 -3.58 -16.73 -10.72
CA TRP D 36 -3.36 -15.29 -10.74
C TRP D 36 -4.37 -14.63 -9.81
N PHE D 37 -3.98 -13.49 -9.25
CA PHE D 37 -4.82 -12.76 -8.30
C PHE D 37 -4.82 -11.30 -8.73
N LEU D 38 -6.04 -10.77 -8.89
CA LEU D 38 -6.22 -9.41 -9.36
C LEU D 38 -7.20 -8.59 -8.55
N GLU D 39 -6.74 -7.44 -8.07
CA GLU D 39 -7.57 -6.51 -7.31
C GLU D 39 -7.75 -5.39 -8.33
N TYR D 40 -8.96 -5.31 -8.86
CA TYR D 40 -9.30 -4.36 -9.90
C TYR D 40 -10.40 -3.44 -9.48
N CYS D 41 -10.20 -2.14 -9.71
CA CYS D 41 -11.21 -1.17 -9.34
C CYS D 41 -11.48 -0.13 -10.40
N LYS D 42 -12.76 0.13 -10.68
CA LYS D 42 -13.15 1.13 -11.65
C LYS D 42 -14.16 2.07 -11.05
N SER D 43 -13.87 3.37 -11.14
CA SER D 43 -14.76 4.40 -10.61
C SER D 43 -15.27 5.19 -11.80
N GLU D 44 -16.57 5.09 -12.04
CA GLU D 44 -17.16 5.76 -13.19
C GLU D 44 -18.05 6.95 -12.85
N CYS D 45 -17.80 8.05 -13.55
CA CYS D 45 -18.60 9.25 -13.37
C CYS D 45 -19.44 9.37 -14.63
N HIS D 46 -20.73 9.15 -14.48
CA HIS D 46 -21.67 9.24 -15.58
C HIS D 46 -22.27 10.65 -15.54
N PHE D 47 -22.18 11.35 -16.67
CA PHE D 47 -22.71 12.71 -16.77
C PHE D 47 -23.90 12.83 -17.76
N TYR D 48 -24.93 13.56 -17.34
CA TYR D 48 -26.11 13.80 -18.17
C TYR D 48 -26.31 15.31 -18.31
N ASN D 49 -25.96 15.81 -19.48
CA ASN D 49 -26.00 17.24 -19.80
C ASN D 49 -24.99 17.96 -18.93
N GLY D 50 -23.72 17.61 -19.11
CA GLY D 50 -22.67 18.22 -18.33
C GLY D 50 -22.77 17.87 -16.85
N THR D 51 -22.68 18.88 -16.01
CA THR D 51 -22.72 18.68 -14.57
C THR D 51 -24.11 18.78 -13.93
N GLN D 52 -25.14 18.91 -14.76
CA GLN D 52 -26.50 19.03 -14.25
C GLN D 52 -26.80 17.84 -13.34
N ARG D 53 -26.73 16.63 -13.91
CA ARG D 53 -26.97 15.40 -13.16
C ARG D 53 -25.77 14.48 -13.31
N VAL D 54 -25.23 14.03 -12.19
CA VAL D 54 -24.07 13.15 -12.22
C VAL D 54 -24.24 11.95 -11.32
N ARG D 55 -23.77 10.81 -11.79
CA ARG D 55 -23.86 9.59 -11.01
C ARG D 55 -22.49 8.95 -10.90
N LEU D 56 -22.12 8.64 -9.67
CA LEU D 56 -20.85 8.00 -9.44
C LEU D 56 -21.10 6.53 -9.13
N LEU D 57 -20.41 5.66 -9.85
CA LEU D 57 -20.54 4.22 -9.63
C LEU D 57 -19.16 3.60 -9.62
N VAL D 58 -18.75 3.17 -8.43
CA VAL D 58 -17.45 2.55 -8.25
C VAL D 58 -17.69 1.06 -8.19
N ARG D 59 -16.87 0.31 -8.91
CA ARG D 59 -17.01 -1.14 -8.97
C ARG D 59 -15.73 -1.85 -8.60
N TYR D 60 -15.86 -2.82 -7.70
CA TYR D 60 -14.72 -3.58 -7.24
C TYR D 60 -14.75 -4.98 -7.80
N PHE D 61 -13.63 -5.41 -8.37
CA PHE D 61 -13.56 -6.75 -8.92
C PHE D 61 -12.40 -7.51 -8.34
N TYR D 62 -12.63 -8.76 -7.99
CA TYR D 62 -11.54 -9.60 -7.52
C TYR D 62 -11.51 -10.65 -8.62
N ASN D 63 -10.36 -10.80 -9.27
CA ASN D 63 -10.19 -11.74 -10.36
C ASN D 63 -11.28 -11.53 -11.41
N LEU D 64 -12.15 -12.50 -11.68
CA LEU D 64 -13.20 -12.32 -12.70
C LEU D 64 -14.55 -11.86 -12.20
N GLU D 65 -14.68 -11.57 -10.90
CA GLU D 65 -15.99 -11.19 -10.40
C GLU D 65 -16.13 -9.85 -9.72
N GLU D 66 -17.27 -9.22 -9.94
CA GLU D 66 -17.58 -7.94 -9.32
C GLU D 66 -18.16 -8.35 -7.96
N ASN D 67 -17.64 -7.80 -6.87
CA ASN D 67 -18.15 -8.20 -5.57
C ASN D 67 -18.70 -7.06 -4.75
N LEU D 68 -18.38 -5.83 -5.15
CA LEU D 68 -18.83 -4.70 -4.37
C LEU D 68 -18.98 -3.45 -5.23
N ARG D 69 -19.88 -2.56 -4.83
CA ARG D 69 -20.05 -1.30 -5.54
C ARG D 69 -20.55 -0.14 -4.67
N PHE D 70 -20.37 1.06 -5.18
CA PHE D 70 -20.83 2.25 -4.49
C PHE D 70 -21.54 3.10 -5.52
N ASP D 71 -22.85 3.21 -5.36
CA ASP D 71 -23.67 3.99 -6.28
C ASP D 71 -24.09 5.27 -5.58
N SER D 72 -23.63 6.41 -6.09
CA SER D 72 -23.94 7.70 -5.49
C SER D 72 -25.43 7.87 -5.26
N ASP D 73 -26.24 7.40 -6.20
CA ASP D 73 -27.70 7.52 -6.08
C ASP D 73 -28.23 6.61 -4.98
N VAL D 74 -27.37 5.76 -4.42
CA VAL D 74 -27.77 4.87 -3.34
C VAL D 74 -27.27 5.41 -2.01
N GLY D 75 -26.05 5.96 -2.03
CA GLY D 75 -25.50 6.55 -0.82
C GLY D 75 -24.53 5.73 0.00
N GLU D 76 -24.59 4.40 -0.09
CA GLU D 76 -23.69 3.54 0.66
C GLU D 76 -23.13 2.43 -0.20
N PHE D 77 -22.19 1.66 0.34
CA PHE D 77 -21.60 0.52 -0.36
C PHE D 77 -22.57 -0.64 -0.34
N ARG D 78 -22.46 -1.54 -1.30
CA ARG D 78 -23.34 -2.70 -1.37
C ARG D 78 -22.63 -3.89 -1.98
N ALA D 79 -22.56 -4.98 -1.23
CA ALA D 79 -21.93 -6.19 -1.71
C ALA D 79 -22.67 -6.70 -2.94
N VAL D 80 -21.93 -7.14 -3.95
CA VAL D 80 -22.55 -7.70 -5.15
C VAL D 80 -22.50 -9.21 -4.98
N THR D 81 -21.55 -9.66 -4.16
CA THR D 81 -21.41 -11.08 -3.87
C THR D 81 -20.87 -11.21 -2.46
N GLU D 82 -20.91 -12.43 -1.91
CA GLU D 82 -20.45 -12.70 -0.55
C GLU D 82 -19.10 -12.07 -0.26
N LEU D 83 -18.15 -12.35 -1.13
CA LEU D 83 -16.80 -11.86 -1.02
C LEU D 83 -16.67 -10.37 -0.71
N GLY D 84 -17.65 -9.56 -1.12
CA GLY D 84 -17.57 -8.14 -0.85
C GLY D 84 -18.36 -7.68 0.36
N ARG D 85 -19.02 -8.62 1.03
CA ARG D 85 -19.83 -8.28 2.20
C ARG D 85 -19.05 -7.58 3.33
N PRO D 86 -17.90 -8.14 3.74
CA PRO D 86 -17.09 -7.56 4.82
C PRO D 86 -16.78 -6.08 4.62
N ASP D 87 -16.42 -5.71 3.40
CA ASP D 87 -16.06 -4.34 3.09
C ASP D 87 -17.28 -3.45 3.13
N ALA D 88 -18.43 -4.00 2.76
CA ALA D 88 -19.66 -3.23 2.77
C ALA D 88 -19.90 -2.79 4.22
N GLU D 89 -19.93 -3.78 5.10
CA GLU D 89 -20.16 -3.56 6.51
C GLU D 89 -19.11 -2.66 7.15
N ASN D 90 -17.84 -2.91 6.86
CA ASN D 90 -16.77 -2.10 7.44
C ASN D 90 -16.87 -0.64 7.01
N TRP D 91 -16.94 -0.42 5.70
CA TRP D 91 -16.99 0.94 5.20
C TRP D 91 -18.26 1.74 5.48
N ASN D 92 -19.41 1.10 5.52
CA ASN D 92 -20.64 1.84 5.79
C ASN D 92 -20.70 2.28 7.25
N SER D 93 -19.93 1.63 8.11
CA SER D 93 -19.92 1.97 9.53
C SER D 93 -18.91 3.09 9.82
N GLN D 94 -18.30 3.63 8.77
CA GLN D 94 -17.33 4.70 8.93
C GLN D 94 -17.93 5.98 8.36
N PRO D 95 -18.77 6.66 9.16
CA PRO D 95 -19.42 7.90 8.73
C PRO D 95 -18.48 8.90 8.05
N GLU D 96 -17.28 9.05 8.62
CA GLU D 96 -16.32 9.98 8.06
C GLU D 96 -16.02 9.58 6.61
N PHE D 97 -15.74 8.30 6.41
CA PHE D 97 -15.42 7.80 5.07
C PHE D 97 -16.58 7.94 4.10
N LEU D 98 -17.76 7.46 4.49
CA LEU D 98 -18.92 7.54 3.64
C LEU D 98 -19.14 8.95 3.13
N GLU D 99 -19.12 9.90 4.06
CA GLU D 99 -19.31 11.30 3.72
C GLU D 99 -18.31 11.72 2.64
N GLN D 100 -17.06 11.31 2.80
CA GLN D 100 -16.02 11.65 1.83
C GLN D 100 -16.36 11.05 0.47
N LYS D 101 -16.85 9.81 0.47
CA LYS D 101 -17.21 9.10 -0.76
C LYS D 101 -18.38 9.79 -1.46
N ARG D 102 -19.40 10.12 -0.69
CA ARG D 102 -20.58 10.78 -1.21
C ARG D 102 -20.29 12.16 -1.80
N ALA D 103 -19.17 12.77 -1.40
CA ALA D 103 -18.84 14.10 -1.92
C ALA D 103 -17.96 14.06 -3.16
N GLU D 104 -17.38 12.89 -3.43
CA GLU D 104 -16.51 12.74 -4.58
C GLU D 104 -17.26 13.04 -5.86
N VAL D 105 -18.58 12.98 -5.80
CA VAL D 105 -19.39 13.27 -6.97
C VAL D 105 -19.16 14.73 -7.34
N ASP D 106 -18.75 15.54 -6.36
CA ASP D 106 -18.45 16.96 -6.59
C ASP D 106 -16.95 17.19 -6.58
N THR D 107 -16.28 16.69 -5.55
CA THR D 107 -14.84 16.89 -5.43
C THR D 107 -14.02 16.20 -6.50
N VAL D 108 -14.59 15.17 -7.14
CA VAL D 108 -13.87 14.48 -8.20
C VAL D 108 -14.56 14.53 -9.56
N CYS D 109 -15.76 13.97 -9.64
CA CYS D 109 -16.51 13.96 -10.89
C CYS D 109 -16.69 15.34 -11.51
N ARG D 110 -17.50 16.18 -10.86
CA ARG D 110 -17.74 17.53 -11.37
C ARG D 110 -16.44 18.33 -11.50
N HIS D 111 -15.54 18.16 -10.54
CA HIS D 111 -14.27 18.88 -10.58
C HIS D 111 -13.53 18.56 -11.87
N ASN D 112 -13.25 17.26 -12.08
CA ASN D 112 -12.52 16.86 -13.28
C ASN D 112 -13.32 17.15 -14.54
N TYR D 113 -14.64 17.12 -14.46
CA TYR D 113 -15.45 17.39 -15.64
C TYR D 113 -15.18 18.80 -16.17
N GLU D 114 -15.02 19.75 -15.24
CA GLU D 114 -14.76 21.13 -15.63
C GLU D 114 -13.37 21.30 -16.21
N ILE D 115 -12.43 20.48 -15.79
CA ILE D 115 -11.09 20.55 -16.34
C ILE D 115 -11.14 19.99 -17.75
N PHE D 116 -11.80 18.85 -17.92
CA PHE D 116 -11.91 18.21 -19.22
C PHE D 116 -12.85 18.92 -20.18
N ASP D 117 -13.79 19.68 -19.63
CA ASP D 117 -14.75 20.40 -20.46
C ASP D 117 -14.06 21.44 -21.36
N ASN D 118 -12.77 21.66 -21.15
CA ASN D 118 -12.03 22.65 -21.95
C ASN D 118 -11.31 22.11 -23.18
N PHE D 119 -10.95 20.83 -23.16
CA PHE D 119 -10.26 20.25 -24.32
C PHE D 119 -10.80 18.92 -24.82
N LEU D 120 -11.44 18.15 -23.93
CA LEU D 120 -11.98 16.85 -24.34
C LEU D 120 -13.41 16.96 -24.89
N VAL D 121 -14.34 17.41 -24.05
CA VAL D 121 -15.73 17.55 -24.48
C VAL D 121 -15.92 18.28 -25.80
N PRO D 122 -15.14 19.35 -26.06
CA PRO D 122 -15.32 20.05 -27.34
C PRO D 122 -14.44 19.55 -28.48
N ARG D 123 -13.54 18.61 -28.20
CA ARG D 123 -12.65 18.05 -29.21
C ARG D 123 -13.42 17.63 -30.47
N ARG D 124 -12.91 18.01 -31.63
CA ARG D 124 -13.58 17.66 -32.88
C ARG D 124 -12.53 17.46 -33.96
N VAL D 125 -12.69 16.41 -34.74
CA VAL D 125 -11.78 16.12 -35.84
C VAL D 125 -12.71 15.79 -36.99
N GLU D 126 -12.38 16.28 -38.19
CA GLU D 126 -13.24 16.04 -39.34
C GLU D 126 -12.91 14.76 -40.09
N PRO D 127 -13.96 13.99 -40.42
CA PRO D 127 -13.79 12.73 -41.14
C PRO D 127 -13.20 12.93 -42.54
N THR D 128 -12.59 11.87 -43.05
CA THR D 128 -12.02 11.86 -44.37
C THR D 128 -12.92 10.88 -45.11
N VAL D 129 -13.84 11.38 -45.92
CA VAL D 129 -14.77 10.52 -46.65
C VAL D 129 -14.26 10.08 -48.02
N THR D 130 -14.27 8.77 -48.25
CA THR D 130 -13.81 8.19 -49.52
C THR D 130 -14.82 7.16 -50.02
N VAL D 131 -14.94 7.02 -51.35
CA VAL D 131 -15.87 6.07 -51.93
C VAL D 131 -15.21 5.22 -53.02
N TYR D 132 -15.49 3.92 -53.00
CA TYR D 132 -14.90 3.00 -53.99
C TYR D 132 -15.57 1.62 -53.96
N PRO D 133 -15.47 0.87 -55.07
CA PRO D 133 -16.07 -0.46 -55.19
C PRO D 133 -15.06 -1.57 -54.90
N THR D 134 -15.56 -2.73 -54.46
CA THR D 134 -14.69 -3.86 -54.18
C THR D 134 -15.11 -5.11 -54.96
N LYS D 135 -14.15 -6.02 -55.13
CA LYS D 135 -14.33 -7.26 -55.88
C LYS D 135 -14.37 -7.01 -57.39
N THR D 136 -13.29 -7.39 -58.07
CA THR D 136 -13.19 -7.21 -59.53
C THR D 136 -12.71 -8.46 -60.25
N GLN D 137 -11.44 -8.84 -59.99
CA GLN D 137 -10.82 -10.02 -60.60
C GLN D 137 -10.27 -9.77 -62.00
N PRO D 138 -11.16 -9.76 -63.00
CA PRO D 138 -10.76 -9.55 -64.39
C PRO D 138 -11.52 -8.38 -65.04
N LEU D 139 -12.36 -8.71 -66.03
CA LEU D 139 -13.14 -7.72 -66.76
C LEU D 139 -13.87 -6.76 -65.83
N GLU D 140 -14.01 -7.18 -64.57
CA GLU D 140 -14.67 -6.42 -63.50
C GLU D 140 -16.14 -6.76 -63.28
N HIS D 141 -16.51 -6.89 -62.01
CA HIS D 141 -17.88 -7.20 -61.59
C HIS D 141 -18.00 -6.81 -60.12
N HIS D 142 -18.45 -5.58 -59.86
CA HIS D 142 -18.59 -5.11 -58.50
C HIS D 142 -20.01 -5.29 -58.00
N ASN D 143 -20.14 -5.69 -56.73
CA ASN D 143 -21.44 -5.88 -56.12
C ASN D 143 -21.51 -5.11 -54.81
N LEU D 144 -20.42 -4.42 -54.50
CA LEU D 144 -20.36 -3.65 -53.27
C LEU D 144 -19.67 -2.29 -53.47
N LEU D 145 -20.34 -1.25 -53.01
CA LEU D 145 -19.82 0.11 -53.10
C LEU D 145 -19.51 0.55 -51.66
N VAL D 146 -18.24 0.81 -51.39
CA VAL D 146 -17.81 1.19 -50.05
C VAL D 146 -17.61 2.67 -49.78
N CYS D 147 -18.32 3.18 -48.79
CA CYS D 147 -18.15 4.57 -48.40
C CYS D 147 -17.29 4.47 -47.15
N SER D 148 -16.05 4.91 -47.25
CA SER D 148 -15.12 4.87 -46.13
C SER D 148 -15.05 6.20 -45.39
N VAL D 149 -15.38 6.16 -44.11
CA VAL D 149 -15.34 7.33 -43.25
C VAL D 149 -14.28 7.08 -42.17
N SER D 150 -13.23 7.88 -42.17
CA SER D 150 -12.17 7.68 -41.19
C SER D 150 -11.64 8.93 -40.48
N ASP D 151 -10.83 8.68 -39.45
CA ASP D 151 -10.18 9.72 -38.64
C ASP D 151 -11.10 10.83 -38.16
N PHE D 152 -12.10 10.48 -37.36
CA PHE D 152 -13.01 11.49 -36.88
C PHE D 152 -13.31 11.35 -35.38
N TYR D 153 -13.89 12.41 -34.80
CA TYR D 153 -14.24 12.42 -33.39
C TYR D 153 -15.16 13.61 -33.15
N PRO D 154 -16.20 13.44 -32.33
CA PRO D 154 -16.56 12.20 -31.63
C PRO D 154 -17.11 11.09 -32.55
N GLY D 155 -17.45 9.95 -31.96
CA GLY D 155 -17.94 8.81 -32.72
C GLY D 155 -19.31 8.88 -33.38
N ASN D 156 -20.24 9.61 -32.78
CA ASN D 156 -21.57 9.72 -33.36
C ASN D 156 -21.49 10.29 -34.78
N ILE D 157 -21.76 9.45 -35.76
CA ILE D 157 -21.70 9.85 -37.15
C ILE D 157 -22.91 9.28 -37.90
N GLU D 158 -23.29 9.93 -38.99
CA GLU D 158 -24.44 9.48 -39.76
C GLU D 158 -24.08 9.35 -41.24
N VAL D 159 -24.28 8.17 -41.80
CA VAL D 159 -23.97 7.93 -43.21
C VAL D 159 -25.20 7.46 -44.00
N ARG D 160 -25.36 7.99 -45.20
CA ARG D 160 -26.49 7.65 -46.05
C ARG D 160 -26.02 7.47 -47.48
N TRP D 161 -26.69 6.58 -48.23
CA TRP D 161 -26.33 6.35 -49.62
C TRP D 161 -27.43 6.84 -50.57
N PHE D 162 -27.01 7.45 -51.67
CA PHE D 162 -27.96 7.96 -52.66
C PHE D 162 -27.60 7.46 -54.07
N ARG D 163 -28.63 7.11 -54.82
CA ARG D 163 -28.45 6.62 -56.19
C ARG D 163 -29.27 7.54 -57.10
N ASN D 164 -28.58 8.21 -58.01
CA ASN D 164 -29.23 9.14 -58.93
C ASN D 164 -30.20 10.05 -58.18
N GLY D 165 -29.72 10.67 -57.10
CA GLY D 165 -30.56 11.57 -56.34
C GLY D 165 -31.49 10.93 -55.32
N LYS D 166 -31.90 9.70 -55.56
CA LYS D 166 -32.80 9.00 -54.63
C LYS D 166 -31.99 8.20 -53.62
N GLU D 167 -32.35 8.30 -52.34
CA GLU D 167 -31.62 7.59 -51.29
C GLU D 167 -31.85 6.08 -51.37
N GLU D 168 -31.06 5.34 -50.61
CA GLU D 168 -31.17 3.89 -50.55
C GLU D 168 -31.30 3.53 -49.08
N LYS D 169 -32.23 2.65 -48.75
CA LYS D 169 -32.41 2.26 -47.36
C LYS D 169 -32.41 0.74 -47.20
N THR D 170 -31.90 0.05 -48.22
CA THR D 170 -31.81 -1.40 -48.20
C THR D 170 -30.52 -1.84 -48.90
N GLY D 171 -29.90 -2.89 -48.36
CA GLY D 171 -28.66 -3.38 -48.94
C GLY D 171 -27.45 -2.72 -48.30
N ILE D 172 -27.69 -2.02 -47.20
CA ILE D 172 -26.63 -1.33 -46.47
C ILE D 172 -26.02 -2.24 -45.39
N VAL D 173 -24.71 -2.37 -45.41
CA VAL D 173 -23.99 -3.18 -44.43
C VAL D 173 -22.87 -2.33 -43.88
N SER D 174 -22.45 -2.60 -42.64
CA SER D 174 -21.40 -1.80 -42.04
C SER D 174 -20.53 -2.58 -41.05
N THR D 175 -19.29 -2.11 -40.91
CA THR D 175 -18.34 -2.74 -39.99
C THR D 175 -18.61 -2.20 -38.60
N GLY D 176 -19.48 -1.20 -38.52
CA GLY D 176 -19.80 -0.59 -37.24
C GLY D 176 -18.80 0.50 -36.88
N LEU D 177 -19.09 1.21 -35.80
CA LEU D 177 -18.21 2.27 -35.36
C LEU D 177 -16.95 1.63 -34.77
N VAL D 178 -15.81 1.79 -35.41
CA VAL D 178 -14.60 1.20 -34.87
C VAL D 178 -13.67 2.20 -34.19
N ARG D 179 -13.35 1.91 -32.93
CA ARG D 179 -12.47 2.75 -32.12
C ARG D 179 -11.03 2.38 -32.45
N ASN D 180 -10.22 3.37 -32.82
CA ASN D 180 -8.82 3.10 -33.16
C ASN D 180 -7.88 3.14 -31.94
N GLY D 181 -8.36 3.70 -30.84
CA GLY D 181 -7.55 3.75 -29.64
C GLY D 181 -6.78 5.03 -29.40
N ASP D 182 -6.66 5.87 -30.43
CA ASP D 182 -5.93 7.13 -30.32
C ASP D 182 -6.83 8.34 -30.43
N TRP D 183 -8.09 8.17 -30.03
CA TRP D 183 -9.08 9.24 -30.07
C TRP D 183 -9.72 9.49 -31.43
N THR D 184 -9.54 8.54 -32.35
CA THR D 184 -10.16 8.63 -33.67
C THR D 184 -11.01 7.38 -33.89
N PHE D 185 -11.95 7.50 -34.80
CA PHE D 185 -12.85 6.42 -35.17
C PHE D 185 -12.78 6.25 -36.67
N GLN D 186 -13.27 5.11 -37.14
CA GLN D 186 -13.34 4.83 -38.57
C GLN D 186 -14.55 3.93 -38.72
N THR D 187 -15.01 3.76 -39.95
CA THR D 187 -16.18 2.92 -40.21
C THR D 187 -16.35 2.75 -41.70
N LEU D 188 -16.86 1.59 -42.10
CA LEU D 188 -17.12 1.31 -43.50
C LEU D 188 -18.61 1.03 -43.67
N VAL D 189 -19.29 1.91 -44.39
CA VAL D 189 -20.71 1.74 -44.66
C VAL D 189 -20.81 1.28 -46.11
N MET D 190 -21.14 0.01 -46.32
CA MET D 190 -21.24 -0.54 -47.66
C MET D 190 -22.66 -0.67 -48.20
N LEU D 191 -22.79 -0.49 -49.52
CA LEU D 191 -24.07 -0.60 -50.21
C LEU D 191 -23.99 -1.73 -51.25
N GLU D 192 -24.99 -2.59 -51.24
CA GLU D 192 -25.04 -3.72 -52.18
C GLU D 192 -25.79 -3.33 -53.45
N THR D 193 -25.05 -3.16 -54.54
CA THR D 193 -25.65 -2.82 -55.82
C THR D 193 -24.73 -3.24 -56.95
N VAL D 194 -25.30 -3.37 -58.13
CA VAL D 194 -24.52 -3.73 -59.30
C VAL D 194 -24.43 -2.44 -60.09
N PRO D 195 -23.24 -1.81 -60.06
CA PRO D 195 -23.00 -0.55 -60.75
C PRO D 195 -23.12 -0.67 -62.26
N GLN D 196 -23.93 0.20 -62.85
CA GLN D 196 -24.12 0.21 -64.29
C GLN D 196 -23.51 1.50 -64.84
N SER D 197 -22.77 1.37 -65.93
CA SER D 197 -22.10 2.48 -66.60
C SER D 197 -22.83 3.83 -66.54
N GLY D 198 -24.16 3.80 -66.54
CA GLY D 198 -24.90 5.03 -66.48
C GLY D 198 -25.58 5.33 -65.16
N GLU D 199 -24.79 5.34 -64.08
CA GLU D 199 -25.34 5.60 -62.74
C GLU D 199 -24.46 6.53 -61.92
N VAL D 200 -25.10 7.24 -60.99
CA VAL D 200 -24.41 8.17 -60.10
C VAL D 200 -24.75 7.87 -58.64
N TYR D 201 -23.72 7.48 -57.87
CA TYR D 201 -23.88 7.16 -56.46
C TYR D 201 -23.23 8.23 -55.58
N THR D 202 -23.88 8.55 -54.47
CA THR D 202 -23.33 9.56 -53.57
C THR D 202 -23.44 9.16 -52.09
N CYS D 203 -22.38 9.48 -51.34
CA CYS D 203 -22.35 9.18 -49.92
C CYS D 203 -22.43 10.51 -49.19
N GLN D 204 -23.41 10.64 -48.30
CA GLN D 204 -23.60 11.85 -47.51
C GLN D 204 -23.34 11.55 -46.02
N VAL D 205 -22.31 12.20 -45.47
CA VAL D 205 -21.93 12.01 -44.07
C VAL D 205 -22.21 13.24 -43.21
N GLU D 206 -22.95 13.02 -42.11
CA GLU D 206 -23.26 14.11 -41.18
C GLU D 206 -22.45 13.89 -39.91
N HIS D 207 -21.78 14.94 -39.45
CA HIS D 207 -20.93 14.85 -38.26
C HIS D 207 -20.84 16.20 -37.57
N PRO D 208 -20.94 16.22 -36.23
CA PRO D 208 -20.87 17.44 -35.42
C PRO D 208 -19.69 18.36 -35.71
N SER D 209 -18.68 17.84 -36.39
CA SER D 209 -17.50 18.64 -36.71
C SER D 209 -17.71 19.35 -38.05
N LEU D 210 -18.82 19.06 -38.70
CA LEU D 210 -19.14 19.64 -40.01
C LEU D 210 -20.32 20.60 -39.94
N THR D 211 -20.11 21.84 -40.36
CA THR D 211 -21.18 22.84 -40.35
C THR D 211 -22.33 22.31 -41.18
N ASP D 212 -21.98 21.66 -42.28
CA ASP D 212 -22.96 21.09 -43.19
C ASP D 212 -22.48 19.75 -43.75
N PRO D 213 -23.41 18.84 -44.06
CA PRO D 213 -23.15 17.50 -44.60
C PRO D 213 -22.13 17.44 -45.74
N VAL D 214 -21.26 16.44 -45.69
CA VAL D 214 -20.24 16.23 -46.72
C VAL D 214 -20.75 15.18 -47.70
N THR D 215 -20.43 15.33 -48.98
CA THR D 215 -20.88 14.37 -49.97
C THR D 215 -19.79 14.00 -50.96
N VAL D 216 -19.66 12.71 -51.22
CA VAL D 216 -18.69 12.25 -52.20
C VAL D 216 -19.50 11.58 -53.30
N GLU D 217 -19.10 11.79 -54.55
CA GLU D 217 -19.82 11.23 -55.67
C GLU D 217 -18.97 10.16 -56.35
N TRP D 218 -19.63 9.13 -56.88
CA TRP D 218 -18.94 8.05 -57.56
C TRP D 218 -19.78 7.47 -58.71
N LYS D 219 -19.21 7.45 -59.91
CA LYS D 219 -19.88 6.90 -61.10
C LYS D 219 -18.95 5.84 -61.68
N ALA D 220 -19.52 4.89 -62.42
CA ALA D 220 -18.72 3.84 -63.04
C ALA D 220 -18.17 4.30 -64.40
N ILE E 1 10.55 31.57 27.27
CA ILE E 1 10.98 32.74 26.43
C ILE E 1 10.35 32.66 25.04
N LYS E 2 10.72 31.61 24.29
CA LYS E 2 10.18 31.42 22.94
C LYS E 2 9.30 30.17 22.89
N GLU E 3 8.24 30.24 22.09
CA GLU E 3 7.32 29.13 21.95
C GLU E 3 7.91 28.07 21.01
N GLU E 4 8.74 27.20 21.57
CA GLU E 4 9.34 26.13 20.77
C GLU E 4 8.56 24.85 21.00
N HIS E 5 8.27 24.16 19.90
CA HIS E 5 7.51 22.92 19.99
C HIS E 5 7.87 21.99 18.85
N THR E 6 7.43 20.75 18.99
CA THR E 6 7.68 19.72 18.00
C THR E 6 6.43 18.89 17.80
N ILE E 7 6.07 18.68 16.54
CA ILE E 7 4.93 17.85 16.21
C ILE E 7 5.52 16.73 15.37
N ILE E 8 5.18 15.49 15.68
CA ILE E 8 5.73 14.37 14.93
C ILE E 8 4.72 13.35 14.47
N GLN E 9 4.82 12.97 13.21
CA GLN E 9 3.94 11.95 12.65
C GLN E 9 4.85 10.73 12.55
N ALA E 10 4.50 9.67 13.26
CA ALA E 10 5.31 8.46 13.24
C ALA E 10 4.48 7.29 12.74
N GLN E 11 5.04 6.54 11.80
CA GLN E 11 4.32 5.42 11.24
C GLN E 11 5.28 4.31 10.83
N PHE E 12 4.79 3.08 10.84
CA PHE E 12 5.62 1.96 10.44
C PHE E 12 4.78 0.76 10.09
N TYR E 13 5.46 -0.21 9.49
CA TYR E 13 4.86 -1.48 9.15
C TYR E 13 5.91 -2.52 9.51
N LEU E 14 5.50 -3.58 10.19
CA LEU E 14 6.43 -4.61 10.63
C LEU E 14 6.16 -6.03 10.14
N LEU E 15 7.22 -6.70 9.69
CA LEU E 15 7.13 -8.08 9.24
C LEU E 15 8.14 -8.87 10.05
N PRO E 16 7.88 -10.18 10.25
CA PRO E 16 6.73 -10.94 9.75
C PRO E 16 5.41 -10.77 10.50
N ASP E 17 5.39 -9.93 11.54
CA ASP E 17 4.16 -9.74 12.32
C ASP E 17 2.98 -9.16 11.55
N LYS E 18 3.26 -8.33 10.55
CA LYS E 18 2.20 -7.69 9.76
C LYS E 18 1.48 -6.66 10.63
N ARG E 19 2.27 -5.96 11.43
CA ARG E 19 1.77 -4.91 12.33
C ARG E 19 2.05 -3.52 11.79
N GLY E 20 1.10 -2.62 11.97
CA GLY E 20 1.29 -1.27 11.48
C GLY E 20 0.71 -0.26 12.44
N GLU E 21 1.30 0.93 12.47
CA GLU E 21 0.82 1.97 13.35
C GLU E 21 1.03 3.36 12.76
N PHE E 22 0.14 4.27 13.14
CA PHE E 22 0.21 5.63 12.66
C PHE E 22 -0.11 6.50 13.86
N MET E 23 0.73 7.49 14.16
CA MET E 23 0.42 8.36 15.29
C MET E 23 1.07 9.72 15.24
N PHE E 24 0.48 10.64 15.99
CA PHE E 24 1.00 12.00 16.08
C PHE E 24 1.54 12.20 17.46
N ASP E 25 2.56 13.05 17.55
CA ASP E 25 3.23 13.34 18.81
C ASP E 25 3.40 14.84 18.97
N PHE E 26 3.04 15.33 20.15
CA PHE E 26 3.20 16.74 20.45
C PHE E 26 4.20 16.86 21.62
N ASP E 27 5.36 17.45 21.35
CA ASP E 27 6.38 17.59 22.39
C ASP E 27 6.65 16.33 23.21
N GLY E 28 6.60 15.16 22.59
CA GLY E 28 6.86 13.94 23.34
C GLY E 28 5.66 13.17 23.85
N ASP E 29 4.46 13.70 23.64
CA ASP E 29 3.25 12.99 24.08
C ASP E 29 2.37 12.66 22.88
N GLU E 30 1.61 11.58 23.02
CA GLU E 30 0.73 11.13 21.96
C GLU E 30 -0.54 11.97 21.85
N ILE E 31 -0.85 12.43 20.66
CA ILE E 31 -2.07 13.19 20.46
C ILE E 31 -3.15 12.16 20.16
N PHE E 32 -2.85 11.27 19.22
CA PHE E 32 -3.75 10.19 18.82
C PHE E 32 -3.00 9.17 17.98
N HIS E 33 -3.60 8.01 17.78
CA HIS E 33 -3.01 6.97 16.94
C HIS E 33 -4.16 6.33 16.19
N VAL E 34 -3.86 5.63 15.11
CA VAL E 34 -4.93 4.99 14.38
C VAL E 34 -4.83 3.46 14.48
N ASP E 35 -5.96 2.84 14.82
CA ASP E 35 -6.01 1.40 14.92
C ASP E 35 -6.09 0.84 13.49
N ILE E 36 -4.96 0.39 12.94
CA ILE E 36 -4.96 -0.14 11.57
C ILE E 36 -6.03 -1.22 11.42
N GLU E 37 -6.46 -1.78 12.55
CA GLU E 37 -7.46 -2.83 12.55
C GLU E 37 -8.87 -2.28 12.54
N LYS E 38 -9.17 -1.42 13.50
CA LYS E 38 -10.50 -0.85 13.60
C LYS E 38 -10.71 0.41 12.78
N SER E 39 -9.71 0.77 11.96
CA SER E 39 -9.83 1.96 11.12
C SER E 39 -10.46 3.07 11.94
N GLU E 40 -9.90 3.35 13.10
CA GLU E 40 -10.46 4.37 13.97
C GLU E 40 -9.44 5.29 14.62
N THR E 41 -9.80 6.57 14.71
CA THR E 41 -8.94 7.55 15.33
C THR E 41 -9.18 7.49 16.83
N ILE E 42 -8.11 7.24 17.58
CA ILE E 42 -8.18 7.11 19.05
C ILE E 42 -7.31 8.16 19.73
N TRP E 43 -7.94 9.17 20.31
CA TRP E 43 -7.20 10.23 21.00
C TRP E 43 -6.63 9.76 22.32
N ARG E 44 -5.46 10.31 22.68
CA ARG E 44 -4.82 9.91 23.93
C ARG E 44 -5.69 10.39 25.09
N LEU E 45 -6.17 11.61 24.98
CA LEU E 45 -7.07 12.19 25.98
C LEU E 45 -8.41 12.49 25.32
N GLU E 46 -9.45 11.79 25.78
CA GLU E 46 -10.81 11.96 25.26
C GLU E 46 -11.14 13.41 24.92
N GLU E 47 -10.74 14.32 25.79
CA GLU E 47 -10.99 15.75 25.59
C GLU E 47 -10.41 16.36 24.32
N PHE E 48 -9.49 15.67 23.66
CA PHE E 48 -8.91 16.23 22.44
C PHE E 48 -9.87 16.18 21.26
N ALA E 49 -10.83 15.27 21.32
CA ALA E 49 -11.80 15.09 20.24
C ALA E 49 -12.68 16.30 19.99
N LYS E 50 -12.86 17.13 21.02
CA LYS E 50 -13.69 18.32 20.94
C LYS E 50 -13.00 19.46 20.23
N PHE E 51 -11.71 19.30 19.94
CA PHE E 51 -10.94 20.37 19.32
C PHE E 51 -10.45 20.06 17.92
N ALA E 52 -10.59 18.81 17.50
CA ALA E 52 -10.13 18.44 16.18
C ALA E 52 -10.60 17.05 15.79
N SER E 53 -10.38 16.72 14.52
CA SER E 53 -10.75 15.41 14.01
C SER E 53 -9.63 15.01 13.06
N PHE E 54 -9.65 13.75 12.63
CA PHE E 54 -8.64 13.29 11.72
C PHE E 54 -9.20 12.04 11.08
N GLU E 55 -9.16 11.99 9.75
CA GLU E 55 -9.69 10.88 8.99
C GLU E 55 -8.78 9.66 9.02
N ALA E 56 -9.28 8.57 9.60
CA ALA E 56 -8.53 7.33 9.73
C ALA E 56 -8.10 6.65 8.43
N GLN E 57 -8.96 6.64 7.41
CA GLN E 57 -8.61 5.98 6.15
C GLN E 57 -7.33 6.53 5.56
N GLY E 58 -7.18 7.85 5.62
CA GLY E 58 -5.96 8.46 5.11
C GLY E 58 -4.74 7.89 5.80
N ALA E 59 -4.90 7.50 7.06
CA ALA E 59 -3.80 6.92 7.81
C ALA E 59 -3.57 5.48 7.37
N LEU E 60 -4.66 4.74 7.19
CA LEU E 60 -4.52 3.36 6.73
C LEU E 60 -3.86 3.42 5.35
N ALA E 61 -4.16 4.47 4.61
CA ALA E 61 -3.57 4.66 3.29
C ALA E 61 -2.04 4.79 3.46
N ASN E 62 -1.60 5.73 4.30
CA ASN E 62 -0.15 5.92 4.56
C ASN E 62 0.51 4.60 4.96
N ILE E 63 -0.15 3.84 5.83
CA ILE E 63 0.37 2.54 6.27
C ILE E 63 0.55 1.62 5.04
N ALA E 64 -0.44 1.61 4.15
CA ALA E 64 -0.38 0.79 2.95
C ALA E 64 0.87 1.17 2.15
N VAL E 65 1.15 2.47 2.08
CA VAL E 65 2.36 2.91 1.39
C VAL E 65 3.61 2.33 2.07
N ASN E 66 3.65 2.33 3.41
CA ASN E 66 4.80 1.79 4.15
C ASN E 66 4.93 0.29 3.92
N LYS E 67 3.80 -0.36 3.72
CA LYS E 67 3.78 -1.82 3.50
C LYS E 67 4.43 -2.13 2.16
N ALA E 68 4.10 -1.35 1.15
CA ALA E 68 4.63 -1.53 -0.19
C ALA E 68 6.13 -1.24 -0.17
N ASN E 69 6.50 -0.13 0.48
CA ASN E 69 7.89 0.26 0.59
C ASN E 69 8.70 -0.77 1.37
N LEU E 70 8.09 -1.39 2.38
CA LEU E 70 8.79 -2.38 3.15
C LEU E 70 9.26 -3.52 2.26
N ASP E 71 8.43 -3.92 1.30
CA ASP E 71 8.84 -5.01 0.41
C ASP E 71 10.04 -4.61 -0.43
N VAL E 72 10.04 -3.38 -0.93
CA VAL E 72 11.16 -2.91 -1.73
C VAL E 72 12.43 -2.91 -0.88
N MET E 73 12.34 -2.40 0.35
CA MET E 73 13.51 -2.39 1.22
C MET E 73 14.00 -3.82 1.47
N LYS E 74 13.09 -4.78 1.58
CA LYS E 74 13.55 -6.14 1.80
C LYS E 74 14.35 -6.64 0.59
N GLU E 75 13.89 -6.32 -0.62
CA GLU E 75 14.60 -6.71 -1.85
C GLU E 75 15.95 -6.00 -1.91
N ARG E 76 15.93 -4.68 -1.68
CA ARG E 76 17.14 -3.85 -1.73
C ARG E 76 18.23 -4.23 -0.74
N SER E 77 17.89 -4.96 0.32
CA SER E 77 18.91 -5.34 1.30
C SER E 77 19.12 -6.84 1.33
N ASN E 78 18.49 -7.53 0.38
CA ASN E 78 18.55 -8.98 0.25
C ASN E 78 18.11 -9.69 1.52
N ASN E 79 17.00 -9.22 2.09
CA ASN E 79 16.44 -9.81 3.32
C ASN E 79 17.45 -9.96 4.44
N THR E 80 18.43 -9.07 4.49
CA THR E 80 19.43 -9.13 5.53
C THR E 80 18.84 -8.47 6.79
N PRO E 81 18.76 -9.24 7.88
CA PRO E 81 18.21 -8.69 9.12
C PRO E 81 19.23 -8.12 10.10
N ASP E 82 18.72 -7.34 11.05
CA ASP E 82 19.54 -6.75 12.09
C ASP E 82 19.21 -7.48 13.39
N ALA E 83 20.02 -7.26 14.43
CA ALA E 83 19.81 -7.90 15.71
C ALA E 83 18.71 -7.18 16.49
N ASN E 84 17.97 -7.93 17.31
CA ASN E 84 16.90 -7.36 18.12
C ASN E 84 17.53 -6.55 19.25
N VAL E 85 16.94 -5.39 19.56
CA VAL E 85 17.45 -4.54 20.64
C VAL E 85 16.51 -4.65 21.83
N ALA E 86 16.97 -5.32 22.88
CA ALA E 86 16.17 -5.52 24.09
C ALA E 86 15.87 -4.21 24.79
N PRO E 87 14.72 -4.13 25.48
CA PRO E 87 14.31 -2.93 26.22
C PRO E 87 14.78 -2.81 27.66
N GLU E 88 14.84 -1.56 28.14
CA GLU E 88 15.17 -1.26 29.52
C GLU E 88 13.77 -1.19 30.13
N VAL E 89 13.56 -1.79 31.29
CA VAL E 89 12.25 -1.75 31.91
C VAL E 89 12.29 -1.10 33.29
N THR E 90 11.37 -0.19 33.53
CA THR E 90 11.29 0.52 34.81
C THR E 90 9.85 0.55 35.32
N VAL E 91 9.67 0.25 36.60
CA VAL E 91 8.35 0.27 37.21
C VAL E 91 8.31 1.31 38.33
N LEU E 92 7.46 2.31 38.18
CA LEU E 92 7.34 3.35 39.19
C LEU E 92 5.88 3.70 39.42
N SER E 93 5.59 4.36 40.54
CA SER E 93 4.22 4.76 40.83
C SER E 93 3.95 6.04 40.05
N ARG E 94 2.73 6.19 39.55
CA ARG E 94 2.40 7.37 38.78
C ARG E 94 2.42 8.59 39.68
N SER E 95 2.10 8.39 40.95
CA SER E 95 2.10 9.47 41.93
C SER E 95 2.35 8.94 43.33
N PRO E 96 2.73 9.82 44.27
CA PRO E 96 3.01 9.42 45.64
C PRO E 96 2.01 8.36 46.15
N VAL E 97 2.55 7.30 46.75
CA VAL E 97 1.72 6.21 47.23
C VAL E 97 1.36 6.26 48.70
N ASN E 98 0.06 6.21 48.99
CA ASN E 98 -0.45 6.24 50.35
C ASN E 98 -1.34 5.03 50.54
N LEU E 99 -1.09 4.26 51.61
CA LEU E 99 -1.89 3.07 51.88
C LEU E 99 -3.39 3.31 51.67
N GLY E 100 -4.07 2.29 51.17
CA GLY E 100 -5.51 2.35 50.94
C GLY E 100 -5.98 3.36 49.90
N GLU E 101 -5.06 4.17 49.38
CA GLU E 101 -5.42 5.16 48.38
C GLU E 101 -5.05 4.70 46.96
N PRO E 102 -6.07 4.31 46.17
CA PRO E 102 -5.90 3.85 44.78
C PRO E 102 -4.95 4.70 43.94
N ASN E 103 -3.93 4.03 43.41
CA ASN E 103 -2.93 4.69 42.60
C ASN E 103 -2.73 3.90 41.30
N ILE E 104 -1.64 4.21 40.60
CA ILE E 104 -1.32 3.58 39.33
C ILE E 104 0.14 3.18 39.22
N LEU E 105 0.40 1.96 38.78
CA LEU E 105 1.77 1.54 38.57
C LEU E 105 2.07 1.75 37.08
N ILE E 106 3.25 2.28 36.81
CA ILE E 106 3.68 2.53 35.45
C ILE E 106 4.78 1.58 35.05
N CYS E 107 4.60 0.86 33.94
CA CYS E 107 5.67 0.00 33.49
C CYS E 107 6.23 0.67 32.24
N PHE E 108 7.36 1.35 32.41
CA PHE E 108 8.04 2.06 31.32
C PHE E 108 9.01 1.15 30.58
N ILE E 109 8.72 0.93 29.30
CA ILE E 109 9.52 0.08 28.42
C ILE E 109 10.22 1.03 27.42
N ASP E 110 11.55 1.08 27.48
CA ASP E 110 12.34 2.01 26.66
C ASP E 110 13.48 1.40 25.82
N LYS E 111 13.91 2.14 24.79
CA LYS E 111 15.02 1.74 23.91
C LYS E 111 15.02 0.33 23.31
N PHE E 112 13.95 -0.04 22.63
CA PHE E 112 13.93 -1.37 22.03
C PHE E 112 13.43 -1.33 20.60
N SER E 113 13.56 -2.48 19.93
CA SER E 113 13.13 -2.63 18.56
C SER E 113 13.35 -4.10 18.22
N PRO E 114 12.45 -4.70 17.43
CA PRO E 114 11.26 -4.14 16.80
C PRO E 114 10.16 -3.74 17.77
N PRO E 115 9.17 -2.99 17.28
CA PRO E 115 8.04 -2.53 18.10
C PRO E 115 7.03 -3.62 18.34
N VAL E 116 7.42 -4.61 19.12
CA VAL E 116 6.54 -5.73 19.49
C VAL E 116 6.99 -6.20 20.86
N VAL E 117 6.05 -6.38 21.78
CA VAL E 117 6.39 -6.85 23.12
C VAL E 117 5.21 -7.50 23.81
N ASN E 118 5.52 -8.40 24.72
CA ASN E 118 4.50 -9.07 25.51
C ASN E 118 4.72 -8.58 26.94
N VAL E 119 3.68 -7.98 27.50
CA VAL E 119 3.75 -7.45 28.83
C VAL E 119 2.72 -8.13 29.71
N THR E 120 3.17 -8.61 30.87
CA THR E 120 2.31 -9.29 31.82
C THR E 120 2.46 -8.62 33.17
N TRP E 121 1.36 -8.11 33.71
CA TRP E 121 1.38 -7.47 35.02
C TRP E 121 1.16 -8.58 36.05
N LEU E 122 1.93 -8.54 37.13
CA LEU E 122 1.80 -9.54 38.17
C LEU E 122 1.61 -8.97 39.55
N ARG E 123 0.56 -9.43 40.21
CA ARG E 123 0.23 -9.01 41.58
C ARG E 123 0.40 -10.26 42.42
N ASN E 124 1.28 -10.19 43.41
CA ASN E 124 1.56 -11.32 44.29
C ASN E 124 1.83 -12.57 43.46
N GLY E 125 2.60 -12.39 42.39
CA GLY E 125 2.96 -13.50 41.52
C GLY E 125 1.80 -14.04 40.70
N ARG E 126 0.71 -13.30 40.63
CA ARG E 126 -0.44 -13.76 39.85
C ARG E 126 -0.78 -12.80 38.72
N PRO E 127 -0.98 -13.35 37.50
CA PRO E 127 -1.32 -12.56 36.31
C PRO E 127 -2.54 -11.70 36.56
N VAL E 128 -2.48 -10.44 36.15
CA VAL E 128 -3.58 -9.52 36.35
C VAL E 128 -4.10 -8.97 35.03
N THR E 129 -5.42 -8.98 34.86
CA THR E 129 -6.04 -8.47 33.63
C THR E 129 -7.03 -7.31 33.86
N GLU E 130 -7.46 -7.13 35.11
CA GLU E 130 -8.40 -6.07 35.46
C GLU E 130 -7.67 -4.77 35.78
N GLY E 131 -8.12 -3.68 35.17
CA GLY E 131 -7.49 -2.38 35.43
C GLY E 131 -6.15 -2.12 34.76
N VAL E 132 -5.78 -2.92 33.77
CA VAL E 132 -4.53 -2.70 33.06
C VAL E 132 -4.81 -1.92 31.80
N SER E 133 -3.83 -1.18 31.31
CA SER E 133 -3.98 -0.40 30.09
C SER E 133 -2.62 -0.22 29.45
N GLU E 134 -2.58 0.43 28.30
CA GLU E 134 -1.32 0.63 27.61
C GLU E 134 -1.43 1.64 26.47
N THR E 135 -0.27 2.15 26.05
CA THR E 135 -0.17 3.10 24.95
C THR E 135 0.33 2.29 23.74
N VAL E 136 0.42 2.92 22.58
CA VAL E 136 0.95 2.24 21.41
C VAL E 136 2.46 2.46 21.45
N PHE E 137 3.17 1.98 20.45
CA PHE E 137 4.61 2.17 20.43
C PHE E 137 4.92 3.63 20.12
N LEU E 138 5.58 4.31 21.06
CA LEU E 138 5.89 5.72 20.90
C LEU E 138 7.28 5.97 20.34
N PRO E 139 7.51 7.14 19.73
CA PRO E 139 8.83 7.45 19.18
C PRO E 139 9.80 8.04 20.21
N ARG E 140 11.10 7.93 19.92
CA ARG E 140 12.17 8.48 20.75
C ARG E 140 12.92 9.39 19.77
N ASP E 141 14.09 9.91 20.15
CA ASP E 141 14.84 10.78 19.23
C ASP E 141 15.62 9.96 18.20
N ASP E 142 15.79 8.67 18.45
CA ASP E 142 16.52 7.82 17.53
C ASP E 142 15.63 6.88 16.72
N HIS E 143 16.10 5.64 16.55
CA HIS E 143 15.37 4.65 15.77
C HIS E 143 14.62 3.65 16.64
N LEU E 144 14.83 3.72 17.94
CA LEU E 144 14.19 2.81 18.88
C LEU E 144 12.80 3.28 19.38
N PHE E 145 12.09 2.42 20.09
CA PHE E 145 10.76 2.78 20.59
C PHE E 145 10.62 2.76 22.11
N ARG E 146 9.55 3.37 22.61
CA ARG E 146 9.26 3.38 24.03
C ARG E 146 7.78 3.08 24.17
N LYS E 147 7.37 2.62 25.34
CA LYS E 147 5.97 2.28 25.53
C LYS E 147 5.61 2.25 27.03
N PHE E 148 4.36 2.58 27.34
CA PHE E 148 3.88 2.58 28.72
C PHE E 148 2.78 1.58 28.93
N HIS E 149 2.81 0.93 30.10
CA HIS E 149 1.77 0.01 30.51
C HIS E 149 1.36 0.53 31.87
N TYR E 150 0.09 0.36 32.22
CA TYR E 150 -0.43 0.85 33.46
C TYR E 150 -1.22 -0.23 34.23
N LEU E 151 -1.18 -0.13 35.56
CA LEU E 151 -1.91 -1.07 36.41
C LEU E 151 -2.50 -0.33 37.59
N THR E 152 -3.83 -0.25 37.66
CA THR E 152 -4.48 0.43 38.79
C THR E 152 -4.39 -0.49 39.99
N PHE E 153 -4.04 0.05 41.15
CA PHE E 153 -3.89 -0.81 42.32
C PHE E 153 -4.20 -0.15 43.64
N LEU E 154 -4.51 -0.98 44.64
CA LEU E 154 -4.80 -0.49 45.99
C LEU E 154 -3.54 -0.64 46.84
N PRO E 155 -2.92 0.49 47.25
CA PRO E 155 -1.71 0.52 48.07
C PRO E 155 -1.83 -0.27 49.37
N SER E 156 -1.01 -1.30 49.51
CA SER E 156 -1.02 -2.14 50.71
C SER E 156 0.37 -2.64 51.07
N THR E 157 0.57 -2.94 52.36
CA THR E 157 1.85 -3.44 52.84
C THR E 157 1.94 -4.91 52.45
N ASP E 158 0.78 -5.51 52.22
CA ASP E 158 0.71 -6.92 51.83
C ASP E 158 1.31 -7.21 50.45
N ASP E 159 0.51 -7.02 49.40
CA ASP E 159 0.91 -7.29 48.02
C ASP E 159 2.20 -6.71 47.48
N PHE E 160 2.73 -7.39 46.47
CA PHE E 160 3.95 -6.99 45.76
C PHE E 160 3.67 -7.18 44.26
N TYR E 161 4.28 -6.36 43.42
CA TYR E 161 4.03 -6.44 41.99
C TYR E 161 5.26 -6.65 41.11
N ASP E 162 5.00 -7.18 39.91
CA ASP E 162 6.05 -7.43 38.95
C ASP E 162 5.53 -7.13 37.56
N CYS E 163 6.30 -6.39 36.78
CA CYS E 163 5.91 -6.13 35.40
C CYS E 163 6.80 -7.05 34.56
N GLU E 164 6.20 -8.04 33.90
CA GLU E 164 6.97 -8.95 33.09
C GLU E 164 6.92 -8.60 31.60
N VAL E 165 8.08 -8.27 31.04
CA VAL E 165 8.21 -7.88 29.65
C VAL E 165 9.03 -8.88 28.86
N ASP E 166 8.44 -9.46 27.81
CA ASP E 166 9.14 -10.41 26.96
C ASP E 166 9.34 -9.78 25.59
N HIS E 167 10.56 -9.87 25.07
CA HIS E 167 10.91 -9.28 23.78
C HIS E 167 11.91 -10.19 23.05
N TRP E 168 11.81 -10.25 21.73
CA TRP E 168 12.70 -11.11 20.94
C TRP E 168 14.18 -10.90 21.22
N GLY E 169 14.52 -9.75 21.79
CA GLY E 169 15.91 -9.46 22.08
C GLY E 169 16.32 -9.96 23.45
N LEU E 170 15.37 -10.45 24.24
CA LEU E 170 15.68 -10.95 25.58
C LEU E 170 15.81 -12.48 25.64
N GLU E 171 16.88 -12.95 26.27
CA GLU E 171 17.13 -14.38 26.44
C GLU E 171 15.94 -14.96 27.19
N GLU E 172 15.67 -14.39 28.35
CA GLU E 172 14.58 -14.78 29.23
C GLU E 172 13.73 -13.55 29.57
N PRO E 173 12.41 -13.72 29.69
CA PRO E 173 11.53 -12.59 30.03
C PRO E 173 12.14 -11.75 31.12
N LEU E 174 11.93 -10.45 31.05
CA LEU E 174 12.46 -9.53 32.05
C LEU E 174 11.33 -9.20 33.01
N ARG E 175 11.63 -9.19 34.30
CA ARG E 175 10.61 -8.89 35.30
C ARG E 175 11.11 -7.86 36.30
N LYS E 176 10.42 -6.73 36.36
CA LYS E 176 10.82 -5.70 37.30
C LYS E 176 9.85 -5.79 38.47
N HIS E 177 10.40 -5.73 39.68
CA HIS E 177 9.62 -5.85 40.88
C HIS E 177 9.29 -4.51 41.51
N TRP E 178 8.20 -4.45 42.26
CA TRP E 178 7.79 -3.23 42.94
C TRP E 178 6.88 -3.55 44.12
N GLU E 179 7.16 -2.93 45.25
CA GLU E 179 6.38 -3.11 46.47
C GLU E 179 6.33 -1.78 47.21
N PHE E 180 5.46 -1.67 48.19
CA PHE E 180 5.32 -0.44 48.95
C PHE E 180 6.38 -0.33 50.05
N GLU E 181 6.84 0.89 50.31
CA GLU E 181 7.85 1.13 51.33
C GLU E 181 7.59 2.48 52.00
N GLU E 182 6.82 2.46 53.08
CA GLU E 182 6.47 3.66 53.82
C GLU E 182 7.72 4.44 54.26
N GLY F 5 -10.97 24.70 5.35
CA GLY F 5 -10.88 23.75 6.50
C GLY F 5 -9.70 24.03 7.41
N LYS F 6 -9.96 24.08 8.72
CA LYS F 6 -8.91 24.35 9.70
C LYS F 6 -9.18 23.63 11.02
N LYS F 7 -9.92 22.52 10.95
CA LYS F 7 -10.24 21.73 12.14
C LYS F 7 -9.89 20.27 11.85
N VAL F 8 -9.47 20.01 10.61
CA VAL F 8 -9.09 18.68 10.16
C VAL F 8 -7.57 18.58 10.05
N ILE F 9 -7.00 17.70 10.87
CA ILE F 9 -5.55 17.51 10.90
C ILE F 9 -5.08 16.83 9.62
N THR F 10 -4.09 17.43 8.98
CA THR F 10 -3.57 16.87 7.73
C THR F 10 -2.31 16.04 7.97
N ALA F 11 -2.24 14.92 7.25
CA ALA F 11 -1.13 13.99 7.34
C ALA F 11 -0.10 14.21 6.24
N PHE F 12 1.17 13.98 6.56
CA PHE F 12 2.25 14.11 5.59
C PHE F 12 2.01 12.99 4.59
N ASN F 13 2.31 13.27 3.32
CA ASN F 13 2.12 12.30 2.26
C ASN F 13 3.41 11.53 1.98
N GLU F 14 3.36 10.20 2.11
CA GLU F 14 4.55 9.41 1.89
C GLU F 14 4.72 9.02 0.43
N GLY F 15 5.96 9.08 -0.06
CA GLY F 15 6.24 8.73 -1.43
C GLY F 15 6.50 7.24 -1.60
N LEU F 16 6.35 6.75 -2.83
CA LEU F 16 6.56 5.33 -3.14
C LEU F 16 7.98 5.06 -3.59
N LYS F 17 8.58 4.01 -3.06
CA LYS F 17 9.95 3.69 -3.43
C LYS F 17 10.00 2.80 -4.65
N GLY F 18 11.11 2.86 -5.39
CA GLY F 18 11.24 2.05 -6.59
C GLY F 18 12.41 1.10 -6.53
N GLY F 19 12.72 0.46 -7.65
CA GLY F 19 13.81 -0.49 -7.75
C GLY F 19 15.17 0.17 -7.91
N GLY F 20 16.23 -0.64 -7.91
CA GLY F 20 17.57 -0.11 -8.04
C GLY F 20 18.34 -0.05 -6.72
N GLY F 21 19.65 0.19 -6.82
CA GLY F 21 20.49 0.26 -5.64
C GLY F 21 20.48 -0.96 -4.73
N SER F 22 20.36 -2.16 -5.31
CA SER F 22 20.32 -3.37 -4.50
C SER F 22 21.69 -3.65 -3.88
N LEU F 23 21.68 -4.09 -2.63
CA LEU F 23 22.93 -4.34 -1.92
C LEU F 23 23.09 -5.75 -1.36
N VAL F 24 24.34 -6.16 -1.20
CA VAL F 24 24.70 -7.48 -0.67
C VAL F 24 24.06 -7.64 0.71
N GLY F 25 23.67 -6.51 1.28
CA GLY F 25 23.04 -6.52 2.59
C GLY F 25 24.02 -6.64 3.75
N GLY F 26 24.67 -7.80 3.85
CA GLY F 26 25.62 -8.02 4.93
C GLY F 26 24.89 -8.13 6.26
N GLY F 27 24.62 -6.98 6.88
CA GLY F 27 23.92 -6.94 8.16
C GLY F 27 24.84 -7.00 9.36
N SER F 28 24.37 -7.65 10.43
CA SER F 28 25.14 -7.78 11.65
C SER F 28 25.47 -9.26 11.89
N GLY F 29 24.44 -10.10 11.87
CA GLY F 29 24.65 -11.53 12.08
C GLY F 29 24.09 -12.03 13.39
N GLY F 30 22.83 -12.46 13.37
CA GLY F 30 22.21 -12.97 14.58
C GLY F 30 22.28 -14.49 14.69
N GLY F 31 21.87 -15.17 13.62
CA GLY F 31 21.89 -16.63 13.62
C GLY F 31 20.67 -17.20 14.32
N GLY F 32 20.62 -17.06 15.64
CA GLY F 32 19.49 -17.58 16.40
C GLY F 32 18.37 -16.56 16.57
N SER F 33 18.72 -15.28 16.54
CA SER F 33 17.75 -14.21 16.71
C SER F 33 16.71 -14.19 15.60
N ARG F 34 15.43 -14.10 15.98
CA ARG F 34 14.36 -14.08 15.00
C ARG F 34 14.44 -12.86 14.09
N PRO F 35 14.31 -13.07 12.77
CA PRO F 35 14.36 -12.01 11.75
C PRO F 35 13.12 -11.12 11.77
N TRP F 36 13.34 -9.82 11.54
CA TRP F 36 12.26 -8.85 11.50
C TRP F 36 12.62 -7.78 10.46
N PHE F 37 11.62 -7.13 9.90
CA PHE F 37 11.83 -6.13 8.87
C PHE F 37 10.86 -4.99 9.13
N LEU F 38 11.41 -3.81 9.37
CA LEU F 38 10.63 -2.64 9.70
C LEU F 38 10.88 -1.44 8.79
N GLU F 39 9.78 -0.88 8.28
CA GLU F 39 9.82 0.31 7.44
C GLU F 39 9.22 1.35 8.38
N TYR F 40 10.06 2.27 8.82
CA TYR F 40 9.67 3.27 9.80
C TYR F 40 10.00 4.67 9.34
N CYS F 41 9.01 5.53 9.42
CA CYS F 41 9.18 6.90 9.00
C CYS F 41 8.64 7.88 10.05
N LYS F 42 9.38 8.95 10.29
CA LYS F 42 8.94 9.96 11.25
C LYS F 42 9.08 11.31 10.60
N SER F 43 8.00 12.08 10.62
CA SER F 43 8.03 13.41 10.04
C SER F 43 7.97 14.37 11.20
N GLU F 44 9.02 15.16 11.38
CA GLU F 44 9.06 16.09 12.50
C GLU F 44 8.90 17.56 12.13
N CYS F 45 7.92 18.22 12.74
CA CYS F 45 7.72 19.65 12.51
C CYS F 45 8.34 20.35 13.71
N HIS F 46 9.39 21.13 13.47
CA HIS F 46 10.06 21.87 14.53
C HIS F 46 9.62 23.32 14.48
N PHE F 47 9.07 23.81 15.58
CA PHE F 47 8.58 25.17 15.66
C PHE F 47 9.41 26.07 16.58
N TYR F 48 9.73 27.26 16.07
CA TYR F 48 10.49 28.25 16.82
C TYR F 48 9.67 29.53 16.89
N ASN F 49 9.22 29.86 18.10
CA ASN F 49 8.38 31.04 18.32
C ASN F 49 7.14 30.87 17.44
N GLY F 50 6.39 29.80 17.70
CA GLY F 50 5.20 29.52 16.94
C GLY F 50 5.52 29.17 15.49
N THR F 51 4.70 29.68 14.58
CA THR F 51 4.88 29.43 13.15
C THR F 51 5.89 30.36 12.49
N GLN F 52 6.46 31.28 13.28
CA GLN F 52 7.46 32.21 12.75
C GLN F 52 8.50 31.43 11.96
N ARG F 53 9.20 30.50 12.63
CA ARG F 53 10.21 29.69 11.93
C ARG F 53 9.87 28.21 12.06
N VAL F 54 9.85 27.53 10.92
CA VAL F 54 9.54 26.13 10.92
C VAL F 54 10.52 25.35 10.07
N ARG F 55 10.90 24.19 10.59
CA ARG F 55 11.82 23.30 9.88
C ARG F 55 11.18 21.91 9.86
N LEU F 56 11.11 21.34 8.67
CA LEU F 56 10.53 20.03 8.52
C LEU F 56 11.67 19.03 8.35
N LEU F 57 11.63 17.97 9.15
CA LEU F 57 12.66 16.95 9.04
C LEU F 57 11.98 15.60 8.99
N VAL F 58 12.13 14.91 7.85
CA VAL F 58 11.55 13.60 7.68
C VAL F 58 12.70 12.62 7.79
N ARG F 59 12.48 11.53 8.51
CA ARG F 59 13.54 10.56 8.70
C ARG F 59 13.06 9.14 8.44
N TYR F 60 13.78 8.44 7.57
CA TYR F 60 13.42 7.09 7.21
C TYR F 60 14.33 6.07 7.81
N PHE F 61 13.74 5.08 8.45
CA PHE F 61 14.53 4.05 9.03
C PHE F 61 14.14 2.70 8.47
N TYR F 62 15.13 1.84 8.26
CA TYR F 62 14.89 0.47 7.82
C TYR F 62 15.53 -0.33 8.94
N ASN F 63 14.72 -1.04 9.72
CA ASN F 63 15.24 -1.80 10.84
C ASN F 63 15.91 -0.85 11.83
N LEU F 64 17.21 -0.99 12.07
CA LEU F 64 17.89 -0.13 13.05
C LEU F 64 18.68 1.05 12.50
N GLU F 65 18.64 1.28 11.20
CA GLU F 65 19.40 2.39 10.64
C GLU F 65 18.57 3.42 9.89
N GLU F 66 18.95 4.68 10.05
CA GLU F 66 18.30 5.77 9.36
C GLU F 66 19.02 5.77 8.00
N ASN F 67 18.28 5.82 6.89
CA ASN F 67 18.99 5.80 5.61
C ASN F 67 18.69 6.96 4.70
N LEU F 68 17.73 7.79 5.08
CA LEU F 68 17.39 8.90 4.21
C LEU F 68 16.65 9.95 5.00
N ARG F 69 16.76 11.21 4.59
CA ARG F 69 16.03 12.28 5.25
C ARG F 69 15.67 13.41 4.31
N PHE F 70 14.69 14.22 4.71
CA PHE F 70 14.29 15.38 3.93
C PHE F 70 14.22 16.53 4.90
N ASP F 71 15.18 17.45 4.77
CA ASP F 71 15.30 18.62 5.62
C ASP F 71 14.72 19.82 4.85
N SER F 72 13.65 20.41 5.36
CA SER F 72 13.04 21.53 4.67
C SER F 72 14.00 22.69 4.43
N ASP F 73 15.12 22.70 5.13
CA ASP F 73 16.08 23.78 4.92
C ASP F 73 17.07 23.40 3.84
N VAL F 74 17.02 22.15 3.41
CA VAL F 74 17.89 21.68 2.35
C VAL F 74 17.05 21.70 1.06
N GLY F 75 15.81 21.25 1.15
CA GLY F 75 14.94 21.28 -0.01
C GLY F 75 14.86 20.03 -0.87
N GLU F 76 15.75 19.07 -0.65
CA GLU F 76 15.77 17.82 -1.42
C GLU F 76 16.06 16.67 -0.46
N PHE F 77 15.84 15.45 -0.93
CA PHE F 77 16.11 14.28 -0.10
C PHE F 77 17.62 14.04 -0.15
N ARG F 78 18.18 13.54 0.94
CA ARG F 78 19.61 13.25 1.00
C ARG F 78 19.77 11.90 1.66
N ALA F 79 20.48 11.01 1.00
CA ALA F 79 20.71 9.68 1.56
C ALA F 79 21.56 9.83 2.82
N VAL F 80 21.30 8.97 3.80
CA VAL F 80 22.08 8.98 5.05
C VAL F 80 23.01 7.79 4.95
N THR F 81 22.57 6.76 4.23
CA THR F 81 23.38 5.55 3.99
C THR F 81 23.09 5.04 2.58
N GLU F 82 23.97 4.20 2.06
CA GLU F 82 23.80 3.63 0.71
C GLU F 82 22.35 3.23 0.39
N LEU F 83 21.76 2.51 1.33
CA LEU F 83 20.40 2.00 1.23
C LEU F 83 19.37 3.07 0.86
N GLY F 84 19.61 4.31 1.28
CA GLY F 84 18.67 5.36 0.97
C GLY F 84 18.92 6.07 -0.35
N ARG F 85 20.06 5.80 -0.97
CA ARG F 85 20.44 6.43 -2.23
C ARG F 85 19.43 6.37 -3.40
N PRO F 86 18.91 5.17 -3.71
CA PRO F 86 17.95 5.03 -4.81
C PRO F 86 16.73 5.91 -4.64
N ASP F 87 16.28 6.08 -3.41
CA ASP F 87 15.10 6.90 -3.16
C ASP F 87 15.34 8.38 -3.35
N ALA F 88 16.54 8.84 -3.02
CA ALA F 88 16.86 10.26 -3.17
C ALA F 88 16.91 10.61 -4.66
N GLU F 89 17.66 9.82 -5.42
CA GLU F 89 17.78 10.06 -6.85
C GLU F 89 16.40 9.96 -7.48
N ASN F 90 15.63 8.95 -7.09
CA ASN F 90 14.30 8.77 -7.65
C ASN F 90 13.36 9.90 -7.29
N TRP F 91 13.23 10.20 -6.01
CA TRP F 91 12.31 11.28 -5.62
C TRP F 91 12.80 12.68 -5.96
N ASN F 92 14.10 12.89 -6.00
CA ASN F 92 14.62 14.22 -6.31
C ASN F 92 14.45 14.56 -7.80
N SER F 93 14.20 13.56 -8.64
CA SER F 93 14.02 13.80 -10.06
C SER F 93 12.54 13.99 -10.37
N GLN F 94 11.74 14.10 -9.33
CA GLN F 94 10.30 14.27 -9.49
C GLN F 94 9.89 15.65 -8.97
N PRO F 95 10.09 16.68 -9.79
CA PRO F 95 9.76 18.07 -9.46
C PRO F 95 8.38 18.30 -8.85
N GLU F 96 7.37 17.56 -9.33
CA GLU F 96 6.00 17.72 -8.81
C GLU F 96 5.97 17.27 -7.34
N PHE F 97 6.63 16.14 -7.09
CA PHE F 97 6.67 15.59 -5.73
C PHE F 97 7.47 16.49 -4.79
N LEU F 98 8.65 16.94 -5.22
CA LEU F 98 9.48 17.82 -4.40
C LEU F 98 8.75 19.11 -4.05
N GLU F 99 7.95 19.61 -4.99
CA GLU F 99 7.21 20.84 -4.77
C GLU F 99 6.17 20.66 -3.67
N GLN F 100 5.49 19.51 -3.69
CA GLN F 100 4.47 19.18 -2.70
C GLN F 100 5.08 18.99 -1.31
N LYS F 101 6.23 18.31 -1.28
CA LYS F 101 6.95 18.03 -0.06
C LYS F 101 7.43 19.35 0.59
N ARG F 102 8.00 20.23 -0.23
CA ARG F 102 8.49 21.51 0.27
C ARG F 102 7.40 22.36 0.90
N ALA F 103 6.17 22.23 0.39
CA ALA F 103 5.05 23.01 0.91
C ALA F 103 4.37 22.39 2.13
N GLU F 104 4.73 21.15 2.47
CA GLU F 104 4.11 20.52 3.62
C GLU F 104 4.44 21.30 4.88
N VAL F 105 5.45 22.14 4.79
CA VAL F 105 5.85 22.98 5.91
C VAL F 105 4.66 23.86 6.27
N ASP F 106 3.87 24.22 5.25
CA ASP F 106 2.68 25.05 5.40
C ASP F 106 1.42 24.20 5.41
N THR F 107 1.26 23.34 4.42
CA THR F 107 0.08 22.50 4.33
C THR F 107 -0.05 21.49 5.45
N VAL F 108 1.07 21.22 6.14
CA VAL F 108 1.00 20.27 7.26
C VAL F 108 1.48 20.86 8.58
N CYS F 109 2.74 21.26 8.64
CA CYS F 109 3.32 21.82 9.86
C CYS F 109 2.54 22.99 10.45
N ARG F 110 2.62 24.14 9.80
CA ARG F 110 1.91 25.32 10.29
C ARG F 110 0.42 25.04 10.40
N HIS F 111 -0.13 24.37 9.39
CA HIS F 111 -1.55 24.04 9.41
C HIS F 111 -1.90 23.35 10.73
N ASN F 112 -1.33 22.16 10.96
CA ASN F 112 -1.63 21.42 12.18
C ASN F 112 -1.26 22.20 13.45
N TYR F 113 -0.20 22.99 13.38
CA TYR F 113 0.21 23.78 14.53
C TYR F 113 -0.92 24.68 14.98
N GLU F 114 -1.52 25.40 14.04
CA GLU F 114 -2.60 26.31 14.39
C GLU F 114 -3.78 25.59 15.02
N ILE F 115 -4.00 24.33 14.64
CA ILE F 115 -5.11 23.58 15.23
C ILE F 115 -4.77 23.20 16.67
N PHE F 116 -3.52 22.81 16.88
CA PHE F 116 -3.08 22.40 18.20
C PHE F 116 -2.85 23.60 19.13
N ASP F 117 -2.69 24.76 18.54
CA ASP F 117 -2.47 25.96 19.34
C ASP F 117 -3.72 26.35 20.13
N ASN F 118 -4.83 25.66 19.87
CA ASN F 118 -6.07 25.97 20.57
C ASN F 118 -6.32 25.16 21.83
N PHE F 119 -5.58 24.07 22.02
CA PHE F 119 -5.79 23.24 23.20
C PHE F 119 -4.56 22.48 23.69
N LEU F 120 -3.56 22.34 22.82
CA LEU F 120 -2.37 21.62 23.24
C LEU F 120 -1.35 22.65 23.74
N VAL F 121 -0.87 23.50 22.84
CA VAL F 121 0.10 24.53 23.23
C VAL F 121 -0.24 25.26 24.53
N PRO F 122 -1.52 25.59 24.77
CA PRO F 122 -1.87 26.28 26.00
C PRO F 122 -2.08 25.39 27.22
N ARG F 123 -2.28 24.09 27.01
CA ARG F 123 -2.52 23.16 28.12
C ARG F 123 -1.64 23.47 29.34
N ARG F 124 -2.24 23.42 30.52
CA ARG F 124 -1.58 23.70 31.79
C ARG F 124 -2.22 22.91 32.90
N VAL F 125 -1.44 22.17 33.67
CA VAL F 125 -1.98 21.42 34.79
C VAL F 125 -1.11 21.62 36.02
N GLU F 126 -1.66 22.33 37.00
CA GLU F 126 -0.96 22.66 38.24
C GLU F 126 -0.44 21.47 39.06
N PRO F 127 0.83 21.52 39.49
CA PRO F 127 1.43 20.45 40.27
C PRO F 127 0.93 20.28 41.71
N THR F 128 1.03 19.06 42.22
CA THR F 128 0.64 18.77 43.59
C THR F 128 1.97 18.59 44.34
N VAL F 129 2.30 19.52 45.23
CA VAL F 129 3.55 19.46 45.98
C VAL F 129 3.39 18.90 47.40
N THR F 130 4.29 17.99 47.76
CA THR F 130 4.27 17.37 49.08
C THR F 130 5.70 17.21 49.56
N VAL F 131 5.92 17.35 50.85
CA VAL F 131 7.26 17.22 51.41
C VAL F 131 7.30 16.13 52.49
N TYR F 132 8.40 15.39 52.53
CA TYR F 132 8.57 14.34 53.51
C TYR F 132 10.01 13.83 53.56
N PRO F 133 10.41 13.24 54.70
CA PRO F 133 11.76 12.70 54.90
C PRO F 133 11.81 11.20 54.62
N THR F 134 13.01 10.70 54.32
CA THR F 134 13.19 9.28 54.04
C THR F 134 14.44 8.69 54.70
N LYS F 135 14.38 7.38 54.94
CA LYS F 135 15.45 6.61 55.57
C LYS F 135 15.43 6.72 57.10
N THR F 136 14.42 6.10 57.71
CA THR F 136 14.27 6.12 59.17
C THR F 136 13.92 4.72 59.68
N GLN F 137 14.71 4.24 60.64
CA GLN F 137 14.53 2.92 61.25
C GLN F 137 15.07 1.81 60.34
N PRO F 138 15.74 2.20 59.26
CA PRO F 138 16.31 1.24 58.30
C PRO F 138 17.29 1.89 57.32
N LEU F 139 18.45 2.30 57.83
CA LEU F 139 19.51 2.93 57.03
C LEU F 139 20.44 3.72 57.96
N GLU F 140 21.72 3.83 57.58
CA GLU F 140 22.69 4.56 58.38
C GLU F 140 23.71 5.31 57.50
N HIS F 141 23.46 6.61 57.29
CA HIS F 141 24.35 7.44 56.48
C HIS F 141 23.95 8.92 56.55
N HIS F 142 22.82 9.27 55.94
CA HIS F 142 22.34 10.64 55.94
C HIS F 142 20.85 10.75 55.56
N ASN F 143 20.07 11.37 56.42
CA ASN F 143 18.65 11.54 56.16
C ASN F 143 18.51 12.33 54.86
N LEU F 144 17.29 12.37 54.34
CA LEU F 144 17.03 13.08 53.10
C LEU F 144 15.63 13.68 53.10
N LEU F 145 15.52 14.94 52.68
CA LEU F 145 14.23 15.60 52.64
C LEU F 145 13.71 15.56 51.20
N VAL F 146 12.58 14.92 50.98
CA VAL F 146 12.04 14.81 49.63
C VAL F 146 10.92 15.80 49.27
N CYS F 147 11.12 16.51 48.17
CA CYS F 147 10.09 17.42 47.70
C CYS F 147 9.46 16.80 46.45
N SER F 148 8.31 16.17 46.64
CA SER F 148 7.57 15.52 45.56
C SER F 148 6.64 16.45 44.78
N VAL F 149 6.87 16.56 43.48
CA VAL F 149 6.04 17.39 42.62
C VAL F 149 5.42 16.49 41.56
N SER F 150 4.14 16.17 41.68
CA SER F 150 3.53 15.31 40.68
C SER F 150 2.30 15.86 39.98
N ASP F 151 2.05 15.33 38.78
CA ASP F 151 0.89 15.71 37.98
C ASP F 151 0.87 17.12 37.42
N PHE F 152 1.95 17.56 36.79
CA PHE F 152 1.98 18.90 36.23
C PHE F 152 2.27 18.91 34.74
N TYR F 153 1.91 20.00 34.08
CA TYR F 153 2.14 20.15 32.64
C TYR F 153 2.08 21.63 32.29
N PRO F 154 2.98 22.12 31.42
CA PRO F 154 4.06 21.45 30.70
C PRO F 154 5.19 20.90 31.58
N GLY F 155 6.28 20.46 30.95
CA GLY F 155 7.40 19.88 31.69
C GLY F 155 8.37 20.77 32.44
N ASN F 156 8.68 21.95 31.91
CA ASN F 156 9.62 22.86 32.55
C ASN F 156 9.10 23.30 33.91
N ILE F 157 9.87 23.02 34.95
CA ILE F 157 9.47 23.36 36.30
C ILE F 157 10.71 23.72 37.11
N GLU F 158 10.55 24.57 38.12
CA GLU F 158 11.68 24.96 38.96
C GLU F 158 11.37 24.73 40.42
N VAL F 159 12.23 23.98 41.09
CA VAL F 159 12.06 23.66 42.50
C VAL F 159 13.28 24.13 43.27
N ARG F 160 13.05 24.79 44.40
CA ARG F 160 14.13 25.29 45.25
C ARG F 160 13.85 24.92 46.70
N TRP F 161 14.90 24.66 47.45
CA TRP F 161 14.79 24.32 48.85
C TRP F 161 15.23 25.46 49.75
N PHE F 162 14.62 25.58 50.93
CA PHE F 162 14.97 26.64 51.85
C PHE F 162 15.10 26.15 53.29
N ARG F 163 16.15 26.61 53.95
CA ARG F 163 16.38 26.26 55.35
C ARG F 163 16.34 27.56 56.15
N ASN F 164 15.44 27.62 57.13
CA ASN F 164 15.27 28.79 57.99
C ASN F 164 15.20 30.09 57.20
N GLY F 165 14.59 30.04 56.01
CA GLY F 165 14.48 31.23 55.19
C GLY F 165 15.59 31.38 54.19
N LYS F 166 16.75 30.79 54.49
CA LYS F 166 17.88 30.88 53.58
C LYS F 166 17.86 29.70 52.61
N GLU F 167 18.01 29.98 51.32
CA GLU F 167 17.98 28.95 50.29
C GLU F 167 19.22 28.06 50.33
N GLU F 168 19.05 26.82 49.86
CA GLU F 168 20.13 25.85 49.78
C GLU F 168 20.50 25.72 48.31
N LYS F 169 21.77 25.45 48.02
CA LYS F 169 22.20 25.30 46.63
C LYS F 169 23.21 24.18 46.46
N THR F 170 23.23 23.25 47.42
CA THR F 170 24.11 22.10 47.38
C THR F 170 23.44 20.98 48.16
N GLY F 171 23.80 19.74 47.84
CA GLY F 171 23.19 18.61 48.52
C GLY F 171 21.81 18.39 47.90
N ILE F 172 21.64 18.92 46.69
CA ILE F 172 20.38 18.80 45.95
C ILE F 172 20.49 17.70 44.90
N VAL F 173 19.61 16.71 45.01
CA VAL F 173 19.57 15.60 44.07
C VAL F 173 18.17 15.54 43.48
N SER F 174 18.04 15.02 42.26
CA SER F 174 16.74 14.91 41.63
C SER F 174 16.61 13.67 40.77
N THR F 175 15.38 13.17 40.60
CA THR F 175 15.14 12.00 39.77
C THR F 175 14.97 12.56 38.38
N GLY F 176 15.00 13.88 38.28
CA GLY F 176 14.82 14.52 37.00
C GLY F 176 13.36 14.49 36.58
N LEU F 177 13.08 15.12 35.44
CA LEU F 177 11.74 15.19 34.88
C LEU F 177 11.31 13.82 34.36
N VAL F 178 10.25 13.27 34.92
CA VAL F 178 9.75 11.97 34.52
C VAL F 178 8.44 12.12 33.79
N ARG F 179 8.42 11.64 32.55
CA ARG F 179 7.22 11.70 31.72
C ARG F 179 6.39 10.47 32.05
N ASN F 180 5.12 10.66 32.34
CA ASN F 180 4.26 9.54 32.68
C ASN F 180 3.49 8.89 31.54
N GLY F 181 3.55 9.48 30.35
CA GLY F 181 2.85 8.90 29.21
C GLY F 181 1.39 9.27 29.05
N ASP F 182 0.82 9.98 30.02
CA ASP F 182 -0.58 10.38 29.95
C ASP F 182 -0.73 11.89 29.98
N TRP F 183 0.30 12.59 29.53
CA TRP F 183 0.33 14.03 29.50
C TRP F 183 0.62 14.72 30.84
N THR F 184 1.16 13.98 31.80
CA THR F 184 1.53 14.58 33.09
C THR F 184 2.97 14.18 33.34
N PHE F 185 3.64 14.97 34.18
CA PHE F 185 5.04 14.75 34.55
C PHE F 185 5.09 14.55 36.07
N GLN F 186 6.19 14.03 36.59
CA GLN F 186 6.39 13.86 38.02
C GLN F 186 7.88 13.94 38.30
N THR F 187 8.22 14.31 39.53
CA THR F 187 9.63 14.46 39.89
C THR F 187 9.88 14.51 41.39
N LEU F 188 11.12 14.22 41.75
CA LEU F 188 11.53 14.25 43.15
C LEU F 188 12.81 15.06 43.25
N VAL F 189 12.75 16.18 43.98
CA VAL F 189 13.89 17.04 44.20
C VAL F 189 14.25 16.88 45.66
N MET F 190 15.29 16.11 45.93
CA MET F 190 15.69 15.84 47.30
C MET F 190 16.83 16.70 47.83
N LEU F 191 16.73 17.02 49.11
CA LEU F 191 17.75 17.81 49.78
C LEU F 191 18.44 16.89 50.75
N GLU F 192 19.76 16.85 50.69
CA GLU F 192 20.54 15.99 51.59
C GLU F 192 20.94 16.78 52.82
N THR F 193 20.28 16.51 53.94
CA THR F 193 20.53 17.18 55.20
C THR F 193 20.04 16.33 56.36
N VAL F 194 20.45 16.68 57.56
CA VAL F 194 20.04 15.95 58.75
C VAL F 194 19.07 16.83 59.52
N PRO F 195 17.78 16.51 59.49
CA PRO F 195 16.73 17.27 60.18
C PRO F 195 16.92 17.38 61.69
N GLN F 196 16.90 18.60 62.19
CA GLN F 196 17.04 18.86 63.61
C GLN F 196 15.77 19.53 64.14
N SER F 197 15.27 19.02 65.26
CA SER F 197 14.05 19.52 65.88
C SER F 197 13.76 21.01 65.71
N GLY F 198 14.78 21.85 65.86
CA GLY F 198 14.56 23.28 65.73
C GLY F 198 14.83 23.86 64.35
N GLU F 199 14.34 23.21 63.30
CA GLU F 199 14.54 23.68 61.93
C GLU F 199 13.26 23.70 61.10
N VAL F 200 13.20 24.63 60.16
CA VAL F 200 12.04 24.74 59.29
C VAL F 200 12.50 24.78 57.83
N TYR F 201 12.06 23.80 57.05
CA TYR F 201 12.42 23.69 55.65
C TYR F 201 11.28 24.11 54.72
N THR F 202 11.63 24.64 53.55
CA THR F 202 10.65 25.09 52.59
C THR F 202 10.94 24.67 51.15
N CYS F 203 9.97 24.04 50.50
CA CYS F 203 10.16 23.66 49.11
C CYS F 203 9.36 24.62 48.26
N GLN F 204 10.05 25.37 47.41
CA GLN F 204 9.40 26.32 46.53
C GLN F 204 9.38 25.79 45.09
N VAL F 205 8.20 25.71 44.49
CA VAL F 205 8.05 25.20 43.14
C VAL F 205 7.47 26.23 42.18
N GLU F 206 8.19 26.53 41.11
CA GLU F 206 7.73 27.50 40.11
C GLU F 206 7.34 26.79 38.81
N HIS F 207 6.10 27.05 38.37
CA HIS F 207 5.58 26.41 37.17
C HIS F 207 4.65 27.38 36.46
N PRO F 208 4.69 27.42 35.12
CA PRO F 208 3.85 28.32 34.34
C PRO F 208 2.35 28.24 34.61
N SER F 209 1.91 27.13 35.20
CA SER F 209 0.50 26.95 35.54
C SER F 209 0.15 27.63 36.85
N LEU F 210 1.14 28.25 37.47
CA LEU F 210 0.94 28.92 38.76
C LEU F 210 1.16 30.42 38.68
N THR F 211 0.13 31.18 39.08
CA THR F 211 0.21 32.64 39.09
C THR F 211 1.50 33.04 39.80
N ASP F 212 1.64 32.59 41.04
CA ASP F 212 2.81 32.87 41.84
C ASP F 212 3.33 31.55 42.42
N PRO F 213 4.63 31.50 42.77
CA PRO F 213 5.29 30.32 43.33
C PRO F 213 4.52 29.62 44.47
N VAL F 214 4.58 28.29 44.48
CA VAL F 214 3.95 27.51 45.53
C VAL F 214 5.03 27.18 46.55
N THR F 215 4.65 26.98 47.80
CA THR F 215 5.62 26.67 48.83
C THR F 215 5.02 25.78 49.91
N VAL F 216 5.73 24.71 50.24
CA VAL F 216 5.31 23.79 51.27
C VAL F 216 6.38 23.81 52.34
N GLU F 217 5.92 23.93 53.59
CA GLU F 217 6.81 24.02 54.73
C GLU F 217 6.86 22.69 55.46
N TRP F 218 8.02 22.39 56.04
CA TRP F 218 8.18 21.16 56.79
C TRP F 218 9.09 21.38 58.00
N LYS F 219 8.71 20.78 59.11
CA LYS F 219 9.46 20.89 60.36
C LYS F 219 9.55 19.52 61.00
N ALA F 220 10.55 19.33 61.85
CA ALA F 220 10.73 18.05 62.52
C ALA F 220 10.13 18.11 63.94
N ILE G 1 27.51 22.50 -8.90
CA ILE G 1 26.27 23.20 -8.44
C ILE G 1 25.86 22.75 -7.03
N LYS G 2 26.24 21.52 -6.69
CA LYS G 2 25.92 20.95 -5.38
C LYS G 2 27.19 20.68 -4.58
N GLU G 3 27.70 21.70 -3.91
CA GLU G 3 28.91 21.52 -3.11
C GLU G 3 28.54 21.38 -1.64
N GLU G 4 28.10 20.18 -1.26
CA GLU G 4 27.72 19.91 0.12
C GLU G 4 28.84 19.13 0.77
N HIS G 5 29.28 19.61 1.94
CA HIS G 5 30.36 18.96 2.67
C HIS G 5 30.11 19.08 4.17
N THR G 6 30.83 18.26 4.95
CA THR G 6 30.73 18.29 6.39
C THR G 6 32.12 18.28 6.99
N ILE G 7 32.32 19.14 7.97
CA ILE G 7 33.59 19.21 8.67
C ILE G 7 33.24 18.99 10.11
N ILE G 8 33.98 18.11 10.79
CA ILE G 8 33.70 17.87 12.19
C ILE G 8 34.91 17.94 13.11
N GLN G 9 34.74 18.58 14.26
CA GLN G 9 35.80 18.62 15.24
C GLN G 9 35.30 17.66 16.32
N ALA G 10 36.00 16.57 16.53
CA ALA G 10 35.60 15.58 17.52
C ALA G 10 36.64 15.45 18.61
N GLN G 11 36.21 15.51 19.86
CA GLN G 11 37.14 15.41 20.99
C GLN G 11 36.51 14.74 22.18
N PHE G 12 37.36 14.06 22.97
CA PHE G 12 36.87 13.37 24.14
C PHE G 12 37.95 13.18 25.19
N TYR G 13 37.50 12.87 26.40
CA TYR G 13 38.38 12.56 27.50
C TYR G 13 37.70 11.37 28.13
N LEU G 14 38.45 10.34 28.46
CA LEU G 14 37.90 9.11 29.02
C LEU G 14 38.54 8.64 30.33
N LEU G 15 37.71 8.18 31.27
CA LEU G 15 38.18 7.65 32.54
C LEU G 15 37.65 6.24 32.70
N PRO G 16 38.35 5.39 33.47
CA PRO G 16 39.60 5.68 34.20
C PRO G 16 40.91 5.65 33.42
N ASP G 17 40.85 5.33 32.13
CA ASP G 17 42.06 5.23 31.29
C ASP G 17 42.86 6.53 31.11
N LYS G 18 42.24 7.67 31.40
CA LYS G 18 42.89 8.96 31.24
C LYS G 18 43.37 9.18 29.81
N ARG G 19 42.54 8.77 28.85
CA ARG G 19 42.85 8.92 27.44
C ARG G 19 42.09 10.12 26.87
N GLY G 20 42.70 10.80 25.90
CA GLY G 20 42.07 11.94 25.29
C GLY G 20 42.48 12.10 23.85
N GLU G 21 41.55 12.48 22.99
CA GLU G 21 41.89 12.67 21.59
C GLU G 21 41.16 13.88 21.00
N PHE G 22 41.74 14.45 19.95
CA PHE G 22 41.17 15.60 19.26
C PHE G 22 41.41 15.41 17.76
N MET G 23 40.37 15.57 16.95
CA MET G 23 40.56 15.40 15.50
C MET G 23 39.56 16.16 14.65
N PHE G 24 39.95 16.37 13.40
CA PHE G 24 39.11 17.03 12.43
C PHE G 24 38.72 16.00 11.39
N ASP G 25 37.50 16.10 10.93
CA ASP G 25 37.01 15.16 9.94
C ASP G 25 36.44 15.92 8.76
N PHE G 26 36.65 15.38 7.57
CA PHE G 26 36.14 15.99 6.34
C PHE G 26 35.42 14.92 5.55
N ASP G 27 34.10 15.07 5.47
CA ASP G 27 33.24 14.12 4.76
C ASP G 27 33.40 12.66 5.21
N GLY G 28 33.75 12.45 6.48
CA GLY G 28 33.90 11.09 6.96
C GLY G 28 35.34 10.60 7.00
N ASP G 29 36.28 11.41 6.51
CA ASP G 29 37.68 11.03 6.56
C ASP G 29 38.43 11.98 7.47
N GLU G 30 39.44 11.46 8.14
CA GLU G 30 40.24 12.25 9.07
C GLU G 30 41.30 13.14 8.39
N ILE G 31 41.34 14.42 8.77
CA ILE G 31 42.31 15.36 8.23
C ILE G 31 43.55 15.26 9.13
N PHE G 32 43.33 15.39 10.43
CA PHE G 32 44.43 15.28 11.39
C PHE G 32 43.86 15.05 12.78
N HIS G 33 44.74 14.73 13.71
CA HIS G 33 44.34 14.55 15.10
C HIS G 33 45.52 15.03 15.94
N VAL G 34 45.30 15.16 17.24
CA VAL G 34 46.37 15.61 18.10
C VAL G 34 46.64 14.60 19.20
N ASP G 35 47.92 14.24 19.32
CA ASP G 35 48.37 13.29 20.34
C ASP G 35 48.34 14.04 21.69
N ILE G 36 47.37 13.74 22.55
CA ILE G 36 47.31 14.41 23.84
C ILE G 36 48.59 14.12 24.61
N GLU G 37 49.29 13.10 24.15
CA GLU G 37 50.54 12.67 24.76
C GLU G 37 51.75 13.42 24.21
N LYS G 38 51.87 13.51 22.88
CA LYS G 38 53.01 14.19 22.25
C LYS G 38 52.82 15.66 21.89
N SER G 39 51.58 16.18 21.97
CA SER G 39 51.35 17.57 21.64
C SER G 39 51.85 17.88 20.24
N GLU G 40 51.56 16.99 19.30
CA GLU G 40 52.00 17.14 17.93
C GLU G 40 50.84 16.89 16.97
N THR G 41 50.66 17.80 16.02
CA THR G 41 49.60 17.65 15.04
C THR G 41 50.07 16.55 14.10
N ILE G 42 49.22 15.53 13.89
CA ILE G 42 49.55 14.43 13.00
C ILE G 42 48.58 14.41 11.83
N TRP G 43 49.09 14.66 10.63
CA TRP G 43 48.25 14.66 9.44
C TRP G 43 47.97 13.25 8.93
N ARG G 44 46.71 12.99 8.61
CA ARG G 44 46.31 11.68 8.12
C ARG G 44 47.11 11.29 6.87
N LEU G 45 47.33 12.28 6.01
CA LEU G 45 48.10 12.10 4.78
C LEU G 45 49.16 13.19 4.76
N GLU G 46 50.42 12.77 4.67
CA GLU G 46 51.58 13.66 4.66
C GLU G 46 51.39 14.96 3.87
N GLU G 47 50.97 14.81 2.62
CA GLU G 47 50.75 15.94 1.71
C GLU G 47 49.90 17.07 2.29
N PHE G 48 48.98 16.74 3.19
CA PHE G 48 48.11 17.74 3.79
C PHE G 48 48.85 18.89 4.47
N ALA G 49 49.99 18.59 5.09
CA ALA G 49 50.77 19.59 5.82
C ALA G 49 51.30 20.75 4.99
N LYS G 50 51.33 20.62 3.67
CA LYS G 50 51.85 21.69 2.82
C LYS G 50 50.78 22.74 2.57
N PHE G 51 49.53 22.37 2.80
CA PHE G 51 48.42 23.28 2.55
C PHE G 51 47.79 23.87 3.79
N ALA G 52 48.27 23.47 4.97
CA ALA G 52 47.68 23.98 6.19
C ALA G 52 48.48 23.68 7.44
N SER G 53 48.12 24.35 8.52
CA SER G 53 48.76 24.14 9.80
C SER G 53 47.71 24.24 10.90
N PHE G 54 48.07 23.71 12.06
CA PHE G 54 47.19 23.75 13.22
C PHE G 54 48.06 23.69 14.47
N GLU G 55 47.83 24.62 15.38
CA GLU G 55 48.60 24.67 16.61
C GLU G 55 48.05 23.63 17.56
N ALA G 56 48.84 22.57 17.79
CA ALA G 56 48.45 21.46 18.66
C ALA G 56 48.08 21.87 20.09
N GLN G 57 48.59 23.00 20.55
CA GLN G 57 48.28 23.47 21.89
C GLN G 57 46.79 23.78 22.03
N GLY G 58 46.12 24.06 20.90
CA GLY G 58 44.71 24.35 20.95
C GLY G 58 43.96 23.08 21.30
N ALA G 59 44.36 21.99 20.66
CA ALA G 59 43.73 20.71 20.92
C ALA G 59 43.93 20.34 22.39
N LEU G 60 45.15 20.50 22.89
CA LEU G 60 45.45 20.16 24.29
C LEU G 60 44.67 21.00 25.29
N ALA G 61 44.48 22.26 24.95
CA ALA G 61 43.73 23.17 25.81
C ALA G 61 42.29 22.69 25.86
N ASN G 62 41.77 22.33 24.69
CA ASN G 62 40.40 21.83 24.58
C ASN G 62 40.19 20.52 25.36
N ILE G 63 41.13 19.58 25.22
CA ILE G 63 41.00 18.32 25.94
C ILE G 63 40.92 18.63 27.42
N ALA G 64 41.82 19.49 27.90
CA ALA G 64 41.83 19.85 29.31
C ALA G 64 40.42 20.29 29.73
N VAL G 65 39.74 21.05 28.89
CA VAL G 65 38.38 21.49 29.22
C VAL G 65 37.46 20.27 29.34
N ASN G 66 37.63 19.30 28.44
CA ASN G 66 36.82 18.09 28.47
C ASN G 66 37.11 17.29 29.74
N LYS G 67 38.37 17.33 30.16
CA LYS G 67 38.78 16.61 31.35
C LYS G 67 38.10 17.23 32.58
N ALA G 68 38.07 18.56 32.67
CA ALA G 68 37.42 19.21 33.80
C ALA G 68 35.92 18.92 33.77
N ASN G 69 35.31 19.08 32.58
CA ASN G 69 33.89 18.83 32.41
C ASN G 69 33.52 17.39 32.74
N LEU G 70 34.42 16.45 32.48
CA LEU G 70 34.11 15.06 32.79
C LEU G 70 33.85 14.88 34.28
N ASP G 71 34.70 15.47 35.12
CA ASP G 71 34.51 15.36 36.56
C ASP G 71 33.17 15.93 36.98
N VAL G 72 32.77 17.02 36.35
CA VAL G 72 31.48 17.64 36.69
C VAL G 72 30.37 16.68 36.29
N MET G 73 30.50 16.08 35.11
CA MET G 73 29.49 15.15 34.62
C MET G 73 29.39 13.91 35.48
N LYS G 74 30.54 13.43 35.98
CA LYS G 74 30.52 12.25 36.84
C LYS G 74 29.79 12.56 38.14
N GLU G 75 29.91 13.80 38.62
CA GLU G 75 29.22 14.20 39.84
C GLU G 75 27.72 14.40 39.56
N ARG G 76 27.43 15.08 38.45
CA ARG G 76 26.05 15.36 38.09
C ARG G 76 25.18 14.14 37.84
N SER G 77 25.79 12.98 37.62
CA SER G 77 25.02 11.76 37.39
C SER G 77 25.37 10.68 38.40
N ASN G 78 25.88 11.10 39.54
CA ASN G 78 26.26 10.21 40.65
C ASN G 78 27.07 8.98 40.23
N ASN G 79 28.10 9.20 39.40
CA ASN G 79 28.98 8.13 38.92
C ASN G 79 28.24 6.89 38.42
N THR G 80 27.08 7.08 37.82
CA THR G 80 26.33 5.94 37.30
C THR G 80 26.97 5.55 35.98
N PRO G 81 27.18 4.24 35.75
CA PRO G 81 27.79 3.85 34.48
C PRO G 81 26.80 3.20 33.50
N ASP G 82 27.13 3.28 32.22
CA ASP G 82 26.33 2.66 31.16
C ASP G 82 27.10 1.40 30.72
N ALA G 83 26.41 0.49 30.05
CA ALA G 83 27.05 -0.75 29.61
C ALA G 83 28.09 -0.46 28.53
N ASN G 84 28.96 -1.43 28.30
CA ASN G 84 29.99 -1.33 27.29
C ASN G 84 29.31 -1.79 26.02
N VAL G 85 29.57 -1.11 24.90
CA VAL G 85 28.97 -1.50 23.62
C VAL G 85 30.06 -2.12 22.74
N ALA G 86 29.89 -3.40 22.43
CA ALA G 86 30.87 -4.15 21.64
C ALA G 86 30.92 -3.77 20.17
N PRO G 87 32.12 -3.82 19.57
CA PRO G 87 32.33 -3.49 18.16
C PRO G 87 31.98 -4.60 17.19
N GLU G 88 31.69 -4.20 15.95
CA GLU G 88 31.40 -5.10 14.83
C GLU G 88 32.76 -5.10 14.15
N VAL G 89 33.18 -6.23 13.61
CA VAL G 89 34.47 -6.29 12.96
C VAL G 89 34.40 -6.92 11.58
N THR G 90 35.05 -6.26 10.62
CA THR G 90 35.08 -6.72 9.26
C THR G 90 36.50 -6.56 8.73
N VAL G 91 37.00 -7.63 8.12
CA VAL G 91 38.34 -7.62 7.52
C VAL G 91 38.18 -7.65 6.01
N LEU G 92 38.91 -6.80 5.31
CA LEU G 92 38.85 -6.77 3.86
C LEU G 92 40.13 -6.20 3.29
N SER G 93 40.35 -6.43 1.98
CA SER G 93 41.54 -5.95 1.30
C SER G 93 41.31 -4.53 0.81
N ARG G 94 42.35 -3.72 0.88
CA ARG G 94 42.28 -2.32 0.45
C ARG G 94 41.98 -2.19 -1.04
N SER G 95 42.39 -3.17 -1.83
CA SER G 95 42.13 -3.17 -3.26
C SER G 95 42.17 -4.61 -3.79
N PRO G 96 41.65 -4.84 -5.01
CA PRO G 96 41.65 -6.19 -5.61
C PRO G 96 42.94 -6.94 -5.32
N VAL G 97 42.80 -8.17 -4.85
CA VAL G 97 43.94 -9.00 -4.51
C VAL G 97 44.50 -9.78 -5.69
N ASN G 98 45.82 -9.67 -5.86
CA ASN G 98 46.54 -10.38 -6.92
C ASN G 98 47.78 -11.01 -6.31
N LEU G 99 47.92 -12.32 -6.51
CA LEU G 99 49.07 -13.04 -5.97
C LEU G 99 50.41 -12.39 -6.34
N GLY G 100 51.25 -12.15 -5.34
CA GLY G 100 52.56 -11.56 -5.58
C GLY G 100 52.61 -10.05 -5.70
N GLU G 101 51.45 -9.40 -5.57
CA GLU G 101 51.36 -7.95 -5.68
C GLU G 101 51.08 -7.33 -4.30
N PRO G 102 51.99 -6.45 -3.81
CA PRO G 102 51.84 -5.81 -2.51
C PRO G 102 50.43 -5.24 -2.31
N ASN G 103 49.85 -5.48 -1.14
CA ASN G 103 48.52 -5.01 -0.83
C ASN G 103 48.43 -4.62 0.64
N ILE G 104 47.23 -4.30 1.09
CA ILE G 104 46.98 -3.90 2.47
C ILE G 104 45.71 -4.53 2.97
N LEU G 105 45.74 -5.12 4.15
CA LEU G 105 44.53 -5.71 4.73
C LEU G 105 43.93 -4.68 5.68
N ILE G 106 42.60 -4.59 5.66
CA ILE G 106 41.91 -3.63 6.49
C ILE G 106 41.06 -4.27 7.56
N CYS G 107 41.24 -3.86 8.81
CA CYS G 107 40.43 -4.35 9.91
C CYS G 107 39.57 -3.18 10.38
N PHE G 108 38.30 -3.18 9.96
CA PHE G 108 37.36 -2.12 10.30
C PHE G 108 36.55 -2.46 11.55
N ILE G 109 36.76 -1.65 12.58
CA ILE G 109 36.08 -1.80 13.87
C ILE G 109 35.02 -0.71 13.96
N ASP G 110 33.75 -1.12 14.03
CA ASP G 110 32.65 -0.19 14.01
C ASP G 110 31.64 -0.28 15.18
N LYS G 111 30.90 0.81 15.40
CA LYS G 111 29.84 0.88 16.39
C LYS G 111 30.18 0.40 17.80
N PHE G 112 31.17 1.01 18.43
CA PHE G 112 31.50 0.57 19.75
C PHE G 112 31.84 1.78 20.61
N SER G 113 31.76 1.58 21.92
CA SER G 113 32.11 2.60 22.89
C SER G 113 32.22 1.81 24.17
N PRO G 114 33.11 2.21 25.09
CA PRO G 114 34.05 3.33 25.06
C PRO G 114 35.12 3.19 24.00
N PRO G 115 35.73 4.32 23.62
CA PRO G 115 36.79 4.34 22.62
C PRO G 115 38.12 3.79 23.13
N VAL G 116 38.16 2.48 23.34
CA VAL G 116 39.34 1.76 23.79
C VAL G 116 39.22 0.35 23.26
N VAL G 117 40.22 -0.13 22.56
CA VAL G 117 40.18 -1.47 21.99
C VAL G 117 41.58 -1.97 21.82
N ASN G 118 41.74 -3.29 21.87
CA ASN G 118 43.05 -3.89 21.65
C ASN G 118 42.92 -4.67 20.39
N VAL G 119 43.84 -4.43 19.47
CA VAL G 119 43.82 -5.09 18.20
C VAL G 119 45.14 -5.80 17.94
N THR G 120 45.04 -7.06 17.53
CA THR G 120 46.22 -7.85 17.21
C THR G 120 46.03 -8.39 15.80
N TRP G 121 47.06 -8.26 14.97
CA TRP G 121 46.99 -8.77 13.63
C TRP G 121 47.68 -10.13 13.69
N LEU G 122 47.14 -11.10 12.97
CA LEU G 122 47.76 -12.42 12.96
C LEU G 122 47.91 -12.94 11.55
N ARG G 123 49.15 -13.30 11.21
CA ARG G 123 49.47 -13.88 9.90
C ARG G 123 49.84 -15.31 10.23
N ASN G 124 49.15 -16.27 9.62
CA ASN G 124 49.41 -17.67 9.88
C ASN G 124 49.44 -17.97 11.39
N GLY G 125 48.44 -17.44 12.10
CA GLY G 125 48.34 -17.68 13.52
C GLY G 125 49.37 -17.04 14.43
N ARG G 126 50.31 -16.27 13.88
CA ARG G 126 51.32 -15.62 14.71
C ARG G 126 51.14 -14.11 14.73
N PRO G 127 51.32 -13.49 15.90
CA PRO G 127 51.18 -12.03 16.02
C PRO G 127 52.13 -11.31 15.06
N VAL G 128 51.69 -10.18 14.53
CA VAL G 128 52.51 -9.40 13.62
C VAL G 128 52.52 -7.92 14.05
N THR G 129 53.72 -7.36 14.22
CA THR G 129 53.84 -5.96 14.59
C THR G 129 54.66 -5.20 13.55
N GLU G 130 54.86 -5.80 12.38
CA GLU G 130 55.64 -5.16 11.34
C GLU G 130 54.71 -4.84 10.18
N GLY G 131 54.74 -3.58 9.73
CA GLY G 131 53.88 -3.18 8.63
C GLY G 131 52.45 -2.95 9.07
N VAL G 132 52.26 -2.69 10.36
CA VAL G 132 50.92 -2.43 10.88
C VAL G 132 50.78 -0.96 11.22
N SER G 133 49.56 -0.45 11.09
CA SER G 133 49.27 0.94 11.40
C SER G 133 47.81 1.04 11.81
N GLU G 134 47.41 2.18 12.35
CA GLU G 134 46.05 2.35 12.79
C GLU G 134 45.65 3.82 12.79
N THR G 135 44.35 4.05 12.76
CA THR G 135 43.81 5.38 12.81
C THR G 135 43.46 5.61 14.28
N VAL G 136 43.02 6.82 14.61
CA VAL G 136 42.61 7.09 15.98
C VAL G 136 41.12 6.78 16.01
N PHE G 137 40.43 7.06 17.11
CA PHE G 137 39.00 6.76 17.20
C PHE G 137 38.17 7.79 16.41
N LEU G 138 37.61 7.32 15.29
CA LEU G 138 36.84 8.18 14.42
C LEU G 138 35.40 8.29 14.81
N PRO G 139 34.76 9.38 14.39
CA PRO G 139 33.34 9.59 14.71
C PRO G 139 32.39 8.96 13.68
N ARG G 140 31.20 8.63 14.15
CA ARG G 140 30.13 8.07 13.32
C ARG G 140 29.04 9.12 13.46
N ASP G 141 27.87 8.87 12.89
CA ASP G 141 26.79 9.84 13.01
C ASP G 141 26.24 9.89 14.44
N ASP G 142 26.17 8.73 15.10
CA ASP G 142 25.64 8.65 16.45
C ASP G 142 26.66 8.92 17.55
N HIS G 143 26.53 8.23 18.68
CA HIS G 143 27.43 8.40 19.82
C HIS G 143 28.58 7.38 19.88
N LEU G 144 28.62 6.44 18.95
CA LEU G 144 29.66 5.41 18.94
C LEU G 144 30.88 5.78 18.08
N PHE G 145 31.90 4.93 18.09
CA PHE G 145 33.14 5.18 17.32
C PHE G 145 33.45 4.11 16.28
N ARG G 146 34.37 4.44 15.38
CA ARG G 146 34.83 3.47 14.40
C ARG G 146 36.32 3.65 14.30
N LYS G 147 36.99 2.63 13.80
CA LYS G 147 38.43 2.68 13.72
C LYS G 147 38.99 1.71 12.69
N PHE G 148 40.13 2.10 12.10
CA PHE G 148 40.77 1.25 11.12
C PHE G 148 42.16 0.84 11.55
N HIS G 149 42.50 -0.41 11.28
CA HIS G 149 43.81 -0.97 11.56
C HIS G 149 44.27 -1.51 10.20
N TYR G 150 45.55 -1.35 9.90
CA TYR G 150 46.07 -1.78 8.61
C TYR G 150 47.27 -2.73 8.67
N LEU G 151 47.36 -3.61 7.68
CA LEU G 151 48.47 -4.56 7.59
C LEU G 151 48.98 -4.69 6.16
N THR G 152 50.26 -4.40 5.97
CA THR G 152 50.86 -4.54 4.63
C THR G 152 51.12 -6.02 4.48
N PHE G 153 50.70 -6.60 3.35
CA PHE G 153 50.92 -8.01 3.12
C PHE G 153 51.14 -8.35 1.66
N LEU G 154 51.77 -9.50 1.45
CA LEU G 154 52.05 -9.97 0.11
C LEU G 154 51.16 -11.20 -0.12
N PRO G 155 50.10 -11.05 -0.92
CA PRO G 155 49.16 -12.12 -1.24
C PRO G 155 49.80 -13.45 -1.65
N SER G 156 49.26 -14.54 -1.13
CA SER G 156 49.76 -15.88 -1.43
C SER G 156 48.73 -16.91 -0.99
N THR G 157 48.58 -17.97 -1.77
CA THR G 157 47.62 -19.00 -1.42
C THR G 157 48.15 -19.80 -0.22
N ASP G 158 49.40 -19.55 0.15
CA ASP G 158 49.99 -20.25 1.27
C ASP G 158 49.56 -19.73 2.65
N ASP G 159 49.36 -18.42 2.76
CA ASP G 159 49.00 -17.80 4.05
C ASP G 159 47.49 -17.55 4.27
N PHE G 160 47.18 -17.09 5.48
CA PHE G 160 45.82 -16.71 5.89
C PHE G 160 45.97 -15.70 7.01
N TYR G 161 44.97 -14.84 7.21
CA TYR G 161 45.06 -13.82 8.24
C TYR G 161 43.89 -13.73 9.20
N ASP G 162 44.14 -13.11 10.36
CA ASP G 162 43.13 -12.91 11.38
C ASP G 162 43.34 -11.58 12.09
N CYS G 163 42.23 -10.87 12.34
CA CYS G 163 42.29 -9.61 13.07
C CYS G 163 41.61 -9.93 14.40
N GLU G 164 42.34 -9.81 15.50
CA GLU G 164 41.75 -10.10 16.79
C GLU G 164 41.44 -8.83 17.57
N VAL G 165 40.16 -8.60 17.82
CA VAL G 165 39.73 -7.41 18.54
C VAL G 165 39.18 -7.72 19.93
N ASP G 166 39.72 -7.02 20.93
CA ASP G 166 39.25 -7.20 22.28
C ASP G 166 38.70 -5.86 22.80
N HIS G 167 37.48 -5.88 23.31
CA HIS G 167 36.79 -4.70 23.84
C HIS G 167 36.06 -5.09 25.13
N TRP G 168 36.00 -4.19 26.10
CA TRP G 168 35.29 -4.49 27.34
C TRP G 168 33.86 -4.97 27.13
N GLY G 169 33.32 -4.75 25.94
CA GLY G 169 31.96 -5.19 25.66
C GLY G 169 31.86 -6.59 25.10
N LEU G 170 32.99 -7.27 24.98
CA LEU G 170 33.01 -8.64 24.44
C LEU G 170 33.29 -9.65 25.54
N GLU G 171 32.53 -10.73 25.55
CA GLU G 171 32.71 -11.80 26.55
C GLU G 171 34.09 -12.38 26.33
N GLU G 172 34.48 -12.52 25.07
CA GLU G 172 35.79 -13.04 24.72
C GLU G 172 36.27 -12.36 23.43
N PRO G 173 37.59 -12.23 23.25
CA PRO G 173 38.12 -11.60 22.04
C PRO G 173 37.40 -12.03 20.76
N LEU G 174 37.35 -11.13 19.80
CA LEU G 174 36.70 -11.40 18.53
C LEU G 174 37.75 -11.61 17.45
N ARG G 175 37.66 -12.72 16.72
CA ARG G 175 38.62 -13.02 15.67
C ARG G 175 37.96 -13.14 14.30
N LYS G 176 38.40 -12.31 13.36
CA LYS G 176 37.85 -12.33 12.01
C LYS G 176 38.89 -12.85 11.03
N HIS G 177 38.51 -13.91 10.32
CA HIS G 177 39.39 -14.58 9.38
C HIS G 177 39.39 -14.00 7.97
N TRP G 178 40.55 -14.09 7.33
CA TRP G 178 40.70 -13.63 5.95
C TRP G 178 41.78 -14.46 5.26
N GLU G 179 41.53 -14.80 4.01
CA GLU G 179 42.47 -15.57 3.20
C GLU G 179 42.12 -15.33 1.74
N PHE G 180 43.09 -15.58 0.87
CA PHE G 180 42.90 -15.37 -0.55
C PHE G 180 41.88 -16.32 -1.18
N GLU G 181 41.15 -15.80 -2.15
CA GLU G 181 40.14 -16.57 -2.89
C GLU G 181 40.32 -16.14 -4.34
N GLU G 182 40.67 -17.09 -5.21
CA GLU G 182 40.88 -16.81 -6.63
C GLU G 182 39.65 -16.14 -7.25
N GLY H 5 48.23 28.83 -0.05
CA GLY H 5 48.92 29.36 1.16
C GLY H 5 48.66 28.54 2.42
N LYS H 6 49.59 28.59 3.37
CA LYS H 6 49.49 27.86 4.64
C LYS H 6 48.73 28.66 5.70
N LYS H 7 47.39 28.61 5.65
CA LYS H 7 46.57 29.33 6.60
C LYS H 7 46.30 28.49 7.85
N VAL H 8 46.24 29.16 8.99
CA VAL H 8 46.04 28.52 10.29
C VAL H 8 44.62 28.00 10.53
N ILE H 9 44.51 26.71 10.85
CA ILE H 9 43.19 26.12 11.12
C ILE H 9 42.79 26.46 12.55
N THR H 10 41.60 27.04 12.72
CA THR H 10 41.12 27.41 14.05
C THR H 10 40.19 26.32 14.60
N ALA H 11 40.12 26.23 15.92
CA ALA H 11 39.29 25.24 16.60
C ALA H 11 38.12 25.86 17.35
N PHE H 12 37.07 25.06 17.55
CA PHE H 12 35.91 25.54 18.28
C PHE H 12 36.34 25.63 19.73
N ASN H 13 35.85 26.64 20.42
CA ASN H 13 36.18 26.79 21.82
C ASN H 13 35.11 26.08 22.63
N GLU H 14 35.54 25.32 23.63
CA GLU H 14 34.61 24.60 24.48
C GLU H 14 34.39 25.35 25.79
N GLY H 15 33.15 25.31 26.27
CA GLY H 15 32.85 25.98 27.52
C GLY H 15 32.99 25.08 28.73
N LEU H 16 33.25 25.69 29.87
CA LEU H 16 33.38 24.95 31.12
C LEU H 16 32.00 24.80 31.73
N LYS H 17 31.74 23.62 32.28
CA LYS H 17 30.46 23.33 32.90
C LYS H 17 30.52 23.65 34.40
N GLY H 18 29.38 24.02 34.98
CA GLY H 18 29.34 24.34 36.39
C GLY H 18 28.62 23.26 37.17
N GLY H 19 28.20 23.58 38.39
CA GLY H 19 27.52 22.60 39.22
C GLY H 19 26.02 22.74 39.07
N GLY H 20 25.28 21.91 39.80
CA GLY H 20 23.83 21.98 39.75
C GLY H 20 23.21 20.95 38.81
N GLY H 21 21.95 20.63 39.07
CA GLY H 21 21.21 19.66 38.26
C GLY H 21 21.55 18.21 38.51
N SER H 22 22.08 17.91 39.70
CA SER H 22 22.45 16.54 40.03
C SER H 22 21.30 15.56 39.89
N LEU H 23 21.57 14.43 39.26
CA LEU H 23 20.54 13.42 39.07
C LEU H 23 20.88 12.11 39.77
N VAL H 24 19.84 11.42 40.21
CA VAL H 24 19.96 10.15 40.91
C VAL H 24 20.56 9.10 39.96
N GLY H 25 20.60 9.45 38.68
CA GLY H 25 21.14 8.53 37.71
C GLY H 25 19.99 7.85 36.99
N GLY H 26 20.29 6.84 36.18
CA GLY H 26 19.24 6.15 35.46
C GLY H 26 19.19 4.65 35.72
N GLY H 27 20.30 3.97 35.47
CA GLY H 27 20.34 2.54 35.67
C GLY H 27 20.38 1.80 34.35
N SER H 28 21.59 1.43 33.92
CA SER H 28 21.81 0.72 32.66
C SER H 28 22.67 -0.53 32.90
N GLY H 29 23.09 -1.15 31.80
CA GLY H 29 23.93 -2.34 31.92
C GLY H 29 25.06 -2.10 32.89
N GLY H 30 25.40 -3.12 33.67
CA GLY H 30 26.47 -2.99 34.64
C GLY H 30 26.52 -4.15 35.60
N GLY H 31 27.23 -3.96 36.71
CA GLY H 31 27.36 -5.00 37.70
C GLY H 31 28.67 -5.74 37.50
N GLY H 32 28.76 -6.40 36.35
CA GLY H 32 29.96 -7.15 36.01
C GLY H 32 30.80 -6.36 35.02
N SER H 33 30.13 -5.56 34.19
CA SER H 33 30.80 -4.75 33.19
C SER H 33 31.69 -3.69 33.85
N ARG H 34 32.85 -3.46 33.25
CA ARG H 34 33.79 -2.48 33.78
C ARG H 34 33.25 -1.07 33.57
N PRO H 35 33.28 -0.23 34.62
CA PRO H 35 32.80 1.14 34.53
C PRO H 35 33.69 2.01 33.67
N TRP H 36 33.09 2.99 33.02
CA TRP H 36 33.85 3.92 32.20
C TRP H 36 33.07 5.23 32.17
N PHE H 37 33.76 6.34 31.94
CA PHE H 37 33.11 7.64 31.92
C PHE H 37 33.67 8.45 30.77
N LEU H 38 32.79 8.88 29.87
CA LEU H 38 33.20 9.62 28.69
C LEU H 38 32.55 10.99 28.46
N GLU H 39 33.37 12.00 28.25
CA GLU H 39 32.91 13.36 27.95
C GLU H 39 33.32 13.48 26.48
N TYR H 40 32.32 13.43 25.59
CA TYR H 40 32.57 13.45 24.15
C TYR H 40 31.79 14.58 23.46
N CYS H 41 32.48 15.30 22.59
CA CYS H 41 31.88 16.43 21.92
C CYS H 41 32.24 16.52 20.45
N LYS H 42 31.23 16.72 19.61
CA LYS H 42 31.44 16.84 18.17
C LYS H 42 30.83 18.15 17.66
N SER H 43 31.62 18.96 16.98
CA SER H 43 31.11 20.21 16.44
C SER H 43 31.12 20.03 14.94
N GLU H 44 29.94 19.89 14.35
CA GLU H 44 29.86 19.67 12.92
C GLU H 44 29.46 20.90 12.13
N CYS H 45 30.18 21.14 11.03
CA CYS H 45 29.88 22.25 10.15
C CYS H 45 29.23 21.62 8.92
N HIS H 46 28.01 22.06 8.62
CA HIS H 46 27.24 21.56 7.48
C HIS H 46 27.22 22.60 6.36
N PHE H 47 27.81 22.24 5.22
CA PHE H 47 27.90 23.13 4.08
C PHE H 47 26.95 22.79 2.94
N TYR H 48 26.41 23.82 2.32
CA TYR H 48 25.52 23.66 1.17
C TYR H 48 25.95 24.72 0.15
N ASN H 49 26.37 24.26 -1.03
CA ASN H 49 26.85 25.19 -2.05
C ASN H 49 28.05 25.92 -1.44
N GLY H 50 29.07 25.17 -1.06
CA GLY H 50 30.23 25.77 -0.44
C GLY H 50 29.81 26.52 0.80
N THR H 51 30.27 27.77 0.92
CA THR H 51 29.92 28.59 2.08
C THR H 51 28.62 29.39 1.97
N GLN H 52 27.84 29.14 0.92
CA GLN H 52 26.57 29.84 0.70
C GLN H 52 25.69 29.71 1.94
N ARG H 53 25.44 28.48 2.38
CA ARG H 53 24.66 28.26 3.59
C ARG H 53 25.42 27.30 4.50
N VAL H 54 25.63 27.75 5.73
CA VAL H 54 26.34 26.92 6.68
C VAL H 54 25.56 26.80 7.96
N ARG H 55 25.54 25.59 8.50
CA ARG H 55 24.84 25.32 9.75
C ARG H 55 25.83 24.64 10.67
N LEU H 56 25.93 25.16 11.89
CA LEU H 56 26.81 24.59 12.87
C LEU H 56 26.00 23.79 13.88
N LEU H 57 26.38 22.52 14.08
CA LEU H 57 25.71 21.67 15.08
C LEU H 57 26.72 21.10 16.07
N VAL H 58 26.61 21.53 17.32
CA VAL H 58 27.52 21.03 18.35
C VAL H 58 26.76 20.01 19.17
N ARG H 59 27.37 18.84 19.39
CA ARG H 59 26.71 17.79 20.14
C ARG H 59 27.52 17.24 21.28
N TYR H 60 26.93 17.29 22.47
CA TYR H 60 27.57 16.81 23.68
C TYR H 60 27.04 15.44 24.07
N PHE H 61 27.94 14.52 24.35
CA PHE H 61 27.56 13.17 24.77
C PHE H 61 28.26 12.87 26.08
N TYR H 62 27.60 12.12 26.94
CA TYR H 62 28.24 11.69 28.18
C TYR H 62 27.99 10.20 28.14
N ASN H 63 29.05 9.42 28.03
CA ASN H 63 28.92 7.98 27.92
C ASN H 63 28.08 7.62 26.69
N LEU H 64 26.93 6.98 26.85
CA LEU H 64 26.11 6.61 25.68
C LEU H 64 25.02 7.60 25.23
N GLU H 65 24.84 8.71 25.93
CA GLU H 65 23.77 9.64 25.54
C GLU H 65 24.12 11.06 25.17
N GLU H 66 23.51 11.53 24.11
CA GLU H 66 23.67 12.91 23.66
C GLU H 66 22.80 13.64 24.68
N ASN H 67 23.32 14.68 25.31
CA ASN H 67 22.51 15.38 26.30
C ASN H 67 22.34 16.88 26.02
N LEU H 68 23.09 17.40 25.07
CA LEU H 68 23.01 18.81 24.79
C LEU H 68 23.51 19.13 23.39
N ARG H 69 23.01 20.22 22.84
CA ARG H 69 23.48 20.62 21.52
C ARG H 69 23.35 22.12 21.26
N PHE H 70 24.10 22.58 20.27
CA PHE H 70 24.04 23.98 19.86
C PHE H 70 23.80 24.03 18.35
N ASP H 71 22.57 24.33 17.98
CA ASP H 71 22.16 24.44 16.59
C ASP H 71 22.30 25.91 16.24
N SER H 72 23.23 26.25 15.36
CA SER H 72 23.43 27.64 14.99
C SER H 72 22.18 28.23 14.34
N ASP H 73 21.24 27.39 13.93
CA ASP H 73 20.00 27.92 13.34
C ASP H 73 19.01 28.29 14.43
N VAL H 74 19.28 27.82 15.65
CA VAL H 74 18.42 28.15 16.77
C VAL H 74 19.01 29.35 17.53
N GLY H 75 20.34 29.39 17.61
CA GLY H 75 21.00 30.49 18.29
C GLY H 75 21.32 30.22 19.74
N GLU H 76 20.67 29.23 20.33
CA GLU H 76 20.93 28.90 21.73
C GLU H 76 21.12 27.42 22.01
N PHE H 77 21.84 27.10 23.07
CA PHE H 77 22.05 25.71 23.46
C PHE H 77 20.70 25.18 23.90
N ARG H 78 20.50 23.87 23.77
CA ARG H 78 19.24 23.24 24.15
C ARG H 78 19.50 21.84 24.68
N ALA H 79 18.94 21.53 25.83
CA ALA H 79 19.14 20.21 26.42
C ALA H 79 18.38 19.11 25.70
N VAL H 80 19.06 18.01 25.42
CA VAL H 80 18.44 16.87 24.76
C VAL H 80 17.90 15.98 25.86
N THR H 81 18.57 16.01 27.01
CA THR H 81 18.16 15.25 28.18
C THR H 81 18.41 16.09 29.44
N GLU H 82 17.71 15.75 30.53
CA GLU H 82 17.86 16.47 31.79
C GLU H 82 19.31 16.77 32.10
N LEU H 83 20.13 15.73 32.01
CA LEU H 83 21.55 15.81 32.30
C LEU H 83 22.26 17.00 31.68
N GLY H 84 21.71 17.54 30.60
CA GLY H 84 22.35 18.68 29.96
C GLY H 84 21.67 20.01 30.27
N ARG H 85 20.56 19.94 31.00
CA ARG H 85 19.81 21.15 31.35
C ARG H 85 20.66 22.23 32.02
N PRO H 86 21.52 21.84 32.99
CA PRO H 86 22.37 22.80 33.71
C PRO H 86 23.22 23.66 32.79
N ASP H 87 23.89 23.00 31.84
CA ASP H 87 24.76 23.71 30.92
C ASP H 87 23.97 24.64 30.02
N ALA H 88 22.79 24.21 29.58
CA ALA H 88 21.98 25.04 28.71
C ALA H 88 21.59 26.33 29.42
N GLU H 89 21.13 26.19 30.65
CA GLU H 89 20.73 27.35 31.42
C GLU H 89 21.94 28.22 31.74
N ASN H 90 23.07 27.58 32.00
CA ASN H 90 24.27 28.32 32.33
C ASN H 90 24.89 29.05 31.15
N TRP H 91 25.24 28.32 30.10
CA TRP H 91 25.85 28.96 28.95
C TRP H 91 24.90 29.91 28.23
N ASN H 92 23.61 29.67 28.34
CA ASN H 92 22.65 30.57 27.69
C ASN H 92 22.54 31.90 28.45
N SER H 93 23.10 31.96 29.66
CA SER H 93 23.04 33.19 30.45
C SER H 93 24.35 33.95 30.42
N GLN H 94 25.26 33.52 29.53
CA GLN H 94 26.55 34.18 29.38
C GLN H 94 26.60 34.80 27.99
N PRO H 95 25.88 35.91 27.80
CA PRO H 95 25.81 36.64 26.52
C PRO H 95 27.11 36.69 25.74
N GLU H 96 28.23 36.80 26.44
CA GLU H 96 29.52 36.85 25.77
C GLU H 96 29.86 35.53 25.10
N PHE H 97 29.68 34.44 25.83
CA PHE H 97 29.97 33.11 25.30
C PHE H 97 29.05 32.81 24.11
N LEU H 98 27.76 33.10 24.28
CA LEU H 98 26.79 32.89 23.21
C LEU H 98 27.20 33.61 21.92
N GLU H 99 27.52 34.88 22.05
CA GLU H 99 27.92 35.69 20.91
C GLU H 99 29.10 35.01 20.23
N GLN H 100 30.02 34.51 21.05
CA GLN H 100 31.21 33.81 20.56
C GLN H 100 30.81 32.55 19.79
N LYS H 101 29.92 31.75 20.38
CA LYS H 101 29.47 30.53 19.75
C LYS H 101 28.78 30.86 18.43
N ARG H 102 27.85 31.80 18.47
CA ARG H 102 27.13 32.21 17.27
C ARG H 102 28.02 32.61 16.11
N ALA H 103 29.20 33.15 16.41
CA ALA H 103 30.10 33.58 15.35
C ALA H 103 31.02 32.47 14.82
N GLU H 104 31.12 31.36 15.55
CA GLU H 104 32.00 30.28 15.12
C GLU H 104 31.65 29.75 13.72
N VAL H 105 30.41 29.97 13.29
CA VAL H 105 29.98 29.57 11.96
C VAL H 105 30.86 30.28 10.93
N ASP H 106 31.39 31.44 11.31
CA ASP H 106 32.25 32.21 10.42
C ASP H 106 33.73 32.18 10.83
N THR H 107 33.99 32.26 12.12
CA THR H 107 35.37 32.25 12.61
C THR H 107 35.98 30.84 12.63
N VAL H 108 35.13 29.84 12.48
CA VAL H 108 35.60 28.45 12.48
C VAL H 108 35.20 27.68 11.22
N CYS H 109 33.91 27.50 11.02
CA CYS H 109 33.42 26.78 9.85
C CYS H 109 33.83 27.40 8.53
N ARG H 110 33.29 28.57 8.22
CA ARG H 110 33.62 29.22 6.95
C ARG H 110 35.12 29.40 6.79
N HIS H 111 35.78 29.74 7.90
CA HIS H 111 37.21 29.94 7.89
C HIS H 111 37.99 28.68 7.47
N ASN H 112 37.73 27.55 8.14
CA ASN H 112 38.43 26.31 7.81
C ASN H 112 38.04 25.77 6.43
N TYR H 113 36.78 25.94 6.05
CA TYR H 113 36.32 25.47 4.75
C TYR H 113 37.19 26.13 3.69
N GLU H 114 37.36 27.45 3.81
CA GLU H 114 38.16 28.19 2.83
C GLU H 114 39.54 27.56 2.67
N ILE H 115 40.19 27.27 3.79
CA ILE H 115 41.51 26.64 3.74
C ILE H 115 41.48 25.26 3.06
N PHE H 116 40.50 24.44 3.42
CA PHE H 116 40.39 23.10 2.87
C PHE H 116 39.94 23.10 1.41
N ASP H 117 39.34 24.20 0.97
CA ASP H 117 38.88 24.30 -0.41
C ASP H 117 40.07 24.34 -1.37
N ASN H 118 41.27 24.50 -0.81
CA ASN H 118 42.47 24.54 -1.65
C ASN H 118 43.05 23.16 -1.96
N PHE H 119 42.66 22.15 -1.18
CA PHE H 119 43.20 20.81 -1.43
C PHE H 119 42.26 19.65 -1.09
N LEU H 120 41.38 19.83 -0.12
CA LEU H 120 40.47 18.74 0.22
C LEU H 120 39.25 18.71 -0.70
N VAL H 121 38.53 19.83 -0.81
CA VAL H 121 37.36 19.87 -1.70
C VAL H 121 37.71 19.44 -3.12
N PRO H 122 38.83 19.93 -3.69
CA PRO H 122 39.24 19.57 -5.05
C PRO H 122 39.98 18.25 -5.20
N ARG H 123 40.25 17.55 -4.10
CA ARG H 123 40.98 16.28 -4.21
C ARG H 123 40.22 15.30 -5.13
N ARG H 124 40.95 14.71 -6.08
CA ARG H 124 40.35 13.75 -7.01
C ARG H 124 41.36 12.63 -7.30
N VAL H 125 40.91 11.38 -7.20
CA VAL H 125 41.76 10.23 -7.46
C VAL H 125 41.03 9.25 -8.36
N GLU H 126 41.60 9.00 -9.53
CA GLU H 126 41.01 8.11 -10.52
C GLU H 126 40.87 6.65 -10.08
N PRO H 127 39.72 6.04 -10.38
CA PRO H 127 39.48 4.65 -10.00
C PRO H 127 40.19 3.65 -10.93
N THR H 128 40.43 2.47 -10.40
CA THR H 128 41.05 1.42 -11.18
C THR H 128 39.87 0.52 -11.42
N VAL H 129 39.48 0.35 -12.69
CA VAL H 129 38.34 -0.47 -13.03
C VAL H 129 38.70 -1.82 -13.64
N THR H 130 38.01 -2.86 -13.20
CA THR H 130 38.24 -4.22 -13.68
C THR H 130 36.90 -4.91 -13.88
N VAL H 131 36.93 -6.04 -14.59
CA VAL H 131 35.72 -6.81 -14.86
C VAL H 131 36.10 -8.28 -14.88
N TYR H 132 35.23 -9.14 -14.38
CA TYR H 132 35.50 -10.58 -14.33
C TYR H 132 34.34 -11.35 -13.71
N PRO H 133 34.15 -12.60 -14.13
CA PRO H 133 33.07 -13.46 -13.62
C PRO H 133 33.46 -14.19 -12.33
N THR H 134 32.46 -14.68 -11.62
CA THR H 134 32.67 -15.42 -10.38
C THR H 134 31.58 -16.46 -10.15
N LYS H 135 31.59 -17.03 -8.95
CA LYS H 135 30.62 -18.05 -8.54
C LYS H 135 30.65 -19.26 -9.47
N THR H 136 31.76 -19.98 -9.44
CA THR H 136 31.91 -21.18 -10.27
C THR H 136 31.01 -22.27 -9.71
N GLN H 137 29.75 -21.92 -9.48
CA GLN H 137 28.75 -22.84 -8.95
C GLN H 137 27.48 -22.75 -9.80
N PRO H 138 27.49 -23.45 -10.94
CA PRO H 138 26.33 -23.47 -11.84
C PRO H 138 25.22 -24.33 -11.26
N LEU H 139 25.26 -24.50 -9.93
CA LEU H 139 24.28 -25.30 -9.22
C LEU H 139 23.61 -24.47 -8.10
N GLU H 140 24.24 -23.35 -7.75
CA GLU H 140 23.72 -22.48 -6.71
C GLU H 140 22.58 -21.59 -7.23
N HIS H 141 22.79 -20.98 -8.39
CA HIS H 141 21.77 -20.11 -9.00
C HIS H 141 22.17 -19.63 -10.40
N HIS H 142 22.40 -18.32 -10.54
CA HIS H 142 22.78 -17.72 -11.82
C HIS H 142 24.26 -17.30 -11.83
N ASN H 143 24.74 -16.93 -13.02
CA ASN H 143 26.12 -16.49 -13.20
C ASN H 143 26.26 -15.01 -12.87
N LEU H 144 27.34 -14.65 -12.20
CA LEU H 144 27.55 -13.26 -11.80
C LEU H 144 28.74 -12.56 -12.46
N LEU H 145 28.48 -11.37 -13.03
CA LEU H 145 29.51 -10.58 -13.69
C LEU H 145 29.87 -9.37 -12.80
N VAL H 146 31.07 -9.41 -12.23
CA VAL H 146 31.55 -8.36 -11.34
C VAL H 146 32.35 -7.24 -11.98
N CYS H 147 32.00 -6.00 -11.63
CA CYS H 147 32.73 -4.84 -12.13
C CYS H 147 33.37 -4.20 -10.91
N SER H 148 34.69 -4.30 -10.81
CA SER H 148 35.41 -3.75 -9.68
C SER H 148 35.94 -2.34 -9.89
N VAL H 149 35.59 -1.45 -8.98
CA VAL H 149 36.03 -0.06 -9.01
C VAL H 149 36.69 0.21 -7.67
N SER H 150 38.00 0.42 -7.68
CA SER H 150 38.70 0.67 -6.44
C SER H 150 39.65 1.84 -6.47
N ASP H 151 40.10 2.21 -5.28
CA ASP H 151 41.04 3.29 -5.06
C ASP H 151 40.65 4.62 -5.68
N PHE H 152 39.51 5.17 -5.26
CA PHE H 152 39.10 6.45 -5.81
C PHE H 152 38.57 7.42 -4.76
N TYR H 153 38.54 8.69 -5.14
CA TYR H 153 38.05 9.77 -4.29
C TYR H 153 37.65 10.91 -5.22
N PRO H 154 36.55 11.60 -4.93
CA PRO H 154 35.66 11.37 -3.79
C PRO H 154 34.79 10.12 -3.94
N GLY H 155 33.82 9.96 -3.05
CA GLY H 155 32.98 8.78 -3.06
C GLY H 155 31.84 8.68 -4.06
N ASN H 156 31.34 9.82 -4.51
CA ASN H 156 30.24 9.82 -5.47
C ASN H 156 30.64 9.20 -6.81
N ILE H 157 30.15 7.99 -7.09
CA ILE H 157 30.49 7.33 -8.34
C ILE H 157 29.28 6.65 -8.96
N GLU H 158 29.32 6.44 -10.28
CA GLU H 158 28.20 5.80 -10.98
C GLU H 158 28.69 4.69 -11.90
N VAL H 159 28.22 3.47 -11.63
CA VAL H 159 28.63 2.32 -12.41
C VAL H 159 27.46 1.61 -13.05
N ARG H 160 27.39 1.65 -14.37
CA ARG H 160 26.30 1.02 -15.11
C ARG H 160 26.73 -0.27 -15.81
N TRP H 161 25.76 -1.06 -16.25
CA TRP H 161 26.05 -2.30 -16.95
C TRP H 161 25.41 -2.35 -18.33
N PHE H 162 26.22 -2.73 -19.33
CA PHE H 162 25.75 -2.81 -20.69
C PHE H 162 25.95 -4.19 -21.31
N ARG H 163 24.89 -4.69 -21.93
CA ARG H 163 24.90 -5.99 -22.60
C ARG H 163 24.66 -5.77 -24.10
N ASN H 164 25.72 -5.97 -24.88
CA ASN H 164 25.64 -5.80 -26.33
C ASN H 164 25.04 -4.45 -26.75
N GLY H 165 25.56 -3.37 -26.18
CA GLY H 165 25.07 -2.05 -26.52
C GLY H 165 23.98 -1.46 -25.64
N LYS H 166 22.93 -2.22 -25.38
CA LYS H 166 21.81 -1.73 -24.56
C LYS H 166 22.00 -2.04 -23.07
N GLU H 167 21.97 -0.98 -22.27
CA GLU H 167 22.15 -1.07 -20.82
C GLU H 167 21.17 -1.98 -20.07
N GLU H 168 21.66 -2.55 -18.97
CA GLU H 168 20.88 -3.41 -18.11
C GLU H 168 20.34 -2.55 -16.99
N LYS H 169 19.19 -2.91 -16.44
CA LYS H 169 18.60 -2.13 -15.36
C LYS H 169 18.35 -3.01 -14.15
N THR H 170 17.95 -4.25 -14.40
CA THR H 170 17.67 -5.20 -13.32
C THR H 170 18.74 -6.29 -13.20
N GLY H 171 18.75 -6.95 -12.05
CA GLY H 171 19.72 -8.00 -11.80
C GLY H 171 21.03 -7.45 -11.24
N ILE H 172 21.02 -6.16 -10.92
CA ILE H 172 22.20 -5.49 -10.40
C ILE H 172 22.29 -5.53 -8.88
N VAL H 173 23.45 -5.94 -8.37
CA VAL H 173 23.68 -6.00 -6.94
C VAL H 173 25.03 -5.34 -6.66
N SER H 174 25.18 -4.76 -5.48
CA SER H 174 26.42 -4.08 -5.14
C SER H 174 26.78 -4.17 -3.65
N THR H 175 28.04 -3.89 -3.32
CA THR H 175 28.48 -3.91 -1.93
C THR H 175 28.43 -2.47 -1.45
N GLY H 176 28.02 -1.58 -2.36
CA GLY H 176 27.91 -0.18 -2.03
C GLY H 176 29.26 0.48 -1.84
N LEU H 177 29.24 1.76 -1.52
CA LEU H 177 30.46 2.52 -1.31
C LEU H 177 31.17 2.11 -0.01
N VAL H 178 32.34 1.48 -0.16
CA VAL H 178 33.13 1.04 0.97
C VAL H 178 34.25 2.05 1.21
N ARG H 179 34.28 2.61 2.42
CA ARG H 179 35.27 3.61 2.83
C ARG H 179 36.50 2.87 3.38
N ASN H 180 37.70 3.18 2.89
CA ASN H 180 38.92 2.50 3.36
C ASN H 180 39.62 3.17 4.55
N GLY H 181 39.23 4.40 4.87
CA GLY H 181 39.82 5.09 6.00
C GLY H 181 41.08 5.87 5.67
N ASP H 182 41.51 5.84 4.42
CA ASP H 182 42.70 6.54 4.00
C ASP H 182 42.40 7.46 2.81
N TRP H 183 41.21 8.00 2.78
CA TRP H 183 40.77 8.89 1.71
C TRP H 183 40.58 8.21 0.36
N THR H 184 40.27 6.91 0.38
CA THR H 184 40.02 6.16 -0.85
C THR H 184 38.81 5.29 -0.60
N PHE H 185 38.04 5.04 -1.65
CA PHE H 185 36.85 4.20 -1.59
C PHE H 185 37.00 3.03 -2.54
N GLN H 186 36.14 2.04 -2.41
CA GLN H 186 36.14 0.90 -3.30
C GLN H 186 34.73 0.34 -3.34
N THR H 187 34.36 -0.26 -4.47
CA THR H 187 33.02 -0.84 -4.60
C THR H 187 32.98 -1.92 -5.67
N LEU H 188 32.12 -2.90 -5.49
CA LEU H 188 31.96 -3.98 -6.48
C LEU H 188 30.50 -3.94 -6.96
N VAL H 189 30.31 -3.82 -8.27
CA VAL H 189 28.97 -3.80 -8.83
C VAL H 189 28.74 -5.02 -9.71
N MET H 190 27.83 -5.90 -9.29
CA MET H 190 27.56 -7.12 -10.04
C MET H 190 26.30 -7.15 -10.90
N LEU H 191 26.36 -7.97 -11.95
CA LEU H 191 25.24 -8.15 -12.88
C LEU H 191 24.89 -9.63 -12.91
N GLU H 192 23.67 -9.96 -12.51
CA GLU H 192 23.20 -11.34 -12.47
C GLU H 192 22.60 -11.75 -13.80
N THR H 193 23.41 -12.37 -14.65
CA THR H 193 22.97 -12.82 -15.96
C THR H 193 23.54 -14.22 -16.24
N VAL H 194 23.48 -14.62 -17.51
CA VAL H 194 23.99 -15.93 -17.91
C VAL H 194 24.93 -15.79 -19.11
N PRO H 195 26.22 -15.52 -18.85
CA PRO H 195 27.24 -15.36 -19.89
C PRO H 195 27.18 -16.43 -20.97
N GLN H 196 27.10 -15.98 -22.22
CA GLN H 196 27.04 -16.87 -23.37
C GLN H 196 28.30 -16.66 -24.21
N SER H 197 28.74 -17.71 -24.90
CA SER H 197 29.95 -17.63 -25.73
C SER H 197 29.87 -16.47 -26.73
N GLY H 198 28.67 -16.12 -27.15
CA GLY H 198 28.49 -15.02 -28.10
C GLY H 198 27.78 -13.82 -27.49
N GLU H 199 28.42 -13.20 -26.50
CA GLU H 199 27.84 -12.04 -25.83
C GLU H 199 28.90 -11.00 -25.44
N VAL H 200 28.54 -9.72 -25.53
CA VAL H 200 29.44 -8.63 -25.17
C VAL H 200 28.87 -7.79 -24.03
N TYR H 201 29.61 -7.69 -22.93
CA TYR H 201 29.16 -6.92 -21.77
C TYR H 201 30.12 -5.77 -21.49
N THR H 202 29.59 -4.66 -21.00
CA THR H 202 30.42 -3.50 -20.69
C THR H 202 30.04 -2.83 -19.37
N CYS H 203 31.05 -2.33 -18.67
CA CYS H 203 30.82 -1.64 -17.40
C CYS H 203 31.23 -0.18 -17.56
N GLN H 204 30.27 0.73 -17.49
CA GLN H 204 30.57 2.16 -17.64
C GLN H 204 30.67 2.85 -16.28
N VAL H 205 31.77 3.56 -16.08
CA VAL H 205 32.03 4.24 -14.82
C VAL H 205 32.18 5.75 -14.95
N GLU H 206 31.23 6.48 -14.37
CA GLU H 206 31.29 7.93 -14.39
C GLU H 206 31.81 8.39 -13.03
N HIS H 207 32.81 9.28 -13.05
CA HIS H 207 33.39 9.79 -11.81
C HIS H 207 34.03 11.14 -12.09
N PRO H 208 33.89 12.10 -11.16
CA PRO H 208 34.44 13.45 -11.28
C PRO H 208 35.94 13.56 -11.53
N SER H 209 36.67 12.47 -11.34
CA SER H 209 38.12 12.50 -11.58
C SER H 209 38.41 12.05 -13.01
N LEU H 210 37.34 11.76 -13.75
CA LEU H 210 37.46 11.32 -15.14
C LEU H 210 36.83 12.35 -16.08
N THR H 211 37.62 12.90 -17.00
CA THR H 211 37.11 13.88 -17.94
C THR H 211 35.87 13.27 -18.61
N ASP H 212 36.02 12.04 -19.09
CA ASP H 212 34.92 11.33 -19.73
C ASP H 212 34.89 9.87 -19.28
N PRO H 213 33.67 9.30 -19.16
CA PRO H 213 33.39 7.92 -18.73
C PRO H 213 34.36 6.83 -19.17
N VAL H 214 34.78 6.00 -18.21
CA VAL H 214 35.68 4.89 -18.46
C VAL H 214 34.87 3.62 -18.68
N THR H 215 35.20 2.87 -19.72
CA THR H 215 34.47 1.64 -20.03
C THR H 215 35.40 0.43 -20.08
N VAL H 216 34.83 -0.74 -19.80
CA VAL H 216 35.58 -1.98 -19.82
C VAL H 216 34.68 -3.10 -20.30
N GLU H 217 34.98 -3.65 -21.47
CA GLU H 217 34.19 -4.73 -22.05
C GLU H 217 34.65 -6.08 -21.53
N TRP H 218 33.77 -7.06 -21.65
CA TRP H 218 34.06 -8.44 -21.25
C TRP H 218 33.24 -9.38 -22.12
N LYS H 219 33.89 -10.41 -22.64
CA LYS H 219 33.23 -11.38 -23.51
C LYS H 219 33.66 -12.81 -23.18
N ALA H 220 32.70 -13.73 -23.24
CA ALA H 220 32.96 -15.15 -22.94
C ALA H 220 33.42 -15.93 -24.18
C1 NAG I . -29.86 -32.72 -24.91
C2 NAG I . -28.93 -33.30 -25.99
C3 NAG I . -29.39 -32.81 -27.37
C4 NAG I . -30.85 -33.25 -27.57
C5 NAG I . -31.72 -32.72 -26.42
C6 NAG I . -33.14 -33.20 -26.56
C7 NAG I . -27.20 -31.64 -25.66
C8 NAG I . -25.73 -31.32 -25.41
N2 NAG I . -27.55 -32.92 -25.78
O3 NAG I . -28.60 -33.44 -28.37
O4 NAG I . -31.33 -32.67 -28.81
O5 NAG I . -31.21 -33.17 -25.13
O6 NAG I . -33.36 -34.37 -25.77
O7 NAG I . -28.01 -30.72 -25.76
C1 NAG I . -32.18 -33.45 -29.57
C2 NAG I . -33.16 -32.53 -30.29
C3 NAG I . -34.05 -33.31 -31.23
C4 NAG I . -33.17 -34.12 -32.18
C5 NAG I . -32.14 -34.95 -31.45
C6 NAG I . -31.15 -35.54 -32.42
C7 NAG I . -35.11 -32.21 -28.84
C8 NAG I . -35.88 -31.30 -27.90
N2 NAG I . -33.98 -31.73 -29.37
O3 NAG I . -34.90 -32.43 -31.95
O4 NAG I . -33.96 -34.96 -33.02
O5 NAG I . -31.38 -34.15 -30.53
O6 NAG I . -29.82 -35.39 -31.95
O7 NAG I . -35.54 -33.35 -29.09
C1 NAG J . 5.36 -13.64 -21.78
C2 NAG J . 5.45 -15.12 -21.40
C3 NAG J . 5.88 -15.19 -19.94
C4 NAG J . 7.24 -14.48 -19.78
C5 NAG J . 7.24 -13.07 -20.39
C6 NAG J . 8.64 -12.51 -20.52
C7 NAG J . 3.04 -15.35 -21.27
C8 NAG J . 1.83 -16.21 -21.56
N2 NAG J . 4.22 -15.85 -21.63
O3 NAG J . 5.98 -16.54 -19.53
O4 NAG J . 7.53 -14.38 -18.37
O5 NAG J . 6.67 -13.07 -21.73
O6 NAG J . 9.54 -13.46 -21.06
O7 NAG J . 2.91 -14.25 -20.75
C1 NAG J . 8.78 -14.82 -17.94
C2 NAG J . 8.93 -14.54 -16.44
C3 NAG J . 10.30 -15.04 -15.96
C4 NAG J . 10.44 -16.52 -16.30
C5 NAG J . 10.17 -16.77 -17.80
C6 NAG J . 10.15 -18.25 -18.14
C7 NAG J . 9.19 -12.15 -16.90
C8 NAG J . 8.92 -10.73 -16.46
N2 NAG J . 8.74 -13.12 -16.11
O3 NAG J . 10.43 -14.85 -14.56
O4 NAG J . 11.75 -16.97 -15.98
O5 NAG J . 8.88 -16.23 -18.17
O6 NAG J . 8.98 -18.88 -17.60
O7 NAG J . 9.84 -12.36 -17.94
C1 NAG K . 4.79 -12.81 22.43
C2 NAG K . 5.68 -14.04 22.24
C3 NAG K . 5.48 -14.49 20.81
C4 NAG K . 4.01 -14.84 20.59
C5 NAG K . 3.08 -13.69 21.02
C6 NAG K . 1.63 -14.13 21.05
C7 NAG K . 7.68 -12.66 22.11
C8 NAG K . 9.16 -12.53 22.44
N2 NAG K . 7.09 -13.79 22.51
O3 NAG K . 6.31 -15.62 20.52
O4 NAG K . 3.80 -15.08 19.18
O5 NAG K . 3.42 -13.21 22.34
O6 NAG K . 1.39 -15.05 22.09
O7 NAG K . 7.10 -11.76 21.51
C1 NAG K . 2.88 -16.03 18.83
C2 NAG K . 2.55 -15.85 17.34
C3 NAG K . 1.59 -16.92 16.87
C4 NAG K . 2.24 -18.27 17.15
C5 NAG K . 2.60 -18.41 18.65
C6 NAG K . 3.36 -19.69 18.86
C7 NAG K . 0.85 -14.16 17.73
C8 NAG K . 0.38 -12.75 17.37
N2 NAG K . 1.97 -14.54 17.12
O3 NAG K . 1.38 -16.77 15.47
O4 NAG K . 1.36 -19.32 16.78
O5 NAG K . 3.47 -17.32 19.04
O6 NAG K . 4.76 -19.43 19.04
O7 NAG K . 0.20 -14.86 18.52
C1 NAG L . 43.82 -3.99 26.44
C2 NAG L . 42.97 -4.57 27.56
C3 NAG L . 43.35 -3.96 28.92
C4 NAG L . 44.87 -3.89 29.12
C5 NAG L . 45.61 -3.39 27.88
C6 NAG L . 47.12 -3.58 28.01
C7 NAG L . 40.68 -5.28 27.41
C8 NAG L . 39.23 -4.95 27.11
N2 NAG L . 41.58 -4.32 27.29
O3 NAG L . 42.80 -4.75 29.96
O4 NAG L . 45.14 -2.98 30.21
O5 NAG L . 45.21 -4.14 26.73
O6 NAG L . 47.82 -2.45 27.51
O7 NAG L . 40.98 -6.43 27.78
C1 NAG L . 45.96 -3.42 31.24
C2 NAG L . 46.44 -2.20 32.04
C3 NAG L . 47.25 -2.65 33.26
C4 NAG L . 46.44 -3.67 34.08
C5 NAG L . 45.98 -4.81 33.18
C6 NAG L . 45.12 -5.84 33.92
C7 NAG L . 46.72 -0.25 30.64
C8 NAG L . 47.63 0.61 29.78
N2 NAG L . 47.25 -1.34 31.20
O3 NAG L . 47.57 -1.52 34.05
O4 NAG L . 47.25 -4.18 35.14
O5 NAG L . 45.20 -4.30 32.08
O6 NAG L . 43.73 -5.66 33.63
O7 NAG L . 45.54 0.06 30.78
C1 NAG M . -22.51 -13.12 -44.02
C2 NAG M . -21.29 -12.53 -44.75
C3 NAG M . -20.83 -13.43 -45.91
C4 NAG M . -20.68 -14.90 -45.45
C5 NAG M . -21.98 -15.34 -44.78
C6 NAG M . -21.94 -16.78 -44.27
C7 NAG M . -21.19 -10.12 -44.69
C8 NAG M . -21.60 -8.79 -45.33
N2 NAG M . -21.64 -11.23 -45.28
O3 NAG M . -19.58 -12.97 -46.40
O4 NAG M . -20.39 -15.72 -46.57
O5 NAG M . -22.27 -14.49 -43.64
O6 NAG M . -23.15 -17.12 -43.60
O7 NAG M . -20.48 -10.13 -43.69
C1 NAG N . -35.49 5.75 3.77
C2 NAG N . -34.61 6.54 2.77
C3 NAG N . -33.50 7.29 3.51
C4 NAG N . -34.09 8.17 4.60
C5 NAG N . -34.93 7.30 5.54
C6 NAG N . -35.61 8.11 6.65
C7 NAG N . -33.60 6.15 0.62
C8 NAG N . -32.98 5.17 -0.37
N2 NAG N . -34.02 5.65 1.78
O3 NAG N . -32.75 8.09 2.60
O4 NAG N . -33.07 8.83 5.33
O5 NAG N . -35.98 6.63 4.80
O6 NAG N . -36.98 8.32 6.37
O7 NAG N . -33.70 7.34 0.31
C1 NAG O . -7.67 -23.59 1.13
C2 NAG O . -8.43 -24.87 1.50
C3 NAG O . -7.45 -26.04 1.71
C4 NAG O . -6.49 -26.17 0.52
C5 NAG O . -5.81 -24.82 0.24
C6 NAG O . -4.90 -24.87 -0.99
C7 NAG O . -10.36 -24.00 2.68
C8 NAG O . -11.11 -23.85 3.99
N2 NAG O . -9.21 -24.67 2.71
O3 NAG O . -8.17 -27.25 1.86
O4 NAG O . -5.51 -27.16 0.81
O5 NAG O . -6.82 -23.81 -0.01
O6 NAG O . -3.62 -24.33 -0.70
O7 NAG O . -10.82 -23.52 1.64
C1 NAG P . -27.51 21.54 -20.41
C2 NAG P . -27.38 22.79 -19.50
C3 NAG P . -28.73 23.25 -18.91
C4 NAG P . -29.84 23.23 -19.96
C5 NAG P . -29.87 21.87 -20.65
C6 NAG P . -30.97 21.75 -21.68
C7 NAG P . -25.14 22.87 -18.58
C8 NAG P . -24.23 22.60 -17.38
N2 NAG P . -26.43 22.56 -18.43
O3 NAG P . -28.59 24.56 -18.39
O4 NAG P . -31.10 23.47 -19.33
O5 NAG P . -28.61 21.67 -21.33
O6 NAG P . -32.01 20.91 -21.19
O7 NAG P . -24.67 23.35 -19.61
C1 NAG Q . 21.12 -13.05 -0.09
C2 NAG Q . 22.59 -13.19 -0.51
C3 NAG Q . 22.92 -14.66 -0.83
C4 NAG Q . 22.51 -15.57 0.33
C5 NAG Q . 21.03 -15.33 0.69
C6 NAG Q . 20.63 -16.14 1.91
C7 NAG Q . 23.97 -11.62 -1.71
C8 NAG Q . 24.20 -10.80 -2.96
N2 NAG Q . 22.87 -12.38 -1.67
O3 NAG Q . 24.31 -14.79 -1.07
O4 NAG Q . 22.71 -16.93 -0.04
O5 NAG Q . 20.82 -13.94 1.01
O6 NAG Q . 19.21 -16.25 2.00
O7 NAG Q . 24.79 -11.58 -0.78
C1 NAG R . 8.08 35.92 17.74
C2 NAG R . 6.75 36.43 18.32
C3 NAG R . 6.83 37.95 18.55
C4 NAG R . 8.07 38.31 19.35
C5 NAG R . 9.33 37.71 18.71
C6 NAG R . 10.59 37.93 19.52
C7 NAG R . 4.48 35.72 17.88
C8 NAG R . 3.38 35.44 16.85
N2 NAG R . 5.65 36.14 17.41
O3 NAG R . 5.67 38.41 19.24
O4 NAG R . 8.19 39.73 19.42
O5 NAG R . 9.17 36.27 18.57
O6 NAG R . 11.51 36.86 19.34
O7 NAG R . 4.26 35.52 19.08
C1 NAG S . 24.78 7.31 44.30
C2 NAG S . 23.42 7.06 44.96
C3 NAG S . 23.54 6.20 46.21
C4 NAG S . 24.35 4.92 45.91
C5 NAG S . 25.69 5.30 45.26
C6 NAG S . 26.49 4.07 44.87
C7 NAG S . 21.53 8.56 45.03
C8 NAG S . 20.98 9.91 45.45
N2 NAG S . 22.81 8.32 45.31
O3 NAG S . 22.25 5.84 46.65
O4 NAG S . 24.58 4.20 47.11
O5 NAG S . 25.45 6.06 44.05
O6 NAG S . 27.72 4.42 44.25
O7 NAG S . 20.81 7.75 44.45
C1 NAG T . 22.19 25.83 -3.37
C2 NAG T . 20.92 26.09 -2.56
C3 NAG T . 19.72 25.81 -3.46
C4 NAG T . 19.81 26.70 -4.72
C5 NAG T . 21.16 26.50 -5.42
C6 NAG T . 21.37 27.45 -6.59
C7 NAG T . 20.79 25.81 -0.16
C8 NAG T . 20.74 24.87 1.02
N2 NAG T . 20.88 25.25 -1.37
O3 NAG T . 18.52 26.05 -2.76
O4 NAG T . 18.74 26.36 -5.60
O5 NAG T . 22.24 26.72 -4.50
O6 NAG T . 22.67 27.30 -7.17
O7 NAG T . 20.73 27.03 0.01
#